data_9P1D
#
_entry.id   9P1D
#
_cell.length_a   1.00
_cell.length_b   1.00
_cell.length_c   1.00
_cell.angle_alpha   90.00
_cell.angle_beta   90.00
_cell.angle_gamma   90.00
#
_symmetry.space_group_name_H-M   'P 1'
#
loop_
_entity.id
_entity.type
_entity.pdbx_description
1 polymer 'CRISPR-associated nuclease/helicase Cas3 subtype I-F/YPEST'
2 polymer 'CRISPR-associated endonuclease Cas1'
3 polymer 'DNA Strand 1'
4 polymer 'DNA Strand 2'
#
loop_
_entity_poly.entity_id
_entity_poly.type
_entity_poly.pdbx_seq_one_letter_code
_entity_poly.pdbx_strand_id
1 'polypeptide(L)'
;MNILLVSQCEKRALSETRRILDQFAERRGERTWQTPITQAGLDTLRRLLKKSARRNTAVACHWIRGRDHSELLWIVGDAS
RFNAQGAVPTNRTCRDILRKEDENDWHSAEDIRLLTVMAALFHDIGKASQAFQAKLRNRGKPMADAYRHEWVSLRLFEAF
VGPGSSDEDWLRRLADKRETGDAWLSQLARDDRQSAPPGPFQKSRLPPLAQAVGWLIVSHHRLPNGDHRGSASLARLPAP
IQSQWCGARDADAKEKAACWQFPHGLPFASAHWRARTALCAQSMLERPGLLARGPALLHDSYVMHVSRLILMLADHHYSS
LPADSRLGDPNFPLHANTDRDSGKLKQRLDEHLLGVALHSRKLAGTLPRLERQLPRLARHKGFTRRVEQPRFRWQDKAYD
CAMACREQAMEHGFFGLNLASTGCGKTLANGRILYALADPQRGARFSIALGLRSLTLQTGQAYRERLGLGDDDLAILVGG
SAARELFEKQQERLERSGSESAQELLAENSHVHFAGTLEDGPLREWLGRNSAGNRLLQAPILACTIDHLMPASESLRGGH
QIAPLLRLMTSDLVLDEVDDFDIDDLPALSRLVHWAGLFGSRVLLSSATLPPALVQGLFEAYRSGREIFQRHRGAPGRAT
EIRCAWFDEFSSQSSAHGAVTSFSEAHATFVAQRLAKLEQLPPRRQAQLCTVHAAGEARPALCRELAGQMNTWMADLHRC
HHTEHQGRRISFGLLRLANIEPLIELAQAILAQGAPEGLHVHLCVYHSRHPLLVRSAIERQLDELLKRSDDDAAALFARP
TLAKALQASTERDHLFVVLASPVAEVGRDHDYDWAIVEPSSMRSIIQLAGRIRRHRSGFSGEANLYLLSRNIRSLEGQNP
AFQRPGFETPDFPLDSHDLHDLLDPALLARIDASPRIVEPFPLFPRSRLVDLEHRRLRALMLADDPPSSLLGVPLWWQTP
ASLSGALQTSQPFRAGAKERCYALLPDEDDEERLHFSRYEEGTWSNQDNLLRNLDLTYGPRIQTWGTVNYREELVAMAGR
EDLDLRQCAMRYGEVRLRENTQGWSYHPYLGFKKYN
;
A,B
2 'polypeptide(L)'
;MDDISPSELKTILHSKRANLYYLQHCRVLVNGGRVEYVTDEGRHSHYWNIPIANTTSLLLGTGTSITQAAMRELARAGVL
VGFCGGGGTPLFSANEVDVEVSWLTPQSEYRPTEYLQRWVGFWFDEEKRLVAARHFQRARLERIRHSWLEDRVLRDAGFA
VDATALAVAVEDSARALEQAPNHEHLLTEEARLSKRLFKLAAQATRYGEFVRAKRGSGGDPANRFLDHGNYLAYGLAATA
TWVLGIPHGLAVLHGKTRRGGLVFDVADLIKDSLILPQAFLSAMRGDEEQDFRQACLDNLSRAQALDFMIDTLKDVAQRS
TVSA
;
E,F,C,D
3 'polydeoxyribonucleotide'
;(DA)(DA)(DA)(DA)(DA)(DC)(DC)(DT)(DG)(DG)(DA)(DC)(DT)(DA)(DC)(DT)(DA)(DC)(DA)(DA)
(DC)(DC)(DT)(DT)(DC)(DG)(DC)(DT)(DT)(DT)(DT)(DT)(DG)(DG)
;
G
4 'polydeoxyribonucleotide'
;(DT)(DT)(DT)(DT)(DT)(DG)(DC)(DG)(DA)(DA)(DG)(DG)(DT)(DT)(DG)(DT)(DA)(DG)(DT)(DA)
(DG)(DT)(DC)(DC)(DA)(DG)(DG)(DA)(DA)(DA)(DA)(DA)
;
H
#
loop_
_chem_comp.id
_chem_comp.type
_chem_comp.name
_chem_comp.formula
DA DNA linking 2'-DEOXYADENOSINE-5'-MONOPHOSPHATE 'C10 H14 N5 O6 P'
DC DNA linking 2'-DEOXYCYTIDINE-5'-MONOPHOSPHATE 'C9 H14 N3 O7 P'
DG DNA linking 2'-DEOXYGUANOSINE-5'-MONOPHOSPHATE 'C10 H14 N5 O7 P'
DT DNA linking THYMIDINE-5'-MONOPHOSPHATE 'C10 H15 N2 O8 P'
#
# COMPACT_ATOMS: atom_id res chain seq x y z
N MET A 1 -1.01 3.88 -33.01
CA MET A 1 -1.53 3.23 -31.78
C MET A 1 -2.96 3.66 -31.54
N ASN A 2 -3.79 2.73 -31.08
CA ASN A 2 -5.17 3.01 -30.73
C ASN A 2 -5.31 2.94 -29.22
N ILE A 3 -6.06 3.88 -28.65
CA ILE A 3 -6.19 4.04 -27.22
C ILE A 3 -7.64 4.20 -26.86
N LEU A 4 -7.94 4.04 -25.57
CA LEU A 4 -9.26 4.22 -25.03
C LEU A 4 -9.19 5.17 -23.85
N LEU A 5 -9.93 6.26 -23.92
CA LEU A 5 -9.94 7.30 -22.91
C LEU A 5 -11.29 7.32 -22.23
N VAL A 6 -11.31 7.33 -20.90
CA VAL A 6 -12.54 7.37 -20.14
C VAL A 6 -12.44 8.48 -19.10
N SER A 7 -13.51 9.23 -18.95
CA SER A 7 -13.56 10.36 -18.04
C SER A 7 -14.45 10.04 -16.85
N GLN A 8 -14.06 10.50 -15.67
CA GLN A 8 -14.92 10.39 -14.50
C GLN A 8 -15.01 11.71 -13.75
N CYS A 9 -14.93 12.82 -14.47
CA CYS A 9 -15.05 14.14 -13.89
C CYS A 9 -16.50 14.41 -13.49
N GLU A 10 -16.70 15.53 -12.80
CA GLU A 10 -18.03 15.93 -12.36
C GLU A 10 -18.10 17.44 -12.26
N LYS A 11 -19.31 17.97 -12.32
CA LYS A 11 -19.56 19.42 -12.25
C LYS A 11 -18.86 20.07 -13.45
N ARG A 12 -18.40 21.31 -13.29
CA ARG A 12 -17.88 22.05 -14.43
C ARG A 12 -16.69 21.35 -15.07
N ALA A 13 -15.94 20.57 -14.29
CA ALA A 13 -14.80 19.88 -14.85
C ALA A 13 -15.22 19.01 -16.03
N LEU A 14 -16.43 18.49 -15.99
CA LEU A 14 -16.88 17.60 -17.06
C LEU A 14 -16.94 18.33 -18.39
N SER A 15 -17.52 19.53 -18.39
CA SER A 15 -17.66 20.27 -19.64
C SER A 15 -16.30 20.62 -20.24
N GLU A 16 -15.36 21.01 -19.39
CA GLU A 16 -14.02 21.33 -19.88
C GLU A 16 -13.38 20.14 -20.57
N THR A 17 -13.34 19.00 -19.90
CA THR A 17 -12.68 17.83 -20.47
C THR A 17 -13.40 17.38 -21.74
N ARG A 18 -14.72 17.48 -21.77
CA ARG A 18 -15.44 17.17 -22.99
C ARG A 18 -15.00 18.09 -24.12
N ARG A 19 -14.79 19.36 -23.81
CA ARG A 19 -14.36 20.30 -24.84
C ARG A 19 -12.97 19.96 -25.35
N ILE A 20 -12.06 19.63 -24.44
CA ILE A 20 -10.67 19.42 -24.83
C ILE A 20 -10.52 18.12 -25.63
N LEU A 21 -11.21 17.07 -25.19
CA LEU A 21 -11.03 15.75 -25.79
C LEU A 21 -11.73 15.63 -27.13
N ASP A 22 -12.90 16.24 -27.28
CA ASP A 22 -13.67 16.12 -28.50
C ASP A 22 -12.95 16.66 -29.72
N GLN A 23 -11.75 17.22 -29.56
CA GLN A 23 -10.98 17.67 -30.71
C GLN A 23 -10.14 16.56 -31.33
N PHE A 24 -9.98 15.44 -30.63
CA PHE A 24 -9.06 14.39 -31.03
C PHE A 24 -9.73 13.07 -31.34
N ALA A 25 -10.85 12.75 -30.69
CA ALA A 25 -11.46 11.43 -30.78
C ALA A 25 -12.95 11.55 -31.02
N GLU A 26 -13.52 10.58 -31.75
CA GLU A 26 -14.95 10.50 -31.89
C GLU A 26 -15.58 9.93 -30.62
N ARG A 27 -16.75 10.45 -30.26
CA ARG A 27 -17.42 10.09 -29.01
C ARG A 27 -18.06 8.72 -29.16
N ARG A 28 -17.54 7.74 -28.43
CA ARG A 28 -18.15 6.42 -28.42
C ARG A 28 -19.13 6.22 -27.27
N GLY A 29 -19.22 7.17 -26.36
CA GLY A 29 -20.13 7.02 -25.24
C GLY A 29 -20.16 8.30 -24.43
N GLU A 30 -21.10 8.35 -23.50
CA GLU A 30 -21.30 9.60 -22.76
C GLU A 30 -20.04 10.02 -22.03
N ARG A 31 -19.12 9.10 -21.78
CA ARG A 31 -17.84 9.47 -21.18
C ARG A 31 -16.67 8.65 -21.74
N THR A 32 -16.79 8.11 -22.95
CA THR A 32 -15.75 7.26 -23.50
C THR A 32 -15.39 7.72 -24.90
N TRP A 33 -14.10 7.69 -25.19
CA TRP A 33 -13.56 8.03 -26.49
C TRP A 33 -12.62 6.93 -26.94
N GLN A 34 -12.43 6.82 -28.24
CA GLN A 34 -11.48 5.84 -28.77
C GLN A 34 -11.12 6.16 -30.21
N THR A 35 -9.83 6.15 -30.53
CA THR A 35 -9.39 6.50 -31.87
C THR A 35 -7.92 6.16 -32.07
N PRO A 36 -7.47 5.95 -33.31
CA PRO A 36 -6.04 5.75 -33.56
C PRO A 36 -5.33 7.10 -33.64
N ILE A 37 -4.35 7.29 -32.76
CA ILE A 37 -3.60 8.55 -32.68
C ILE A 37 -2.12 8.22 -32.64
N THR A 38 -1.31 9.21 -32.97
CA THR A 38 0.14 9.09 -32.92
C THR A 38 0.67 9.54 -31.56
N GLN A 39 1.96 9.29 -31.34
CA GLN A 39 2.55 9.60 -30.04
C GLN A 39 2.50 11.10 -29.76
N ALA A 40 2.85 11.92 -30.74
CA ALA A 40 2.86 13.36 -30.53
C ALA A 40 1.50 13.87 -30.10
N GLY A 41 0.44 13.39 -30.76
CA GLY A 41 -0.89 13.78 -30.36
C GLY A 41 -1.18 13.44 -28.92
N LEU A 42 -0.75 12.26 -28.47
CA LEU A 42 -0.98 11.88 -27.09
C LEU A 42 -0.25 12.80 -26.12
N ASP A 43 1.00 13.13 -26.43
CA ASP A 43 1.74 14.01 -25.53
C ASP A 43 1.07 15.38 -25.44
N THR A 44 0.65 15.93 -26.57
CA THR A 44 0.00 17.24 -26.53
C THR A 44 -1.34 17.17 -25.83
N LEU A 45 -2.08 16.08 -26.00
CA LEU A 45 -3.33 15.91 -25.27
C LEU A 45 -3.08 15.89 -23.77
N ARG A 46 -2.07 15.15 -23.34
CA ARG A 46 -1.75 15.13 -21.92
C ARG A 46 -1.40 16.53 -21.42
N ARG A 47 -0.61 17.26 -22.20
CA ARG A 47 -0.23 18.62 -21.78
C ARG A 47 -1.45 19.51 -21.64
N LEU A 48 -2.30 19.51 -22.66
CA LEU A 48 -3.48 20.37 -22.64
C LEU A 48 -4.39 20.03 -21.47
N LEU A 49 -4.62 18.74 -21.24
CA LEU A 49 -5.47 18.35 -20.12
C LEU A 49 -4.85 18.73 -18.79
N LYS A 50 -3.53 18.63 -18.68
CA LYS A 50 -2.87 19.01 -17.44
C LYS A 50 -3.01 20.50 -17.18
N LYS A 51 -2.93 21.31 -18.23
CA LYS A 51 -2.86 22.75 -18.04
C LYS A 51 -4.13 23.28 -17.37
N SER A 52 -5.29 22.81 -17.82
CA SER A 52 -6.57 23.37 -17.40
C SER A 52 -7.31 22.47 -16.42
N ALA A 53 -6.65 21.48 -15.84
CA ALA A 53 -7.33 20.56 -14.96
C ALA A 53 -7.78 21.26 -13.68
N ARG A 54 -8.74 20.65 -13.01
CA ARG A 54 -9.30 21.15 -11.76
C ARG A 54 -9.23 20.05 -10.70
N ARG A 55 -9.93 20.29 -9.59
CA ARG A 55 -9.96 19.30 -8.53
C ARG A 55 -10.79 18.08 -8.91
N ASN A 56 -11.81 18.28 -9.74
CA ASN A 56 -12.73 17.21 -10.11
C ASN A 56 -12.42 16.61 -11.48
N THR A 57 -11.15 16.47 -11.84
CA THR A 57 -10.77 15.89 -13.11
C THR A 57 -10.18 14.51 -12.89
N ALA A 58 -10.59 13.54 -13.71
CA ALA A 58 -10.05 12.19 -13.62
C ALA A 58 -10.24 11.55 -15.00
N VAL A 59 -9.16 11.48 -15.76
CA VAL A 59 -9.17 10.91 -17.10
C VAL A 59 -8.08 9.85 -17.19
N ALA A 60 -8.41 8.71 -17.77
CA ALA A 60 -7.47 7.60 -17.88
C ALA A 60 -7.32 7.19 -19.35
N CYS A 61 -6.11 6.79 -19.72
CA CYS A 61 -5.80 6.40 -21.09
C CYS A 61 -5.22 4.99 -21.09
N HIS A 62 -5.86 4.11 -21.87
CA HIS A 62 -5.43 2.73 -22.00
C HIS A 62 -4.90 2.51 -23.41
N TRP A 63 -3.85 1.71 -23.54
CA TRP A 63 -3.25 1.39 -24.83
C TRP A 63 -3.47 -0.09 -25.12
N ILE A 64 -4.03 -0.39 -26.28
CA ILE A 64 -4.25 -1.76 -26.73
C ILE A 64 -2.98 -2.19 -27.43
N ARG A 65 -2.01 -2.67 -26.65
CA ARG A 65 -0.65 -2.82 -27.17
C ARG A 65 -0.61 -3.83 -28.31
N GLY A 66 -1.31 -4.93 -28.17
CA GLY A 66 -1.26 -5.99 -29.17
C GLY A 66 -2.34 -6.99 -28.93
N ARG A 67 -2.00 -8.27 -29.11
CA ARG A 67 -2.99 -9.33 -28.96
C ARG A 67 -3.23 -9.64 -27.50
N ASP A 68 -4.50 -9.63 -27.10
CA ASP A 68 -4.90 -10.01 -25.76
C ASP A 68 -4.07 -9.29 -24.72
N HIS A 69 -3.83 -8.00 -24.93
CA HIS A 69 -2.98 -7.25 -24.03
C HIS A 69 -3.30 -5.78 -24.15
N SER A 70 -3.36 -5.10 -23.00
CA SER A 70 -3.64 -3.68 -22.95
C SER A 70 -3.13 -3.16 -21.61
N GLU A 71 -2.67 -1.91 -21.61
CA GLU A 71 -1.99 -1.37 -20.44
C GLU A 71 -2.49 0.04 -20.15
N LEU A 72 -2.37 0.43 -18.89
CA LEU A 72 -2.75 1.76 -18.45
C LEU A 72 -1.54 2.67 -18.53
N LEU A 73 -1.67 3.76 -19.30
CA LEU A 73 -0.56 4.68 -19.52
C LEU A 73 -0.44 5.71 -18.41
N TRP A 74 -1.48 6.51 -18.21
CA TRP A 74 -1.41 7.56 -17.20
C TRP A 74 -2.81 7.95 -16.77
N ILE A 75 -2.90 8.61 -15.62
CA ILE A 75 -4.14 9.17 -15.11
C ILE A 75 -3.91 10.64 -14.82
N VAL A 76 -4.77 11.50 -15.36
CA VAL A 76 -4.68 12.94 -15.18
C VAL A 76 -5.74 13.36 -14.18
N GLY A 77 -5.33 14.15 -13.19
CA GLY A 77 -6.26 14.59 -12.17
C GLY A 77 -6.32 13.66 -10.99
N ASP A 78 -7.50 13.47 -10.42
CA ASP A 78 -7.63 12.68 -9.21
C ASP A 78 -7.41 11.20 -9.51
N ALA A 79 -6.56 10.57 -8.70
CA ALA A 79 -6.23 9.16 -8.87
C ALA A 79 -7.03 8.25 -7.96
N SER A 80 -7.95 8.79 -7.15
CA SER A 80 -8.75 7.95 -6.27
C SER A 80 -10.00 7.42 -6.94
N ARG A 81 -10.26 7.78 -8.20
CA ARG A 81 -11.41 7.25 -8.90
C ARG A 81 -11.10 5.95 -9.64
N PHE A 82 -9.84 5.54 -9.70
CA PHE A 82 -9.44 4.31 -10.35
C PHE A 82 -8.46 3.55 -9.46
N ASN A 83 -8.38 2.24 -9.67
CA ASN A 83 -7.36 1.44 -9.01
C ASN A 83 -6.14 1.34 -9.92
N ALA A 84 -5.22 0.44 -9.58
CA ALA A 84 -3.96 0.36 -10.32
C ALA A 84 -4.21 -0.03 -11.77
N GLN A 85 -5.12 -0.96 -12.02
CA GLN A 85 -5.37 -1.45 -13.37
C GLN A 85 -6.24 -0.51 -14.19
N GLY A 86 -6.80 0.52 -13.59
CA GLY A 86 -7.68 1.43 -14.29
C GLY A 86 -9.14 1.08 -14.23
N ALA A 87 -9.52 0.07 -13.46
CA ALA A 87 -10.93 -0.21 -13.25
C ALA A 87 -11.55 0.85 -12.35
N VAL A 88 -12.87 0.83 -12.26
CA VAL A 88 -13.59 1.78 -11.42
C VAL A 88 -14.51 1.02 -10.48
N PRO A 89 -14.78 1.54 -9.28
CA PRO A 89 -15.72 0.86 -8.39
C PRO A 89 -17.10 0.83 -8.99
N THR A 90 -17.87 -0.20 -8.64
CA THR A 90 -19.23 -0.29 -9.12
C THR A 90 -20.21 0.45 -8.23
N ASN A 91 -20.07 0.35 -6.92
CA ASN A 91 -20.97 0.99 -5.98
C ASN A 91 -20.15 1.66 -4.89
N ARG A 92 -20.85 2.36 -3.99
CA ARG A 92 -20.23 2.99 -2.83
C ARG A 92 -21.19 2.97 -1.67
N THR A 93 -20.67 3.21 -0.48
CA THR A 93 -21.51 3.27 0.71
C THR A 93 -20.68 3.74 1.90
N CYS A 94 -21.38 4.17 2.95
CA CYS A 94 -20.74 4.59 4.19
C CYS A 94 -20.85 3.56 5.30
N ARG A 95 -21.95 2.83 5.36
CA ARG A 95 -22.13 1.82 6.40
C ARG A 95 -21.04 0.77 6.29
N ASP A 96 -20.32 0.56 7.38
CA ASP A 96 -19.22 -0.40 7.36
C ASP A 96 -19.78 -1.80 7.18
N ILE A 97 -19.15 -2.57 6.29
CA ILE A 97 -19.59 -3.93 6.06
C ILE A 97 -18.45 -4.88 6.36
N LEU A 98 -17.21 -4.36 6.34
CA LEU A 98 -16.09 -5.18 6.75
C LEU A 98 -16.14 -5.49 8.24
N ARG A 99 -16.61 -4.55 9.04
CA ARG A 99 -16.78 -4.71 10.49
C ARG A 99 -15.60 -5.48 11.10
N LYS A 100 -14.43 -4.89 10.94
CA LYS A 100 -13.18 -5.56 11.29
C LYS A 100 -12.77 -5.32 12.73
N GLU A 101 -13.66 -4.83 13.58
CA GLU A 101 -13.31 -4.63 14.99
C GLU A 101 -13.65 -5.83 15.85
N ASP A 102 -14.36 -6.82 15.31
CA ASP A 102 -14.76 -7.97 16.11
C ASP A 102 -13.60 -8.93 16.33
N GLU A 103 -12.74 -9.07 15.34
CA GLU A 103 -11.67 -10.06 15.36
C GLU A 103 -10.34 -9.38 15.64
N ASN A 104 -9.63 -9.87 16.64
CA ASN A 104 -8.31 -9.36 17.00
C ASN A 104 -7.26 -10.38 16.62
N ASP A 105 -5.99 -9.99 16.76
CA ASP A 105 -4.86 -10.81 16.36
C ASP A 105 -3.90 -11.10 17.51
N TRP A 106 -4.42 -11.26 18.72
CA TRP A 106 -3.61 -11.74 19.84
C TRP A 106 -3.55 -13.25 19.80
N HIS A 107 -2.59 -13.82 19.06
CA HIS A 107 -2.62 -15.24 18.76
C HIS A 107 -2.40 -16.13 19.97
N SER A 108 -2.03 -15.58 21.13
CA SER A 108 -1.80 -16.37 22.32
C SER A 108 -2.67 -15.93 23.49
N ALA A 109 -3.79 -15.25 23.22
CA ALA A 109 -4.64 -14.80 24.31
C ALA A 109 -5.20 -15.97 25.09
N GLU A 110 -5.60 -17.03 24.40
CA GLU A 110 -6.27 -18.14 25.08
C GLU A 110 -5.30 -18.90 25.98
N ASP A 111 -4.08 -19.12 25.52
CA ASP A 111 -3.10 -19.81 26.36
C ASP A 111 -2.84 -19.03 27.62
N ILE A 112 -2.67 -17.72 27.50
CA ILE A 112 -2.47 -16.88 28.67
C ILE A 112 -3.65 -16.98 29.61
N ARG A 113 -4.87 -16.92 29.06
CA ARG A 113 -6.05 -16.98 29.91
C ARG A 113 -6.10 -18.28 30.69
N LEU A 114 -5.83 -19.40 30.01
CA LEU A 114 -5.91 -20.69 30.69
C LEU A 114 -4.82 -20.82 31.76
N LEU A 115 -3.59 -20.48 31.42
CA LEU A 115 -2.51 -20.58 32.39
C LEU A 115 -2.79 -19.71 33.61
N THR A 116 -3.21 -18.47 33.39
CA THR A 116 -3.49 -17.58 34.51
C THR A 116 -4.63 -18.12 35.36
N VAL A 117 -5.74 -18.52 34.74
CA VAL A 117 -6.89 -18.95 35.53
C VAL A 117 -6.52 -20.16 36.37
N MET A 118 -5.81 -21.12 35.78
CA MET A 118 -5.39 -22.27 36.57
C MET A 118 -4.45 -21.85 37.70
N ALA A 119 -3.53 -20.93 37.41
CA ALA A 119 -2.60 -20.48 38.43
C ALA A 119 -3.32 -19.72 39.53
N ALA A 120 -4.36 -18.95 39.17
CA ALA A 120 -5.10 -18.19 40.16
C ALA A 120 -5.79 -19.11 41.16
N LEU A 121 -6.38 -20.20 40.67
CA LEU A 121 -7.18 -21.06 41.53
C LEU A 121 -6.35 -21.78 42.58
N PHE A 122 -5.03 -21.81 42.44
CA PHE A 122 -4.16 -22.53 43.37
C PHE A 122 -3.19 -21.62 44.11
N HIS A 123 -3.08 -20.35 43.73
CA HIS A 123 -1.92 -19.55 44.13
C HIS A 123 -1.83 -19.39 45.65
N ASP A 124 -2.92 -19.06 46.32
CA ASP A 124 -2.90 -18.77 47.75
C ASP A 124 -3.33 -19.97 48.58
N ILE A 125 -3.27 -21.17 48.00
CA ILE A 125 -3.77 -22.37 48.68
C ILE A 125 -2.99 -22.63 49.96
N GLY A 126 -1.73 -22.22 50.01
CA GLY A 126 -0.90 -22.49 51.17
C GLY A 126 -1.36 -21.80 52.43
N LYS A 127 -2.30 -20.86 52.33
CA LYS A 127 -2.80 -20.16 53.50
C LYS A 127 -3.71 -21.03 54.36
N ALA A 128 -3.82 -22.32 54.07
CA ALA A 128 -4.60 -23.23 54.91
C ALA A 128 -3.79 -23.82 56.05
N SER A 129 -2.48 -23.62 56.07
CA SER A 129 -1.63 -24.23 57.08
C SER A 129 -2.03 -23.74 58.46
N GLN A 130 -1.82 -24.61 59.45
CA GLN A 130 -2.17 -24.24 60.82
C GLN A 130 -1.35 -23.05 61.31
N ALA A 131 -0.08 -23.00 60.94
CA ALA A 131 0.76 -21.89 61.38
C ALA A 131 0.20 -20.56 60.86
N PHE A 132 -0.19 -20.54 59.59
CA PHE A 132 -0.78 -19.33 59.02
C PHE A 132 -2.06 -18.96 59.74
N GLN A 133 -2.92 -19.94 60.03
CA GLN A 133 -4.17 -19.62 60.71
C GLN A 133 -3.90 -19.07 62.11
N ALA A 134 -2.95 -19.68 62.83
CA ALA A 134 -2.61 -19.19 64.16
C ALA A 134 -2.11 -17.76 64.09
N LYS A 135 -1.25 -17.46 63.10
CA LYS A 135 -0.78 -16.10 62.93
C LYS A 135 -1.95 -15.16 62.66
N LEU A 136 -2.90 -15.59 61.84
CA LEU A 136 -4.07 -14.77 61.58
C LEU A 136 -4.84 -14.47 62.86
N ARG A 137 -5.04 -15.50 63.69
CA ARG A 137 -5.75 -15.32 64.95
C ARG A 137 -4.85 -14.77 66.06
N ASN A 138 -3.54 -14.80 65.88
CA ASN A 138 -2.64 -14.29 66.92
C ASN A 138 -2.66 -12.77 66.92
N ARG A 139 -2.88 -12.19 68.09
CA ARG A 139 -2.86 -10.75 68.28
C ARG A 139 -1.57 -10.25 68.91
N GLY A 140 -0.79 -11.11 69.51
CA GLY A 140 0.40 -10.73 70.25
C GLY A 140 1.57 -10.42 69.34
N LYS A 141 2.76 -10.69 69.85
CA LYS A 141 3.95 -10.44 69.06
C LYS A 141 3.96 -11.34 67.83
N PRO A 142 4.36 -10.83 66.67
CA PRO A 142 4.40 -11.69 65.47
C PRO A 142 5.75 -12.36 65.29
N MET A 143 5.70 -13.62 64.87
CA MET A 143 6.89 -14.36 64.49
C MET A 143 6.83 -14.64 62.99
N ALA A 144 7.90 -14.30 62.29
CA ALA A 144 7.98 -14.56 60.87
C ALA A 144 7.83 -16.05 60.60
N ASP A 145 6.99 -16.39 59.62
CA ASP A 145 6.74 -17.79 59.32
C ASP A 145 8.00 -18.45 58.77
N ALA A 146 8.25 -19.68 59.21
CA ALA A 146 9.46 -20.38 58.79
C ALA A 146 9.50 -20.57 57.29
N TYR A 147 8.33 -20.62 56.64
CA TYR A 147 8.25 -20.80 55.20
C TYR A 147 7.23 -19.84 54.62
N ARG A 148 7.56 -19.28 53.46
CA ARG A 148 6.64 -18.42 52.76
C ARG A 148 5.43 -19.21 52.30
N HIS A 149 4.25 -18.58 52.32
CA HIS A 149 3.06 -19.32 51.97
C HIS A 149 3.06 -19.77 50.51
N GLU A 150 3.73 -19.02 49.63
CA GLU A 150 3.77 -19.44 48.24
C GLU A 150 4.55 -20.74 48.08
N TRP A 151 5.63 -20.90 48.86
CA TRP A 151 6.38 -22.15 48.79
C TRP A 151 5.54 -23.33 49.25
N VAL A 152 4.75 -23.15 50.31
CA VAL A 152 3.85 -24.21 50.74
C VAL A 152 2.86 -24.54 49.64
N SER A 153 2.32 -23.52 48.97
CA SER A 153 1.39 -23.78 47.88
C SER A 153 2.06 -24.59 46.78
N LEU A 154 3.31 -24.25 46.46
CA LEU A 154 4.02 -25.00 45.42
C LEU A 154 4.22 -26.45 45.83
N ARG A 155 4.56 -26.68 47.10
CA ARG A 155 4.77 -28.06 47.54
C ARG A 155 3.46 -28.85 47.49
N LEU A 156 2.36 -28.24 47.89
CA LEU A 156 1.07 -28.91 47.80
C LEU A 156 0.74 -29.27 46.36
N PHE A 157 0.94 -28.31 45.44
CA PHE A 157 0.65 -28.59 44.04
C PHE A 157 1.54 -29.71 43.51
N GLU A 158 2.83 -29.70 43.85
CA GLU A 158 3.72 -30.75 43.38
C GLU A 158 3.27 -32.10 43.90
N ALA A 159 2.89 -32.17 45.17
CA ALA A 159 2.41 -33.43 45.72
C ALA A 159 1.18 -33.92 44.97
N PHE A 160 0.24 -33.01 44.70
CA PHE A 160 -0.98 -33.42 44.02
C PHE A 160 -0.68 -33.97 42.63
N VAL A 161 0.13 -33.24 41.86
CA VAL A 161 0.34 -33.65 40.47
C VAL A 161 0.96 -35.04 40.39
N GLY A 162 1.85 -35.35 41.33
CA GLY A 162 2.51 -36.64 41.33
C GLY A 162 3.74 -36.62 40.47
N PRO A 163 4.90 -36.94 41.04
CA PRO A 163 6.16 -36.78 40.30
C PRO A 163 6.26 -37.74 39.12
N GLY A 164 6.92 -37.27 38.07
CA GLY A 164 7.27 -38.09 36.94
C GLY A 164 6.14 -38.37 35.98
N SER A 165 4.94 -37.87 36.23
CA SER A 165 3.79 -38.18 35.39
C SER A 165 3.68 -37.20 34.23
N SER A 166 3.15 -37.69 33.11
CA SER A 166 2.91 -36.84 31.97
C SER A 166 1.73 -35.92 32.23
N ASP A 167 1.62 -34.86 31.42
CA ASP A 167 0.61 -33.83 31.68
C ASP A 167 -0.80 -34.41 31.66
N GLU A 168 -1.12 -35.21 30.64
CA GLU A 168 -2.47 -35.70 30.50
C GLU A 168 -2.93 -36.42 31.75
N ASP A 169 -2.01 -37.09 32.44
CA ASP A 169 -2.37 -37.84 33.64
C ASP A 169 -3.05 -36.93 34.66
N TRP A 170 -2.31 -35.94 35.16
CA TRP A 170 -2.88 -35.08 36.20
C TRP A 170 -4.00 -34.22 35.66
N LEU A 171 -3.93 -33.80 34.39
CA LEU A 171 -5.05 -33.04 33.83
C LEU A 171 -6.34 -33.84 33.93
N ARG A 172 -6.33 -35.07 33.42
CA ARG A 172 -7.52 -35.91 33.48
C ARG A 172 -7.95 -36.13 34.92
N ARG A 173 -7.00 -36.44 35.80
CA ARG A 173 -7.35 -36.71 37.19
C ARG A 173 -8.10 -35.53 37.80
N LEU A 174 -7.58 -34.33 37.61
CA LEU A 174 -8.25 -33.15 38.15
C LEU A 174 -9.62 -32.95 37.52
N ALA A 175 -9.72 -33.14 36.20
CA ALA A 175 -10.98 -32.84 35.52
C ALA A 175 -12.12 -33.73 36.00
N ASP A 176 -11.83 -34.91 36.52
CA ASP A 176 -12.86 -35.86 36.89
C ASP A 176 -13.45 -35.46 38.25
N LYS A 177 -14.64 -34.88 38.23
CA LYS A 177 -15.19 -34.31 39.46
C LYS A 177 -15.43 -35.37 40.52
N ARG A 178 -15.86 -36.56 40.11
CA ARG A 178 -16.14 -37.62 41.07
C ARG A 178 -14.94 -37.90 41.95
N GLU A 179 -13.76 -37.99 41.35
CA GLU A 179 -12.54 -38.29 42.10
C GLU A 179 -12.33 -37.29 43.22
N THR A 180 -12.35 -37.78 44.46
CA THR A 180 -12.00 -36.98 45.63
C THR A 180 -11.32 -37.89 46.63
N GLY A 181 -10.43 -37.32 47.42
CA GLY A 181 -9.73 -38.09 48.43
C GLY A 181 -8.37 -37.48 48.71
N ASP A 182 -7.96 -37.58 49.97
CA ASP A 182 -6.72 -37.00 50.46
C ASP A 182 -5.57 -38.00 50.44
N ALA A 183 -5.68 -39.03 49.61
CA ALA A 183 -4.69 -40.09 49.55
C ALA A 183 -3.42 -39.66 48.83
N TRP A 184 -3.41 -38.50 48.19
CA TRP A 184 -2.23 -38.03 47.48
C TRP A 184 -1.36 -37.09 48.31
N LEU A 185 -1.71 -36.85 49.57
CA LEU A 185 -0.85 -36.02 50.42
C LEU A 185 0.31 -36.79 51.02
N SER A 186 0.33 -38.11 50.89
CA SER A 186 1.46 -38.87 51.43
C SER A 186 2.74 -38.60 50.65
N GLN A 187 2.65 -37.96 49.50
CA GLN A 187 3.81 -37.64 48.68
C GLN A 187 4.32 -36.23 48.91
N LEU A 188 3.86 -35.57 49.97
CA LEU A 188 4.27 -34.19 50.25
C LEU A 188 5.68 -34.22 50.85
N ALA A 189 6.68 -34.07 49.99
CA ALA A 189 8.08 -34.13 50.42
C ALA A 189 8.39 -32.87 51.20
N ARG A 190 8.14 -32.92 52.50
CA ARG A 190 8.39 -31.76 53.35
C ARG A 190 9.86 -31.38 53.34
N ASP A 191 10.13 -30.09 53.42
CA ASP A 191 11.50 -29.59 53.42
C ASP A 191 12.05 -29.38 54.83
N ASP A 192 11.27 -29.68 55.87
CA ASP A 192 11.77 -29.60 57.24
C ASP A 192 12.57 -30.84 57.63
N ARG A 193 12.49 -31.91 56.85
CA ARG A 193 13.16 -33.14 57.21
C ARG A 193 14.67 -32.97 57.13
N GLN A 194 15.38 -33.91 57.77
CA GLN A 194 16.84 -33.82 57.83
C GLN A 194 17.45 -33.87 56.44
N SER A 195 16.97 -34.77 55.59
CA SER A 195 17.44 -34.86 54.21
C SER A 195 16.57 -33.97 53.33
N ALA A 196 17.20 -33.00 52.68
CA ALA A 196 16.47 -32.07 51.83
C ALA A 196 16.09 -32.75 50.52
N PRO A 197 14.81 -32.87 50.19
CA PRO A 197 14.43 -33.57 48.96
C PRO A 197 14.78 -32.76 47.72
N PRO A 198 14.81 -33.37 46.55
CA PRO A 198 15.17 -32.63 45.33
C PRO A 198 14.18 -31.53 45.03
N GLY A 199 14.67 -30.48 44.38
CA GLY A 199 13.87 -29.34 44.04
C GLY A 199 12.73 -29.71 43.11
N PRO A 200 11.57 -29.08 43.30
CA PRO A 200 10.40 -29.45 42.49
C PRO A 200 10.57 -29.21 40.99
N PHE A 201 11.52 -28.38 40.58
CA PHE A 201 11.63 -27.96 39.19
C PHE A 201 12.59 -28.81 38.39
N GLN A 202 13.14 -29.88 38.97
CA GLN A 202 14.08 -30.71 38.25
C GLN A 202 13.35 -31.50 37.17
N LYS A 203 14.14 -32.11 36.28
CA LYS A 203 13.58 -32.69 35.06
C LYS A 203 12.61 -33.82 35.35
N SER A 204 12.92 -34.66 36.33
CA SER A 204 12.13 -35.85 36.62
C SER A 204 10.96 -35.59 37.55
N ARG A 205 10.77 -34.34 38.01
CA ARG A 205 9.78 -34.05 39.04
C ARG A 205 8.45 -33.58 38.48
N LEU A 206 8.46 -32.70 37.49
CA LEU A 206 7.22 -32.15 36.96
C LEU A 206 7.21 -32.16 35.44
N PRO A 207 6.04 -32.29 34.82
CA PRO A 207 5.95 -32.13 33.37
C PRO A 207 5.99 -30.66 32.99
N PRO A 208 6.09 -30.33 31.71
CA PRO A 208 6.29 -28.94 31.31
C PRO A 208 5.21 -27.98 31.80
N LEU A 209 3.95 -28.23 31.43
CA LEU A 209 2.89 -27.32 31.83
C LEU A 209 2.80 -27.22 33.35
N ALA A 210 3.13 -28.29 34.06
CA ALA A 210 3.13 -28.20 35.51
C ALA A 210 4.13 -27.17 35.98
N GLN A 211 5.32 -27.13 35.37
CA GLN A 211 6.31 -26.14 35.77
C GLN A 211 5.87 -24.74 35.36
N ALA A 212 5.23 -24.61 34.20
CA ALA A 212 4.73 -23.30 33.79
C ALA A 212 3.72 -22.76 34.80
N VAL A 213 2.81 -23.60 35.28
CA VAL A 213 1.86 -23.17 36.30
C VAL A 213 2.57 -22.93 37.63
N GLY A 214 3.51 -23.79 37.98
CA GLY A 214 4.17 -23.67 39.27
C GLY A 214 4.95 -22.38 39.40
N TRP A 215 5.60 -21.95 38.31
CA TRP A 215 6.37 -20.73 38.38
C TRP A 215 5.49 -19.55 38.73
N LEU A 216 4.35 -19.41 38.05
CA LEU A 216 3.42 -18.35 38.39
C LEU A 216 2.92 -18.50 39.82
N ILE A 217 2.72 -19.73 40.27
CA ILE A 217 2.23 -19.93 41.63
C ILE A 217 3.24 -19.39 42.64
N VAL A 218 4.51 -19.71 42.45
CA VAL A 218 5.52 -19.37 43.45
C VAL A 218 6.07 -17.95 43.32
N SER A 219 6.01 -17.35 42.13
CA SER A 219 6.61 -16.06 41.88
C SER A 219 5.59 -14.93 41.86
N HIS A 220 4.52 -15.05 42.64
CA HIS A 220 3.46 -14.05 42.62
C HIS A 220 3.58 -13.05 43.75
N HIS A 221 4.67 -13.07 44.49
CA HIS A 221 4.96 -12.04 45.48
C HIS A 221 6.36 -11.47 45.32
N ARG A 222 7.33 -12.29 44.92
CA ARG A 222 8.68 -11.82 44.68
C ARG A 222 9.39 -12.85 43.81
N LEU A 223 10.31 -12.36 43.01
CA LEU A 223 11.05 -13.27 42.15
C LEU A 223 11.99 -14.14 42.97
N PRO A 224 12.25 -15.37 42.51
CA PRO A 224 13.30 -16.17 43.15
C PRO A 224 14.65 -15.52 42.98
N ASN A 225 15.48 -15.61 44.02
CA ASN A 225 16.81 -14.99 44.00
C ASN A 225 17.70 -15.74 44.98
N GLY A 226 18.57 -16.59 44.45
CA GLY A 226 19.51 -17.33 45.26
C GLY A 226 20.85 -16.63 45.32
N ASP A 227 21.90 -17.42 45.56
CA ASP A 227 23.26 -16.92 45.55
C ASP A 227 24.07 -17.39 44.35
N HIS A 228 23.64 -18.45 43.68
CA HIS A 228 24.38 -18.94 42.52
C HIS A 228 24.29 -17.94 41.38
N ARG A 229 25.37 -17.83 40.61
CA ARG A 229 25.38 -16.94 39.45
C ARG A 229 26.12 -17.55 38.27
N GLY A 230 26.51 -18.81 38.33
CA GLY A 230 27.19 -19.44 37.21
C GLY A 230 26.31 -19.46 35.97
N SER A 231 26.85 -18.93 34.88
CA SER A 231 26.08 -18.83 33.65
C SER A 231 25.69 -20.21 33.13
N ALA A 232 26.44 -21.25 33.49
CA ALA A 232 26.10 -22.59 33.02
C ALA A 232 24.73 -23.01 33.52
N SER A 233 24.45 -22.81 34.80
CA SER A 233 23.16 -23.19 35.35
C SER A 233 22.07 -22.16 35.07
N LEU A 234 22.44 -20.94 34.67
CA LEU A 234 21.42 -19.98 34.28
C LEU A 234 20.66 -20.45 33.05
N ALA A 235 21.38 -21.01 32.07
CA ALA A 235 20.74 -21.48 30.85
C ALA A 235 19.83 -22.69 31.12
N ARG A 236 19.92 -23.29 32.30
CA ARG A 236 19.09 -24.44 32.65
C ARG A 236 17.89 -24.05 33.51
N LEU A 237 17.59 -22.76 33.61
CA LEU A 237 16.47 -22.32 34.44
C LEU A 237 15.16 -22.87 33.88
N PRO A 238 14.14 -23.05 34.73
CA PRO A 238 14.08 -22.77 36.15
C PRO A 238 14.48 -23.94 37.04
N ALA A 239 15.29 -24.87 36.55
CA ALA A 239 15.60 -26.07 37.33
C ALA A 239 16.25 -25.75 38.67
N PRO A 240 17.30 -24.93 38.74
CA PRO A 240 18.05 -24.82 39.99
C PRO A 240 17.35 -24.06 41.11
N ILE A 241 16.05 -23.83 40.99
CA ILE A 241 15.33 -23.16 42.06
C ILE A 241 15.14 -24.13 43.21
N GLN A 242 15.46 -23.68 44.43
CA GLN A 242 15.37 -24.51 45.62
C GLN A 242 14.81 -23.67 46.76
N SER A 243 14.47 -24.34 47.87
CA SER A 243 13.74 -23.68 48.95
C SER A 243 14.46 -22.42 49.42
N GLN A 244 15.79 -22.42 49.39
CA GLN A 244 16.52 -21.25 49.85
C GLN A 244 16.22 -20.05 48.98
N TRP A 245 16.09 -20.25 47.66
CA TRP A 245 15.90 -19.13 46.74
C TRP A 245 14.70 -18.28 47.13
N CYS A 246 13.66 -18.90 47.68
CA CYS A 246 12.38 -18.23 47.92
C CYS A 246 12.24 -17.70 49.34
N GLY A 247 13.35 -17.27 49.95
CA GLY A 247 13.28 -16.69 51.27
C GLY A 247 12.84 -17.65 52.36
N ALA A 248 13.41 -18.85 52.37
CA ALA A 248 13.16 -19.81 53.43
C ALA A 248 13.93 -19.41 54.69
N ARG A 249 13.31 -18.60 55.53
CA ARG A 249 13.98 -18.12 56.73
C ARG A 249 14.33 -19.27 57.66
N ASP A 250 15.41 -19.09 58.42
CA ASP A 250 15.88 -20.11 59.35
C ASP A 250 15.18 -19.94 60.70
N ALA A 251 14.59 -21.03 61.19
CA ALA A 251 13.89 -21.02 62.46
C ALA A 251 14.12 -22.37 63.15
N ASP A 252 13.48 -22.54 64.31
CA ASP A 252 13.65 -23.76 65.07
C ASP A 252 12.77 -24.88 64.51
N ALA A 253 13.08 -26.11 64.95
CA ALA A 253 12.41 -27.27 64.39
C ALA A 253 10.92 -27.29 64.70
N LYS A 254 10.51 -26.76 65.86
CA LYS A 254 9.10 -26.76 66.20
C LYS A 254 8.28 -26.00 65.16
N GLU A 255 8.71 -24.79 64.82
CA GLU A 255 7.97 -24.00 63.85
C GLU A 255 7.99 -24.66 62.47
N LYS A 256 9.13 -25.20 62.07
CA LYS A 256 9.21 -25.85 60.77
C LYS A 256 8.24 -27.03 60.69
N ALA A 257 8.19 -27.84 61.74
CA ALA A 257 7.19 -28.89 61.78
C ALA A 257 5.79 -28.32 61.75
N ALA A 258 5.56 -27.25 62.53
CA ALA A 258 4.20 -26.72 62.65
C ALA A 258 3.67 -26.19 61.33
N CYS A 259 4.56 -25.85 60.40
CA CYS A 259 4.12 -25.30 59.12
C CYS A 259 3.50 -26.36 58.22
N TRP A 260 4.00 -27.59 58.28
CA TRP A 260 3.60 -28.64 57.35
C TRP A 260 2.41 -29.45 57.88
N GLN A 261 1.51 -28.82 58.63
CA GLN A 261 0.36 -29.50 59.21
C GLN A 261 -0.93 -28.87 58.68
N PHE A 262 -1.89 -29.71 58.33
CA PHE A 262 -3.16 -29.29 57.75
C PHE A 262 -4.30 -29.92 58.53
N PRO A 263 -4.56 -29.44 59.75
CA PRO A 263 -5.61 -30.05 60.57
C PRO A 263 -7.01 -29.97 59.98
N HIS A 264 -7.25 -29.05 59.05
CA HIS A 264 -8.60 -28.78 58.55
C HIS A 264 -8.71 -29.06 57.06
N GLY A 265 -8.10 -30.16 56.61
CA GLY A 265 -8.25 -30.59 55.25
C GLY A 265 -7.73 -29.55 54.27
N LEU A 266 -8.37 -29.51 53.10
CA LEU A 266 -7.96 -28.60 52.03
C LEU A 266 -9.17 -27.91 51.42
N PRO A 267 -8.97 -26.99 50.47
CA PRO A 267 -10.11 -26.41 49.76
C PRO A 267 -10.79 -27.36 48.79
N PHE A 268 -10.26 -28.57 48.58
CA PHE A 268 -10.89 -29.52 47.69
C PHE A 268 -12.31 -29.88 48.13
N ALA A 269 -12.64 -29.66 49.41
CA ALA A 269 -13.97 -29.99 49.89
C ALA A 269 -15.03 -29.13 49.20
N SER A 270 -14.75 -27.84 49.01
CA SER A 270 -15.77 -26.94 48.48
C SER A 270 -16.27 -27.42 47.12
N ALA A 271 -17.59 -27.38 46.93
CA ALA A 271 -18.17 -27.85 45.68
C ALA A 271 -17.89 -26.89 44.53
N HIS A 272 -18.06 -25.59 44.77
CA HIS A 272 -17.81 -24.61 43.71
C HIS A 272 -16.34 -24.61 43.29
N TRP A 273 -15.42 -24.64 44.24
CA TRP A 273 -14.01 -24.65 43.90
C TRP A 273 -13.69 -25.86 43.02
N ARG A 274 -14.15 -27.04 43.43
CA ARG A 274 -13.86 -28.24 42.67
C ARG A 274 -14.48 -28.17 41.29
N ALA A 275 -15.72 -27.69 41.19
CA ALA A 275 -16.37 -27.61 39.89
C ALA A 275 -15.61 -26.68 38.96
N ARG A 276 -15.19 -25.52 39.46
CA ARG A 276 -14.48 -24.58 38.60
C ARG A 276 -13.14 -25.15 38.16
N THR A 277 -12.41 -25.80 39.07
CA THR A 277 -11.15 -26.41 38.68
C THR A 277 -11.37 -27.48 37.61
N ALA A 278 -12.41 -28.30 37.78
CA ALA A 278 -12.71 -29.32 36.79
C ALA A 278 -13.00 -28.70 35.44
N LEU A 279 -13.77 -27.62 35.43
CA LEU A 279 -14.09 -26.95 34.17
C LEU A 279 -12.83 -26.42 33.49
N CYS A 280 -11.95 -25.78 34.26
CA CYS A 280 -10.74 -25.24 33.67
C CYS A 280 -9.87 -26.36 33.10
N ALA A 281 -9.74 -27.47 33.84
CA ALA A 281 -8.95 -28.58 33.34
C ALA A 281 -9.53 -29.15 32.05
N GLN A 282 -10.86 -29.29 31.99
CA GLN A 282 -11.48 -29.79 30.77
C GLN A 282 -11.18 -28.86 29.60
N SER A 283 -11.34 -27.56 29.80
CA SER A 283 -11.06 -26.62 28.72
C SER A 283 -9.61 -26.71 28.29
N MET A 284 -8.69 -26.73 29.25
CA MET A 284 -7.28 -26.80 28.90
C MET A 284 -6.95 -28.10 28.19
N LEU A 285 -7.76 -29.13 28.43
CA LEU A 285 -7.55 -30.40 27.76
C LEU A 285 -8.05 -30.38 26.32
N GLU A 286 -9.15 -29.68 26.07
CA GLU A 286 -9.75 -29.70 24.75
C GLU A 286 -9.05 -28.80 23.75
N ARG A 287 -8.19 -27.89 24.19
CA ARG A 287 -7.58 -26.94 23.28
C ARG A 287 -6.67 -27.65 22.28
N PRO A 288 -6.70 -27.29 21.00
CA PRO A 288 -5.93 -28.04 20.00
C PRO A 288 -4.44 -27.81 20.14
N GLY A 289 -3.70 -28.88 20.40
CA GLY A 289 -2.25 -28.83 20.36
C GLY A 289 -1.59 -28.06 21.47
N LEU A 290 -2.28 -27.87 22.60
CA LEU A 290 -1.64 -27.18 23.72
C LEU A 290 -0.65 -28.05 24.45
N LEU A 291 -0.90 -29.37 24.52
CA LEU A 291 -0.01 -30.24 25.28
C LEU A 291 1.40 -30.26 24.70
N ALA A 292 1.51 -30.33 23.38
CA ALA A 292 2.82 -30.39 22.74
C ALA A 292 3.54 -29.05 22.76
N ARG A 293 2.89 -27.98 23.20
CA ARG A 293 3.52 -26.67 23.29
C ARG A 293 4.15 -26.39 24.65
N GLY A 294 4.06 -27.31 25.59
CA GLY A 294 4.52 -27.06 26.94
C GLY A 294 5.94 -26.55 26.98
N PRO A 295 6.89 -27.35 26.51
CA PRO A 295 8.30 -26.94 26.60
C PRO A 295 8.59 -25.61 25.94
N ALA A 296 7.97 -25.33 24.79
CA ALA A 296 8.20 -24.05 24.13
C ALA A 296 7.65 -22.90 24.95
N LEU A 297 6.46 -23.08 25.53
CA LEU A 297 5.87 -22.03 26.34
C LEU A 297 6.70 -21.75 27.58
N LEU A 298 7.29 -22.78 28.17
CA LEU A 298 8.03 -22.58 29.42
C LEU A 298 9.17 -21.59 29.24
N HIS A 299 9.88 -21.67 28.11
CA HIS A 299 11.05 -20.84 27.86
C HIS A 299 10.75 -19.65 26.96
N ASP A 300 9.56 -19.07 27.09
CA ASP A 300 9.16 -17.88 26.34
C ASP A 300 8.89 -16.76 27.33
N SER A 301 9.53 -15.62 27.12
CA SER A 301 9.42 -14.54 28.10
C SER A 301 8.12 -13.76 27.95
N TYR A 302 7.67 -13.54 26.72
CA TYR A 302 6.50 -12.70 26.51
C TYR A 302 5.27 -13.28 27.21
N VAL A 303 4.98 -14.56 26.95
CA VAL A 303 3.79 -15.17 27.52
C VAL A 303 3.86 -15.19 29.04
N MET A 304 4.98 -15.68 29.58
CA MET A 304 5.07 -15.83 31.02
C MET A 304 4.96 -14.48 31.73
N HIS A 305 5.58 -13.44 31.17
CA HIS A 305 5.57 -12.17 31.87
C HIS A 305 4.22 -11.48 31.75
N VAL A 306 3.54 -11.60 30.60
CA VAL A 306 2.18 -11.05 30.52
C VAL A 306 1.26 -11.75 31.50
N SER A 307 1.38 -13.07 31.60
CA SER A 307 0.55 -13.81 32.56
C SER A 307 0.81 -13.34 33.98
N ARG A 308 2.08 -13.18 34.35
CA ARG A 308 2.39 -12.74 35.70
C ARG A 308 1.83 -11.35 35.96
N LEU A 309 1.92 -10.46 34.98
CA LEU A 309 1.33 -9.13 35.14
C LEU A 309 -0.16 -9.22 35.43
N ILE A 310 -0.88 -10.01 34.62
CA ILE A 310 -2.33 -10.13 34.82
C ILE A 310 -2.63 -10.65 36.21
N LEU A 311 -1.93 -11.71 36.60
CA LEU A 311 -2.22 -12.31 37.90
C LEU A 311 -1.94 -11.34 39.04
N MET A 312 -0.82 -10.63 38.98
CA MET A 312 -0.50 -9.68 40.04
C MET A 312 -1.55 -8.61 40.14
N LEU A 313 -1.99 -8.07 39.00
CA LEU A 313 -3.00 -7.01 39.04
C LEU A 313 -4.31 -7.52 39.62
N ALA A 314 -4.79 -8.66 39.14
CA ALA A 314 -6.05 -9.18 39.64
C ALA A 314 -5.97 -9.44 41.14
N ASP A 315 -4.89 -10.08 41.59
CA ASP A 315 -4.75 -10.36 43.01
C ASP A 315 -4.75 -9.09 43.82
N HIS A 316 -4.04 -8.06 43.34
CA HIS A 316 -3.99 -6.80 44.08
C HIS A 316 -5.37 -6.17 44.19
N HIS A 317 -6.15 -6.20 43.10
CA HIS A 317 -7.45 -5.54 43.14
C HIS A 317 -8.39 -6.21 44.13
N TYR A 318 -8.56 -7.53 44.00
CA TYR A 318 -9.57 -8.21 44.79
C TYR A 318 -9.25 -8.22 46.28
N SER A 319 -7.97 -8.27 46.65
CA SER A 319 -7.62 -8.36 48.06
C SER A 319 -8.15 -7.17 48.86
N SER A 320 -8.45 -6.06 48.20
CA SER A 320 -8.96 -4.88 48.87
C SER A 320 -10.48 -4.87 49.02
N LEU A 321 -11.19 -5.63 48.20
CA LEU A 321 -12.64 -5.60 48.20
C LEU A 321 -13.18 -6.24 49.48
N PRO A 322 -14.38 -5.86 49.89
CA PRO A 322 -14.94 -6.35 51.16
C PRO A 322 -15.49 -7.75 51.02
N ALA A 323 -15.92 -8.31 52.15
CA ALA A 323 -16.38 -9.69 52.18
C ALA A 323 -17.61 -9.88 51.31
N ASP A 324 -17.81 -11.12 50.87
CA ASP A 324 -18.95 -11.47 50.02
C ASP A 324 -19.33 -12.92 50.30
N SER A 325 -20.55 -13.13 50.77
CA SER A 325 -21.01 -14.47 51.15
C SER A 325 -21.57 -15.25 49.98
N ARG A 326 -21.64 -14.66 48.79
CA ARG A 326 -22.29 -15.33 47.66
C ARG A 326 -21.43 -16.42 47.04
N LEU A 327 -20.11 -16.33 47.16
CA LEU A 327 -19.21 -17.26 46.51
C LEU A 327 -18.74 -18.33 47.50
N GLY A 328 -18.66 -19.57 47.01
CA GLY A 328 -18.11 -20.65 47.80
C GLY A 328 -19.09 -21.18 48.83
N ASP A 329 -18.56 -22.02 49.70
CA ASP A 329 -19.36 -22.59 50.79
C ASP A 329 -19.56 -21.53 51.86
N PRO A 330 -20.80 -21.19 52.22
CA PRO A 330 -20.99 -20.13 53.22
C PRO A 330 -20.42 -20.45 54.58
N ASN A 331 -20.22 -21.72 54.89
CA ASN A 331 -19.78 -22.16 56.22
C ASN A 331 -18.40 -22.78 56.19
N PHE A 332 -17.59 -22.47 55.19
CA PHE A 332 -16.23 -22.97 55.17
C PHE A 332 -15.44 -22.36 56.33
N PRO A 333 -14.66 -23.15 57.06
CA PRO A 333 -14.00 -22.61 58.25
C PRO A 333 -12.78 -21.78 57.94
N LEU A 334 -12.04 -22.17 56.91
CA LEU A 334 -10.76 -21.53 56.63
C LEU A 334 -10.97 -20.09 56.18
N HIS A 335 -9.90 -19.31 56.29
CA HIS A 335 -9.93 -17.91 55.87
C HIS A 335 -8.61 -17.56 55.22
N ALA A 336 -8.60 -16.41 54.55
CA ALA A 336 -7.44 -15.94 53.81
C ALA A 336 -6.77 -14.73 54.46
N ASN A 337 -7.54 -13.72 54.85
CA ASN A 337 -6.95 -12.51 55.39
C ASN A 337 -7.99 -11.78 56.23
N THR A 338 -7.49 -10.91 57.10
CA THR A 338 -8.33 -10.13 58.00
C THR A 338 -8.62 -8.77 57.38
N ASP A 339 -9.15 -7.87 58.20
CA ASP A 339 -9.30 -6.48 57.83
C ASP A 339 -8.13 -5.66 58.35
N ARG A 340 -7.75 -4.64 57.58
CA ARG A 340 -6.59 -3.84 57.95
C ARG A 340 -6.89 -2.93 59.13
N ASP A 341 -8.16 -2.56 59.32
CA ASP A 341 -8.55 -1.67 60.41
C ASP A 341 -9.02 -2.46 61.63
N SER A 342 -10.11 -3.22 61.49
CA SER A 342 -10.71 -3.91 62.61
C SER A 342 -9.94 -5.14 63.04
N GLY A 343 -9.02 -5.64 62.22
CA GLY A 343 -8.27 -6.83 62.58
C GLY A 343 -9.16 -8.04 62.76
N LYS A 344 -10.13 -8.25 61.87
CA LYS A 344 -11.03 -9.37 61.92
C LYS A 344 -11.02 -10.10 60.58
N LEU A 345 -11.36 -11.38 60.62
CA LEU A 345 -11.42 -12.18 59.39
C LEU A 345 -12.38 -11.54 58.41
N LYS A 346 -11.99 -11.51 57.14
CA LYS A 346 -12.77 -10.84 56.10
C LYS A 346 -13.26 -11.79 55.02
N GLN A 347 -12.38 -12.62 54.46
CA GLN A 347 -12.73 -13.43 53.30
C GLN A 347 -12.44 -14.90 53.58
N ARG A 348 -13.25 -15.76 52.97
CA ARG A 348 -12.99 -17.19 53.01
C ARG A 348 -11.98 -17.56 51.93
N LEU A 349 -11.15 -18.56 52.26
CA LEU A 349 -10.07 -18.93 51.34
C LEU A 349 -10.62 -19.28 49.97
N ASP A 350 -11.59 -20.20 49.92
CA ASP A 350 -12.12 -20.61 48.63
C ASP A 350 -12.77 -19.44 47.92
N GLU A 351 -13.44 -18.57 48.67
CA GLU A 351 -14.02 -17.38 48.06
C GLU A 351 -12.94 -16.50 47.45
N HIS A 352 -11.83 -16.32 48.16
CA HIS A 352 -10.75 -15.48 47.62
C HIS A 352 -10.18 -16.07 46.35
N LEU A 353 -9.92 -17.38 46.34
CA LEU A 353 -9.38 -18.00 45.14
C LEU A 353 -10.35 -17.86 43.98
N LEU A 354 -11.64 -18.11 44.23
CA LEU A 354 -12.64 -18.01 43.18
C LEU A 354 -12.74 -16.59 42.64
N GLY A 355 -12.71 -15.60 43.54
CA GLY A 355 -12.80 -14.23 43.09
C GLY A 355 -11.61 -13.81 42.25
N VAL A 356 -10.41 -14.19 42.68
CA VAL A 356 -9.22 -13.84 41.90
C VAL A 356 -9.28 -14.50 40.54
N ALA A 357 -9.69 -15.76 40.48
CA ALA A 357 -9.79 -16.43 39.19
C ALA A 357 -10.82 -15.75 38.29
N LEU A 358 -11.97 -15.38 38.86
CA LEU A 358 -12.97 -14.67 38.09
C LEU A 358 -12.42 -13.38 37.52
N HIS A 359 -11.72 -12.60 38.34
CA HIS A 359 -11.22 -11.32 37.86
C HIS A 359 -10.16 -11.51 36.78
N SER A 360 -9.27 -12.48 36.97
CA SER A 360 -8.28 -12.76 35.92
C SER A 360 -8.97 -13.11 34.62
N ARG A 361 -10.01 -13.93 34.68
CA ARG A 361 -10.76 -14.24 33.47
C ARG A 361 -11.36 -12.99 32.86
N LYS A 362 -11.89 -12.09 33.69
CA LYS A 362 -12.51 -10.88 33.17
C LYS A 362 -11.49 -9.97 32.51
N LEU A 363 -10.34 -9.80 33.14
CA LEU A 363 -9.34 -8.87 32.63
C LEU A 363 -8.69 -9.38 31.35
N ALA A 364 -8.47 -10.69 31.24
CA ALA A 364 -7.68 -11.22 30.14
C ALA A 364 -8.31 -10.89 28.79
N GLY A 365 -9.61 -10.60 28.76
CA GLY A 365 -10.27 -10.17 27.56
C GLY A 365 -10.32 -8.66 27.36
N THR A 366 -9.80 -7.90 28.32
CA THR A 366 -9.78 -6.44 28.22
C THR A 366 -8.51 -5.90 27.60
N LEU A 367 -7.38 -6.55 27.83
CA LEU A 367 -6.12 -6.07 27.29
C LEU A 367 -6.18 -5.79 25.80
N PRO A 368 -6.76 -6.66 24.97
CA PRO A 368 -6.80 -6.37 23.54
C PRO A 368 -7.57 -5.10 23.19
N ARG A 369 -8.47 -4.64 24.04
CA ARG A 369 -9.25 -3.45 23.75
C ARG A 369 -8.59 -2.17 24.24
N LEU A 370 -7.47 -2.26 24.96
CA LEU A 370 -6.87 -1.06 25.52
C LEU A 370 -6.44 -0.10 24.42
N GLU A 371 -5.82 -0.61 23.36
CA GLU A 371 -5.32 0.26 22.32
C GLU A 371 -6.46 1.04 21.66
N ARG A 372 -7.68 0.53 21.69
CA ARG A 372 -8.79 1.13 20.97
C ARG A 372 -9.58 2.11 21.82
N GLN A 373 -9.70 1.88 23.12
CA GLN A 373 -10.56 2.70 23.95
C GLN A 373 -9.83 3.81 24.68
N LEU A 374 -8.50 3.79 24.72
CA LEU A 374 -7.77 4.76 25.53
C LEU A 374 -7.70 6.11 24.81
N PRO A 375 -7.44 7.18 25.54
CA PRO A 375 -7.36 8.50 24.93
C PRO A 375 -6.17 8.62 23.99
N ARG A 376 -6.27 9.57 23.06
CA ARG A 376 -5.20 9.79 22.10
C ARG A 376 -5.18 11.25 21.69
N LEU A 377 -4.03 11.68 21.18
CA LEU A 377 -3.87 13.02 20.65
C LEU A 377 -3.93 12.94 19.13
N ALA A 378 -4.85 13.68 18.53
CA ALA A 378 -5.05 13.63 17.09
C ALA A 378 -5.34 15.03 16.57
N ARG A 379 -5.07 15.22 15.28
CA ARG A 379 -5.39 16.46 14.57
C ARG A 379 -4.77 17.67 15.29
N HIS A 380 -3.51 17.52 15.69
CA HIS A 380 -2.81 18.63 16.33
C HIS A 380 -2.13 19.47 15.26
N LYS A 381 -2.57 20.72 15.12
CA LYS A 381 -2.06 21.58 14.07
C LYS A 381 -0.60 21.93 14.28
N GLY A 382 -0.18 22.10 15.54
CA GLY A 382 1.19 22.51 15.80
C GLY A 382 2.21 21.57 15.20
N PHE A 383 1.95 20.26 15.25
CA PHE A 383 2.87 19.30 14.66
C PHE A 383 2.77 19.26 13.15
N THR A 384 1.70 19.80 12.57
CA THR A 384 1.52 19.79 11.13
C THR A 384 1.94 21.10 10.47
N ARG A 385 1.92 22.22 11.19
CA ARG A 385 2.25 23.51 10.60
C ARG A 385 3.69 23.53 10.12
N ARG A 386 3.89 24.08 8.94
CA ARG A 386 5.24 24.27 8.42
C ARG A 386 5.95 25.39 9.17
N VAL A 387 7.27 25.44 9.02
CA VAL A 387 8.11 26.42 9.71
C VAL A 387 8.80 27.29 8.67
N GLU A 388 8.76 28.60 8.89
CA GLU A 388 9.28 29.56 7.93
C GLU A 388 10.76 29.86 8.13
N GLN A 389 11.25 29.77 9.37
CA GLN A 389 12.63 30.08 9.65
C GLN A 389 13.54 29.11 8.91
N PRO A 390 14.47 29.59 8.07
CA PRO A 390 15.33 28.64 7.35
C PRO A 390 16.15 27.75 8.26
N ARG A 391 16.47 28.20 9.47
CA ARG A 391 17.21 27.36 10.41
C ARG A 391 16.40 26.14 10.84
N PHE A 392 15.07 26.16 10.64
CA PHE A 392 14.19 25.07 11.04
C PHE A 392 13.54 24.41 9.84
N ARG A 393 14.30 24.15 8.79
CA ARG A 393 13.80 23.38 7.65
C ARG A 393 14.14 21.91 7.75
N TRP A 394 15.28 21.58 8.35
CA TRP A 394 15.63 20.18 8.55
C TRP A 394 14.55 19.48 9.36
N GLN A 395 13.86 20.20 10.24
CA GLN A 395 12.73 19.62 10.94
C GLN A 395 11.65 19.20 9.94
N ASP A 396 11.36 20.06 8.95
CA ASP A 396 10.39 19.67 7.93
C ASP A 396 10.89 18.47 7.14
N LYS A 397 12.19 18.41 6.85
CA LYS A 397 12.72 17.26 6.11
C LYS A 397 12.51 15.97 6.89
N ALA A 398 12.83 15.99 8.19
CA ALA A 398 12.65 14.80 9.01
C ALA A 398 11.17 14.43 9.11
N TYR A 399 10.30 15.43 9.25
CA TYR A 399 8.87 15.16 9.31
C TYR A 399 8.39 14.49 8.03
N ASP A 400 8.91 14.93 6.88
CA ASP A 400 8.53 14.32 5.61
C ASP A 400 9.04 12.88 5.54
N CYS A 401 10.27 12.65 5.99
CA CYS A 401 10.79 11.28 5.99
C CYS A 401 9.95 10.37 6.89
N ALA A 402 9.37 10.92 7.96
CA ALA A 402 8.53 10.12 8.82
C ALA A 402 7.34 9.55 8.05
N MET A 403 6.64 10.40 7.28
CA MET A 403 5.57 9.88 6.43
C MET A 403 6.11 8.91 5.40
N ALA A 404 7.27 9.21 4.83
CA ALA A 404 7.84 8.32 3.83
C ALA A 404 8.05 6.91 4.38
N CYS A 405 8.41 6.80 5.66
CA CYS A 405 8.73 5.51 6.27
C CYS A 405 7.60 4.96 7.14
N ARG A 406 6.47 5.66 7.26
CA ARG A 406 5.45 5.28 8.24
C ARG A 406 4.92 3.89 7.98
N GLU A 407 4.62 3.57 6.72
CA GLU A 407 3.86 2.36 6.43
C GLU A 407 4.60 1.12 6.91
N GLN A 408 5.85 0.98 6.52
CA GLN A 408 6.60 -0.24 6.83
C GLN A 408 6.97 -0.31 8.31
N ALA A 409 7.08 0.84 8.97
CA ALA A 409 7.40 0.84 10.40
C ALA A 409 6.26 0.29 11.23
N MET A 410 5.02 0.55 10.81
CA MET A 410 3.88 0.04 11.55
C MET A 410 3.89 -1.48 11.57
N GLU A 411 4.44 -2.10 10.52
CA GLU A 411 4.38 -3.55 10.40
C GLU A 411 5.64 -4.23 10.92
N HIS A 412 6.83 -3.65 10.65
CA HIS A 412 8.08 -4.32 10.98
C HIS A 412 8.77 -3.81 12.23
N GLY A 413 8.56 -2.54 12.61
CA GLY A 413 9.17 -1.99 13.80
C GLY A 413 9.61 -0.58 13.56
N PHE A 414 10.55 -0.13 14.38
CA PHE A 414 11.17 1.18 14.20
C PHE A 414 12.31 1.33 15.19
N PHE A 415 13.39 1.95 14.74
CA PHE A 415 14.53 2.24 15.60
C PHE A 415 15.20 3.49 15.05
N GLY A 416 14.85 4.64 15.61
CA GLY A 416 15.27 5.92 15.08
C GLY A 416 16.41 6.53 15.86
N LEU A 417 17.17 7.39 15.19
CA LEU A 417 18.27 8.13 15.78
C LEU A 417 18.06 9.62 15.50
N ASN A 418 18.68 10.46 16.32
CA ASN A 418 18.57 11.91 16.17
C ASN A 418 19.90 12.51 16.61
N LEU A 419 20.69 12.98 15.66
CA LEU A 419 22.03 13.47 15.91
C LEU A 419 22.16 14.97 15.67
N ALA A 420 21.04 15.69 15.65
CA ALA A 420 21.09 17.13 15.49
C ALA A 420 21.90 17.77 16.59
N SER A 421 22.76 18.71 16.22
CA SER A 421 23.64 19.35 17.19
C SER A 421 22.85 20.26 18.11
N THR A 422 23.44 20.54 19.27
CA THR A 422 22.76 21.35 20.28
C THR A 422 22.33 22.68 19.69
N GLY A 423 21.29 23.26 20.28
CA GLY A 423 20.77 24.53 19.83
C GLY A 423 19.80 24.44 18.68
N CYS A 424 19.60 23.26 18.11
CA CYS A 424 18.68 23.06 17.01
C CYS A 424 17.26 22.75 17.48
N GLY A 425 17.01 22.79 18.78
CA GLY A 425 15.68 22.53 19.29
C GLY A 425 15.18 21.15 18.91
N LYS A 426 15.82 20.12 19.44
CA LYS A 426 15.46 18.76 19.08
C LYS A 426 14.08 18.35 19.58
N THR A 427 13.56 19.01 20.62
CA THR A 427 12.32 18.57 21.23
C THR A 427 11.16 18.63 20.24
N LEU A 428 11.04 19.74 19.52
CA LEU A 428 9.96 19.87 18.55
C LEU A 428 10.13 18.87 17.42
N ALA A 429 11.38 18.62 17.00
CA ALA A 429 11.63 17.62 15.98
C ALA A 429 11.13 16.26 16.43
N ASN A 430 11.46 15.87 17.67
CA ASN A 430 11.03 14.58 18.18
C ASN A 430 9.52 14.48 18.23
N GLY A 431 8.87 15.53 18.73
CA GLY A 431 7.42 15.51 18.76
C GLY A 431 6.83 15.31 17.38
N ARG A 432 7.27 16.12 16.41
CA ARG A 432 6.68 16.06 15.07
C ARG A 432 6.95 14.72 14.41
N ILE A 433 8.19 14.23 14.50
CA ILE A 433 8.52 12.97 13.87
C ILE A 433 7.67 11.85 14.45
N LEU A 434 7.56 11.77 15.78
CA LEU A 434 6.80 10.67 16.36
C LEU A 434 5.33 10.79 16.01
N TYR A 435 4.79 12.01 15.98
CA TYR A 435 3.39 12.16 15.58
C TYR A 435 3.18 11.66 14.16
N ALA A 436 4.09 12.00 13.25
CA ALA A 436 3.90 11.64 11.85
C ALA A 436 3.74 10.13 11.67
N LEU A 437 4.46 9.34 12.45
CA LEU A 437 4.40 7.90 12.30
C LEU A 437 3.01 7.35 12.62
N ALA A 438 2.38 7.87 13.67
CA ALA A 438 1.11 7.34 14.11
C ALA A 438 0.04 7.56 13.05
N ASP A 439 -0.92 6.65 12.99
CA ASP A 439 -1.97 6.73 11.98
C ASP A 439 -2.78 8.01 12.19
N PRO A 440 -2.95 8.84 11.17
CA PRO A 440 -3.68 10.10 11.38
C PRO A 440 -5.12 9.90 11.82
N GLN A 441 -5.76 8.82 11.38
CA GLN A 441 -7.17 8.63 11.69
C GLN A 441 -7.39 8.47 13.19
N ARG A 442 -6.51 7.76 13.87
CA ARG A 442 -6.72 7.45 15.28
C ARG A 442 -6.05 8.44 16.22
N GLY A 443 -4.82 8.85 15.95
CA GLY A 443 -4.12 9.82 16.77
C GLY A 443 -2.68 9.40 17.02
N ALA A 444 -2.18 9.72 18.21
CA ALA A 444 -0.81 9.41 18.57
C ALA A 444 -0.67 9.33 20.08
N ARG A 445 0.30 8.52 20.53
CA ARG A 445 0.65 8.41 21.94
C ARG A 445 2.14 8.15 22.02
N PHE A 446 2.80 8.74 23.02
CA PHE A 446 4.22 8.47 23.25
C PHE A 446 4.62 9.14 24.55
N SER A 447 5.78 8.74 25.07
CA SER A 447 6.29 9.25 26.32
C SER A 447 7.73 9.68 26.16
N ILE A 448 8.11 10.71 26.89
CA ILE A 448 9.45 11.30 26.82
C ILE A 448 10.13 11.08 28.15
N ALA A 449 11.33 10.51 28.12
CA ALA A 449 12.09 10.21 29.32
C ALA A 449 13.44 10.88 29.25
N LEU A 450 13.82 11.58 30.31
CA LEU A 450 15.09 12.29 30.40
C LEU A 450 16.03 11.52 31.30
N GLY A 451 17.33 11.61 31.01
CA GLY A 451 18.31 10.91 31.82
C GLY A 451 18.70 11.71 33.05
N LEU A 452 17.72 12.25 33.75
CA LEU A 452 17.94 13.09 34.91
C LEU A 452 17.41 12.41 36.16
N ARG A 453 18.15 12.55 37.26
CA ARG A 453 17.73 11.95 38.51
C ARG A 453 16.42 12.54 39.00
N SER A 454 16.29 13.86 38.93
CA SER A 454 15.10 14.57 39.38
C SER A 454 14.60 15.49 38.28
N LEU A 455 13.29 15.53 38.11
CA LEU A 455 12.64 16.35 37.10
C LEU A 455 11.87 17.47 37.79
N THR A 456 12.37 18.70 37.65
CA THR A 456 11.69 19.85 38.22
C THR A 456 10.50 20.25 37.35
N LEU A 457 9.51 20.86 37.97
CA LEU A 457 8.28 21.18 37.26
C LEU A 457 8.54 22.12 36.09
N GLN A 458 9.42 23.10 36.28
CA GLN A 458 9.70 24.06 35.23
C GLN A 458 10.17 23.37 33.96
N THR A 459 10.91 22.27 34.10
CA THR A 459 11.32 21.51 32.91
C THR A 459 10.10 20.98 32.16
N GLY A 460 9.15 20.41 32.88
CA GLY A 460 7.95 19.90 32.23
C GLY A 460 7.19 21.01 31.53
N GLN A 461 7.04 22.15 32.18
CA GLN A 461 6.32 23.25 31.55
C GLN A 461 7.07 23.78 30.35
N ALA A 462 8.41 23.79 30.40
CA ALA A 462 9.20 24.15 29.23
C ALA A 462 8.93 23.20 28.08
N TYR A 463 8.83 21.91 28.39
CA TYR A 463 8.48 20.94 27.36
C TYR A 463 7.12 21.26 26.76
N ARG A 464 6.16 21.60 27.61
CA ARG A 464 4.84 21.99 27.13
C ARG A 464 4.95 23.17 26.18
N GLU A 465 5.71 24.19 26.57
CA GLU A 465 5.82 25.39 25.75
C GLU A 465 6.45 25.07 24.40
N ARG A 466 7.52 24.28 24.41
CA ARG A 466 8.20 23.97 23.15
C ARG A 466 7.31 23.12 22.26
N LEU A 467 6.56 22.19 22.83
CA LEU A 467 5.59 21.42 22.07
C LEU A 467 4.30 22.19 21.80
N GLY A 468 3.98 23.18 22.64
CA GLY A 468 2.75 23.92 22.48
C GLY A 468 1.50 23.10 22.75
N LEU A 469 1.52 22.32 23.84
CA LEU A 469 0.40 21.48 24.22
C LEU A 469 -0.22 22.02 25.50
N GLY A 470 -1.55 22.03 25.55
CA GLY A 470 -2.24 22.51 26.72
C GLY A 470 -2.09 21.56 27.89
N ASP A 471 -2.48 22.05 29.07
CA ASP A 471 -2.35 21.27 30.28
C ASP A 471 -3.28 20.07 30.30
N ASP A 472 -4.21 19.98 29.35
CA ASP A 472 -5.14 18.87 29.26
C ASP A 472 -4.62 17.72 28.41
N ASP A 473 -3.39 17.80 27.90
CA ASP A 473 -2.86 16.75 27.03
C ASP A 473 -1.45 16.27 27.38
N LEU A 474 -0.81 16.80 28.43
CA LEU A 474 0.54 16.37 28.78
C LEU A 474 0.69 16.30 30.29
N ALA A 475 0.83 15.09 30.82
CA ALA A 475 1.04 14.88 32.24
C ALA A 475 2.53 14.96 32.56
N ILE A 476 2.84 15.39 33.77
CA ILE A 476 4.22 15.55 34.22
C ILE A 476 4.38 14.76 35.51
N LEU A 477 5.43 13.97 35.59
CA LEU A 477 5.70 13.13 36.75
C LEU A 477 6.86 13.75 37.52
N VAL A 478 6.53 14.62 38.47
CA VAL A 478 7.54 15.39 39.19
C VAL A 478 8.29 14.50 40.16
N GLY A 479 9.37 15.01 40.74
CA GLY A 479 10.11 14.28 41.75
C GLY A 479 11.06 13.26 41.14
N GLY A 480 11.60 12.43 42.03
CA GLY A 480 12.47 11.34 41.62
C GLY A 480 11.99 10.02 42.20
N SER A 481 12.70 8.96 41.84
CA SER A 481 12.36 7.63 42.33
C SER A 481 12.58 7.56 43.84
N ALA A 482 11.90 6.61 44.47
CA ALA A 482 11.99 6.41 45.90
C ALA A 482 13.10 5.42 46.24
N ALA A 483 13.35 5.27 47.54
CA ALA A 483 14.32 4.29 48.01
C ALA A 483 13.68 2.92 48.13
N ARG A 484 14.51 1.88 48.03
CA ARG A 484 14.01 0.52 48.10
C ARG A 484 13.64 0.12 49.53
N GLU A 485 14.48 0.47 50.50
CA GLU A 485 14.32 -0.06 51.85
C GLU A 485 13.20 0.61 52.62
N LEU A 486 12.73 1.78 52.20
CA LEU A 486 11.71 2.49 52.96
C LEU A 486 10.41 1.71 53.02
N PHE A 487 10.03 1.07 51.91
CA PHE A 487 8.78 0.31 51.88
C PHE A 487 8.86 -0.98 52.68
N GLU A 488 10.06 -1.39 53.10
CA GLU A 488 10.22 -2.70 53.73
C GLU A 488 9.52 -2.76 55.08
N LYS A 489 9.73 -1.76 55.93
CA LYS A 489 9.27 -1.84 57.31
C LYS A 489 7.75 -1.92 57.39
N GLN A 490 7.05 -1.10 56.61
CA GLN A 490 5.59 -1.19 56.58
C GLN A 490 5.13 -2.54 56.04
N GLN A 491 5.85 -3.06 55.04
CA GLN A 491 5.49 -4.37 54.50
C GLN A 491 5.57 -5.44 55.56
N GLU A 492 6.66 -5.44 56.35
CA GLU A 492 6.76 -6.40 57.44
C GLU A 492 5.66 -6.17 58.47
N ARG A 493 5.35 -4.91 58.77
CA ARG A 493 4.22 -4.62 59.63
C ARG A 493 2.90 -5.06 58.99
N LEU A 494 2.75 -4.83 57.68
CA LEU A 494 1.53 -5.23 56.99
C LEU A 494 1.47 -6.74 56.75
N GLU A 495 2.61 -7.43 56.84
CA GLU A 495 2.60 -8.88 56.69
C GLU A 495 1.88 -9.58 57.84
N ARG A 496 1.56 -8.85 58.91
CA ARG A 496 0.80 -9.45 60.00
C ARG A 496 -0.58 -9.91 59.52
N SER A 497 -1.11 -9.26 58.49
CA SER A 497 -2.48 -9.51 58.04
C SER A 497 -2.56 -10.32 56.74
N GLY A 498 -1.44 -10.53 56.04
CA GLY A 498 -1.48 -11.32 54.83
C GLY A 498 -2.06 -10.63 53.62
N SER A 499 -2.14 -9.30 53.65
CA SER A 499 -2.69 -8.51 52.56
C SER A 499 -1.59 -7.83 51.75
N GLU A 500 -0.50 -8.57 51.50
CA GLU A 500 0.67 -7.98 50.86
C GLU A 500 0.37 -7.49 49.45
N SER A 501 -0.74 -7.93 48.87
CA SER A 501 -1.13 -7.50 47.53
C SER A 501 -1.79 -6.13 47.50
N ALA A 502 -2.02 -5.52 48.65
CA ALA A 502 -2.72 -4.24 48.74
C ALA A 502 -1.78 -3.05 48.71
N GLN A 503 -0.47 -3.27 48.57
CA GLN A 503 0.46 -2.15 48.51
C GLN A 503 0.15 -1.28 47.30
N GLU A 504 0.33 0.03 47.46
CA GLU A 504 0.09 0.95 46.36
C GLU A 504 1.05 0.68 45.22
N LEU A 505 0.60 0.90 43.99
CA LEU A 505 1.46 0.65 42.83
C LEU A 505 2.64 1.61 42.82
N LEU A 506 2.39 2.90 43.04
CA LEU A 506 3.42 3.92 42.99
C LEU A 506 3.76 4.40 44.40
N ALA A 507 4.86 5.13 44.50
CA ALA A 507 5.27 5.73 45.76
C ALA A 507 4.36 6.89 46.12
N GLU A 508 4.41 7.30 47.39
CA GLU A 508 3.52 8.35 47.86
C GLU A 508 3.99 9.73 47.43
N ASN A 509 5.30 9.94 47.34
CA ASN A 509 5.80 11.27 47.01
C ASN A 509 5.36 11.68 45.61
N SER A 510 5.46 10.77 44.65
CA SER A 510 5.21 11.12 43.26
C SER A 510 3.78 11.61 43.07
N HIS A 511 3.63 12.63 42.24
CA HIS A 511 2.33 13.21 41.91
C HIS A 511 2.29 13.40 40.41
N VAL A 512 1.13 13.23 39.81
CA VAL A 512 0.95 13.42 38.37
C VAL A 512 0.17 14.71 38.16
N HIS A 513 0.82 15.70 37.55
CA HIS A 513 0.21 17.01 37.33
C HIS A 513 -0.57 16.94 36.02
N PHE A 514 -1.86 16.66 36.13
CA PHE A 514 -2.73 16.51 34.97
C PHE A 514 -4.16 16.83 35.40
N ALA A 515 -4.94 17.40 34.47
CA ALA A 515 -6.30 17.81 34.79
C ALA A 515 -7.27 17.53 33.65
N GLY A 516 -7.05 16.47 32.89
CA GLY A 516 -7.91 16.13 31.77
C GLY A 516 -9.01 15.15 32.14
N THR A 517 -9.57 14.53 31.11
CA THR A 517 -10.63 13.53 31.34
C THR A 517 -10.11 12.38 32.18
N LEU A 518 -10.94 11.90 33.09
CA LEU A 518 -10.54 10.78 33.94
C LEU A 518 -11.69 9.82 34.25
N GLU A 519 -12.85 9.97 33.61
CA GLU A 519 -14.03 9.19 33.98
C GLU A 519 -14.21 7.93 33.14
N ASP A 520 -13.74 7.92 31.90
CA ASP A 520 -14.00 6.84 30.96
C ASP A 520 -12.78 5.93 30.80
N GLY A 521 -12.09 5.64 31.90
CA GLY A 521 -10.98 4.74 31.86
C GLY A 521 -11.41 3.30 31.70
N PRO A 522 -11.01 2.63 30.62
CA PRO A 522 -11.35 1.21 30.48
C PRO A 522 -10.79 0.35 31.59
N LEU A 523 -9.65 0.71 32.17
CA LEU A 523 -9.07 -0.01 33.29
C LEU A 523 -9.35 0.67 34.62
N ARG A 524 -10.31 1.57 34.66
CA ARG A 524 -10.59 2.32 35.88
C ARG A 524 -10.86 1.37 37.05
N GLU A 525 -11.46 0.22 36.80
CA GLU A 525 -11.92 -0.63 37.89
C GLU A 525 -10.76 -1.09 38.76
N TRP A 526 -9.68 -1.58 38.16
CA TRP A 526 -8.62 -2.21 38.93
C TRP A 526 -7.59 -1.21 39.44
N LEU A 527 -7.29 -0.16 38.66
CA LEU A 527 -6.21 0.76 39.01
C LEU A 527 -6.62 1.79 40.05
N GLY A 528 -7.90 1.95 40.32
CA GLY A 528 -8.35 2.98 41.23
C GLY A 528 -8.93 4.17 40.47
N ARG A 529 -9.94 4.79 41.07
CA ARG A 529 -10.63 5.91 40.43
C ARG A 529 -9.69 7.08 40.20
N ASN A 530 -8.91 7.45 41.21
CA ASN A 530 -8.05 8.62 41.13
C ASN A 530 -6.63 8.34 41.60
N SER A 531 -6.25 7.08 41.76
CA SER A 531 -4.87 6.79 42.10
C SER A 531 -3.96 7.33 41.00
N ALA A 532 -2.67 7.44 41.33
CA ALA A 532 -1.72 7.94 40.35
C ALA A 532 -1.69 7.08 39.10
N GLY A 533 -1.94 5.78 39.24
CA GLY A 533 -1.83 4.89 38.09
C GLY A 533 -2.78 5.26 36.97
N ASN A 534 -4.05 5.49 37.32
CA ASN A 534 -5.03 5.78 36.28
C ASN A 534 -4.72 7.10 35.60
N ARG A 535 -4.31 8.11 36.36
CA ARG A 535 -3.93 9.39 35.78
C ARG A 535 -2.77 9.21 34.82
N LEU A 536 -1.78 8.41 35.23
CA LEU A 536 -0.63 8.14 34.36
C LEU A 536 -1.08 7.48 33.06
N LEU A 537 -2.00 6.52 33.15
CA LEU A 537 -2.41 5.78 31.97
C LEU A 537 -3.26 6.63 31.03
N GLN A 538 -4.07 7.54 31.59
CA GLN A 538 -4.99 8.30 30.74
C GLN A 538 -4.25 9.29 29.83
N ALA A 539 -3.24 9.97 30.34
CA ALA A 539 -2.63 11.08 29.63
C ALA A 539 -2.09 10.63 28.28
N PRO A 540 -2.48 11.26 27.17
CA PRO A 540 -1.92 10.83 25.87
C PRO A 540 -0.42 10.99 25.78
N ILE A 541 0.14 12.03 26.37
CA ILE A 541 1.57 12.32 26.32
C ILE A 541 2.09 12.44 27.74
N LEU A 542 3.22 11.83 28.01
CA LEU A 542 3.81 11.80 29.34
C LEU A 542 5.23 12.33 29.28
N ALA A 543 5.65 13.04 30.32
CA ALA A 543 7.03 13.46 30.49
C ALA A 543 7.48 13.00 31.86
N CYS A 544 8.62 12.32 31.92
CA CYS A 544 9.10 11.71 33.14
C CYS A 544 10.60 11.51 33.02
N THR A 545 11.19 10.88 34.04
CA THR A 545 12.60 10.51 34.01
C THR A 545 12.72 9.01 33.83
N ILE A 546 13.87 8.56 33.31
CA ILE A 546 14.02 7.15 33.02
C ILE A 546 13.94 6.33 34.30
N ASP A 547 14.29 6.93 35.43
CA ASP A 547 14.21 6.19 36.69
C ASP A 547 12.78 5.83 37.05
N HIS A 548 11.78 6.46 36.43
CA HIS A 548 10.39 6.13 36.70
C HIS A 548 9.86 5.01 35.83
N LEU A 549 10.51 4.71 34.70
CA LEU A 549 10.11 3.60 33.86
C LEU A 549 10.95 2.35 34.09
N MET A 550 12.16 2.51 34.61
CA MET A 550 13.03 1.35 34.78
C MET A 550 12.41 0.27 35.67
N PRO A 551 11.55 0.56 36.63
CA PRO A 551 10.92 -0.52 37.39
C PRO A 551 10.15 -1.52 36.54
N ALA A 552 9.97 -1.26 35.25
CA ALA A 552 9.28 -2.22 34.40
C ALA A 552 10.02 -3.55 34.38
N SER A 553 11.35 -3.50 34.27
CA SER A 553 12.15 -4.71 34.18
C SER A 553 13.07 -4.93 35.37
N GLU A 554 13.37 -3.89 36.14
CA GLU A 554 14.32 -3.97 37.24
C GLU A 554 13.65 -4.24 38.58
N SER A 555 12.33 -4.42 38.61
CA SER A 555 11.64 -4.60 39.88
C SER A 555 11.81 -6.03 40.38
N LEU A 556 12.12 -6.16 41.67
CA LEU A 556 12.38 -7.45 42.29
C LEU A 556 11.37 -7.83 43.35
N ARG A 557 10.61 -6.88 43.90
CA ARG A 557 9.65 -7.15 44.95
C ARG A 557 8.37 -6.38 44.68
N GLY A 558 7.27 -6.88 45.24
CA GLY A 558 6.03 -6.17 45.13
C GLY A 558 5.54 -6.09 43.70
N GLY A 559 4.64 -5.14 43.48
CA GLY A 559 4.04 -4.97 42.17
C GLY A 559 4.36 -3.64 41.55
N HIS A 560 5.60 -3.19 41.72
CA HIS A 560 5.98 -1.87 41.23
C HIS A 560 6.06 -1.80 39.72
N GLN A 561 5.97 -2.92 39.02
CA GLN A 561 6.16 -2.94 37.57
C GLN A 561 4.86 -2.98 36.80
N ILE A 562 3.71 -2.75 37.43
CA ILE A 562 2.44 -2.90 36.72
C ILE A 562 2.15 -1.67 35.86
N ALA A 563 2.14 -0.49 36.48
CA ALA A 563 1.80 0.73 35.74
C ALA A 563 2.81 1.02 34.63
N PRO A 564 4.11 1.07 34.89
CA PRO A 564 5.05 1.34 33.80
C PRO A 564 4.99 0.30 32.69
N LEU A 565 4.75 -0.96 33.05
CA LEU A 565 4.66 -1.99 32.02
C LEU A 565 3.43 -1.76 31.14
N LEU A 566 2.29 -1.44 31.74
CA LEU A 566 1.11 -1.13 30.94
C LEU A 566 1.37 0.06 30.04
N ARG A 567 2.04 1.08 30.58
CA ARG A 567 2.39 2.24 29.77
C ARG A 567 3.23 1.82 28.57
N LEU A 568 4.21 0.94 28.80
CA LEU A 568 5.06 0.49 27.70
C LEU A 568 4.26 -0.24 26.65
N MET A 569 3.33 -1.10 27.07
CA MET A 569 2.55 -1.84 26.08
C MET A 569 1.69 -0.90 25.25
N THR A 570 1.08 0.10 25.88
CA THR A 570 0.02 0.86 25.23
C THR A 570 0.51 2.08 24.45
N SER A 571 1.79 2.44 24.52
CA SER A 571 2.27 3.69 23.97
C SER A 571 3.58 3.46 23.23
N ASP A 572 4.33 4.53 23.02
CA ASP A 572 5.66 4.49 22.45
C ASP A 572 6.65 5.19 23.37
N LEU A 573 7.92 5.22 22.97
CA LEU A 573 9.00 5.62 23.87
C LEU A 573 9.96 6.56 23.15
N VAL A 574 10.45 7.56 23.87
CA VAL A 574 11.48 8.46 23.39
C VAL A 574 12.50 8.63 24.51
N LEU A 575 13.76 8.32 24.23
CA LEU A 575 14.83 8.45 25.19
C LEU A 575 15.66 9.69 24.85
N ASP A 576 15.96 10.50 25.86
CA ASP A 576 16.61 11.78 25.65
C ASP A 576 17.88 11.85 26.50
N GLU A 577 18.99 12.24 25.88
CA GLU A 577 20.28 12.35 26.56
C GLU A 577 20.65 11.03 27.24
N VAL A 578 20.58 9.94 26.47
CA VAL A 578 20.89 8.63 27.02
C VAL A 578 22.34 8.56 27.47
N ASP A 579 23.27 9.03 26.62
CA ASP A 579 24.68 8.92 26.98
C ASP A 579 25.03 9.69 28.25
N ASP A 580 24.08 10.45 28.80
CA ASP A 580 24.28 11.05 30.11
C ASP A 580 24.39 10.01 31.22
N PHE A 581 23.94 8.78 30.96
CA PHE A 581 24.03 7.73 31.96
C PHE A 581 25.48 7.41 32.28
N ASP A 582 25.71 6.96 33.52
CA ASP A 582 27.02 6.47 33.89
C ASP A 582 27.29 5.16 33.17
N ILE A 583 28.57 4.79 33.11
CA ILE A 583 28.96 3.61 32.35
C ILE A 583 28.32 2.35 32.92
N ASP A 584 28.28 2.24 34.25
CA ASP A 584 27.83 1.01 34.90
C ASP A 584 26.32 0.90 35.00
N ASP A 585 25.57 1.91 34.57
CA ASP A 585 24.12 1.83 34.49
C ASP A 585 23.61 1.47 33.10
N LEU A 586 24.49 1.20 32.15
CA LEU A 586 24.04 0.92 30.79
C LEU A 586 23.44 -0.47 30.65
N PRO A 587 23.83 -1.48 31.42
CA PRO A 587 23.11 -2.76 31.34
C PRO A 587 21.62 -2.60 31.61
N ALA A 588 21.26 -1.80 32.60
CA ALA A 588 19.85 -1.62 32.92
C ALA A 588 19.11 -0.98 31.75
N LEU A 589 19.73 0.03 31.14
CA LEU A 589 19.10 0.67 30.00
C LEU A 589 18.95 -0.30 28.84
N SER A 590 19.93 -1.18 28.63
CA SER A 590 19.79 -2.18 27.58
C SER A 590 18.63 -3.12 27.86
N ARG A 591 18.48 -3.55 29.11
CA ARG A 591 17.37 -4.44 29.45
C ARG A 591 16.02 -3.75 29.23
N LEU A 592 15.92 -2.48 29.62
CA LEU A 592 14.69 -1.74 29.38
C LEU A 592 14.39 -1.63 27.89
N VAL A 593 15.41 -1.35 27.08
CA VAL A 593 15.18 -1.23 25.63
C VAL A 593 14.74 -2.57 25.07
N HIS A 594 15.35 -3.65 25.52
CA HIS A 594 14.95 -4.97 25.04
C HIS A 594 13.48 -5.23 25.34
N TRP A 595 13.06 -4.95 26.57
CA TRP A 595 11.66 -5.22 26.90
C TRP A 595 10.75 -4.28 26.14
N ALA A 596 11.19 -3.04 25.91
CA ALA A 596 10.40 -2.11 25.13
C ALA A 596 10.15 -2.63 23.73
N GLY A 597 11.18 -3.22 23.12
CA GLY A 597 11.00 -3.84 21.82
C GLY A 597 10.22 -5.14 21.88
N LEU A 598 10.15 -5.78 23.04
CA LEU A 598 9.48 -7.06 23.17
C LEU A 598 7.97 -6.96 23.27
N PHE A 599 7.43 -5.77 23.55
CA PHE A 599 5.99 -5.60 23.75
C PHE A 599 5.35 -4.69 22.71
N GLY A 600 6.05 -4.38 21.63
CA GLY A 600 5.45 -3.68 20.52
C GLY A 600 5.60 -2.18 20.49
N SER A 601 6.51 -1.61 21.28
CA SER A 601 6.75 -0.18 21.22
C SER A 601 7.69 0.14 20.06
N ARG A 602 8.07 1.42 19.96
CA ARG A 602 9.00 1.88 18.93
C ARG A 602 9.92 2.93 19.53
N VAL A 603 11.21 2.61 19.60
CA VAL A 603 12.18 3.41 20.35
C VAL A 603 12.78 4.48 19.44
N LEU A 604 13.23 5.57 20.06
CA LEU A 604 13.87 6.67 19.34
C LEU A 604 14.84 7.34 20.31
N LEU A 605 16.13 6.99 20.21
CA LEU A 605 17.13 7.68 20.99
C LEU A 605 17.31 9.09 20.47
N SER A 606 17.96 9.94 21.27
CA SER A 606 18.13 11.33 20.89
C SER A 606 19.29 11.91 21.68
N SER A 607 20.36 12.26 20.98
CA SER A 607 21.53 12.91 21.56
C SER A 607 22.46 13.23 20.41
N ALA A 608 23.59 13.87 20.72
CA ALA A 608 24.55 14.29 19.71
C ALA A 608 25.95 13.72 19.95
N THR A 609 26.11 12.79 20.89
CA THR A 609 27.42 12.23 21.22
C THR A 609 27.32 10.73 21.44
N LEU A 610 26.68 10.02 20.51
CA LEU A 610 26.44 8.59 20.67
C LEU A 610 27.60 7.81 20.11
N PRO A 611 28.45 7.19 20.94
CA PRO A 611 29.55 6.39 20.39
C PRO A 611 29.03 5.14 19.72
N PRO A 612 29.71 4.65 18.68
CA PRO A 612 29.12 3.56 17.88
C PRO A 612 28.80 2.32 18.68
N ALA A 613 29.64 1.95 19.65
CA ALA A 613 29.42 0.70 20.36
C ALA A 613 28.06 0.70 21.06
N LEU A 614 27.71 1.81 21.69
CA LEU A 614 26.43 1.89 22.38
C LEU A 614 25.28 1.67 21.40
N VAL A 615 25.32 2.35 20.26
CA VAL A 615 24.22 2.25 19.30
C VAL A 615 24.11 0.82 18.79
N GLN A 616 25.24 0.18 18.49
CA GLN A 616 25.19 -1.19 18.00
C GLN A 616 24.57 -2.12 19.03
N GLY A 617 25.03 -2.03 20.28
CA GLY A 617 24.46 -2.89 21.32
C GLY A 617 22.97 -2.68 21.47
N LEU A 618 22.53 -1.42 21.49
CA LEU A 618 21.11 -1.15 21.68
C LEU A 618 20.30 -1.67 20.51
N PHE A 619 20.78 -1.52 19.27
CA PHE A 619 20.03 -2.05 18.15
C PHE A 619 19.90 -3.56 18.25
N GLU A 620 20.98 -4.24 18.61
CA GLU A 620 20.90 -5.69 18.74
C GLU A 620 19.87 -6.08 19.78
N ALA A 621 19.83 -5.38 20.91
CA ALA A 621 18.86 -5.69 21.95
C ALA A 621 17.44 -5.46 21.46
N TYR A 622 17.18 -4.33 20.80
CA TYR A 622 15.84 -4.07 20.32
C TYR A 622 15.40 -5.14 19.32
N ARG A 623 16.29 -5.55 18.42
CA ARG A 623 15.92 -6.57 17.45
C ARG A 623 15.65 -7.90 18.13
N SER A 624 16.48 -8.27 19.10
CA SER A 624 16.24 -9.52 19.82
C SER A 624 14.86 -9.51 20.45
N GLY A 625 14.48 -8.38 21.05
CA GLY A 625 13.14 -8.29 21.62
C GLY A 625 12.04 -8.33 20.58
N ARG A 626 12.23 -7.61 19.47
CA ARG A 626 11.18 -7.53 18.47
C ARG A 626 10.91 -8.87 17.83
N GLU A 627 11.94 -9.72 17.70
CA GLU A 627 11.72 -11.00 17.04
C GLU A 627 10.71 -11.85 17.79
N ILE A 628 10.83 -11.89 19.12
CA ILE A 628 9.91 -12.68 19.94
C ILE A 628 8.48 -12.17 19.79
N PHE A 629 8.31 -10.84 19.80
CA PHE A 629 6.97 -10.27 19.78
C PHE A 629 6.22 -10.70 18.52
N GLN A 630 6.89 -10.68 17.37
CA GLN A 630 6.20 -10.94 16.12
C GLN A 630 5.64 -12.35 16.04
N ARG A 631 6.14 -13.28 16.86
CA ARG A 631 5.56 -14.61 16.92
C ARG A 631 4.13 -14.58 17.41
N HIS A 632 3.85 -13.72 18.39
CA HIS A 632 2.57 -13.68 19.08
C HIS A 632 1.68 -12.53 18.63
N ARG A 633 2.06 -11.79 17.59
CA ARG A 633 1.22 -10.71 17.10
C ARG A 633 1.39 -10.58 15.59
N GLY A 634 0.36 -10.06 14.94
CA GLY A 634 0.41 -9.83 13.52
C GLY A 634 0.36 -11.13 12.72
N ALA A 635 0.51 -10.97 11.42
CA ALA A 635 0.41 -12.09 10.49
C ALA A 635 1.61 -13.01 10.66
N PRO A 636 1.43 -14.28 10.98
CA PRO A 636 2.59 -15.15 11.22
C PRO A 636 3.40 -15.36 9.94
N GLY A 637 4.70 -15.56 10.13
CA GLY A 637 5.59 -15.92 9.05
C GLY A 637 6.39 -14.77 8.47
N ARG A 638 5.99 -13.52 8.71
CA ARG A 638 6.69 -12.41 8.10
C ARG A 638 8.09 -12.28 8.69
N ALA A 639 9.01 -11.73 7.90
CA ALA A 639 10.41 -11.65 8.28
C ALA A 639 10.61 -10.60 9.37
N THR A 640 11.87 -10.39 9.75
CA THR A 640 12.25 -9.48 10.82
C THR A 640 13.22 -8.45 10.25
N GLU A 641 12.69 -7.37 9.69
CA GLU A 641 13.49 -6.31 9.09
C GLU A 641 13.11 -5.01 9.79
N ILE A 642 13.88 -4.64 10.81
CA ILE A 642 13.61 -3.39 11.51
C ILE A 642 13.77 -2.23 10.54
N ARG A 643 13.08 -1.13 10.81
CA ARG A 643 13.10 0.03 9.93
C ARG A 643 13.93 1.14 10.57
N CYS A 644 15.24 1.05 10.41
CA CYS A 644 16.15 2.01 11.02
C CYS A 644 16.08 3.37 10.29
N ALA A 645 16.57 4.40 10.97
CA ALA A 645 16.61 5.74 10.40
C ALA A 645 17.66 6.57 11.16
N TRP A 646 18.20 7.56 10.47
CA TRP A 646 19.14 8.52 11.04
C TRP A 646 18.69 9.93 10.70
N PHE A 647 18.84 10.84 11.65
CA PHE A 647 18.23 12.16 11.51
C PHE A 647 19.11 13.20 12.17
N ASP A 648 19.36 14.28 11.44
CA ASP A 648 20.15 15.40 11.94
C ASP A 648 19.75 16.65 11.17
N GLU A 649 20.52 17.72 11.33
CA GLU A 649 20.19 19.04 10.80
C GLU A 649 20.72 19.27 9.39
N PHE A 650 21.32 18.27 8.77
CA PHE A 650 21.80 18.36 7.39
C PHE A 650 20.95 17.59 6.40
N SER A 651 20.67 16.32 6.67
CA SER A 651 19.91 15.49 5.75
C SER A 651 19.16 14.43 6.55
N SER A 652 18.63 13.44 5.84
CA SER A 652 17.81 12.39 6.45
C SER A 652 17.85 11.16 5.57
N GLN A 653 17.80 9.99 6.21
CA GLN A 653 17.80 8.73 5.48
C GLN A 653 17.06 7.68 6.29
N SER A 654 16.61 6.64 5.60
CA SER A 654 15.91 5.53 6.24
C SER A 654 16.08 4.27 5.42
N SER A 655 16.27 3.15 6.10
CA SER A 655 16.55 1.89 5.42
C SER A 655 16.15 0.74 6.33
N ALA A 656 15.90 -0.41 5.72
CA ALA A 656 15.48 -1.61 6.44
C ALA A 656 16.66 -2.53 6.68
N HIS A 657 16.77 -3.03 7.90
CA HIS A 657 17.91 -3.83 8.32
C HIS A 657 17.44 -4.98 9.19
N GLY A 658 18.21 -6.07 9.19
CA GLY A 658 17.86 -7.24 9.95
C GLY A 658 19.04 -7.95 10.57
N ALA A 659 20.23 -7.39 10.41
CA ALA A 659 21.44 -7.96 11.00
C ALA A 659 22.31 -6.84 11.51
N VAL A 660 23.14 -7.15 12.51
CA VAL A 660 23.92 -6.10 13.16
C VAL A 660 24.95 -5.52 12.20
N THR A 661 25.53 -6.35 11.33
CA THR A 661 26.61 -5.86 10.47
C THR A 661 26.11 -4.82 9.49
N SER A 662 24.97 -5.07 8.83
CA SER A 662 24.47 -4.12 7.84
C SER A 662 24.07 -2.81 8.52
N PHE A 663 23.43 -2.90 9.68
CA PHE A 663 23.13 -1.68 10.42
C PHE A 663 24.41 -0.92 10.75
N SER A 664 25.43 -1.62 11.24
CA SER A 664 26.67 -0.96 11.61
C SER A 664 27.28 -0.26 10.40
N GLU A 665 27.28 -0.94 9.26
CA GLU A 665 27.84 -0.34 8.05
C GLU A 665 27.10 0.94 7.70
N ALA A 666 25.77 0.88 7.67
CA ALA A 666 25.00 2.06 7.28
C ALA A 666 25.24 3.20 8.26
N HIS A 667 25.29 2.89 9.56
CA HIS A 667 25.53 3.92 10.55
C HIS A 667 26.91 4.56 10.35
N ALA A 668 27.92 3.73 10.09
CA ALA A 668 29.25 4.25 9.87
C ALA A 668 29.27 5.18 8.67
N THR A 669 28.61 4.79 7.60
CA THR A 669 28.54 5.65 6.42
C THR A 669 27.87 6.97 6.73
N PHE A 670 26.76 6.95 7.46
CA PHE A 670 26.08 8.21 7.76
C PHE A 670 26.95 9.11 8.62
N VAL A 671 27.63 8.54 9.63
CA VAL A 671 28.45 9.38 10.50
C VAL A 671 29.63 9.95 9.72
N ALA A 672 30.22 9.17 8.81
CA ALA A 672 31.28 9.71 7.98
C ALA A 672 30.79 10.88 7.15
N GLN A 673 29.60 10.73 6.54
CA GLN A 673 29.05 11.82 5.76
C GLN A 673 28.83 13.05 6.63
N ARG A 674 28.30 12.85 7.84
CA ARG A 674 28.03 13.98 8.73
C ARG A 674 29.32 14.70 9.11
N LEU A 675 30.37 13.94 9.42
CA LEU A 675 31.67 14.57 9.69
C LEU A 675 32.13 15.38 8.50
N ALA A 676 31.99 14.82 7.29
CA ALA A 676 32.40 15.56 6.10
C ALA A 676 31.66 16.87 5.98
N LYS A 677 30.33 16.85 6.15
CA LYS A 677 29.56 18.08 6.05
C LYS A 677 29.88 19.03 7.19
N LEU A 678 30.06 18.50 8.40
CA LEU A 678 30.25 19.35 9.57
C LEU A 678 31.56 20.13 9.49
N GLU A 679 32.57 19.57 8.82
CA GLU A 679 33.90 20.16 8.85
C GLU A 679 33.94 21.56 8.24
N GLN A 680 32.95 21.91 7.41
CA GLN A 680 32.99 23.16 6.68
C GLN A 680 32.47 24.34 7.47
N LEU A 681 31.90 24.13 8.65
CA LEU A 681 31.30 25.23 9.40
C LEU A 681 32.37 26.13 10.00
N PRO A 682 32.05 27.38 10.28
CA PRO A 682 33.02 28.28 10.92
C PRO A 682 32.95 28.18 12.43
N PRO A 683 34.10 28.11 13.11
CA PRO A 683 34.06 27.94 14.56
C PRO A 683 33.48 29.14 15.27
N ARG A 684 32.89 28.89 16.44
CA ARG A 684 32.35 29.92 17.31
C ARG A 684 33.03 29.99 18.67
N ARG A 685 33.89 29.04 19.01
CA ARG A 685 34.56 29.03 20.30
C ARG A 685 36.01 28.61 20.12
N GLN A 686 36.88 29.18 20.96
CA GLN A 686 38.32 28.91 20.92
C GLN A 686 38.76 28.62 22.35
N ALA A 687 38.99 27.35 22.65
CA ALA A 687 39.33 26.93 24.00
C ALA A 687 40.73 27.40 24.37
N GLN A 688 41.22 26.91 25.51
CA GLN A 688 42.57 27.21 25.96
C GLN A 688 42.85 26.40 27.22
N LEU A 689 44.13 26.11 27.45
CA LEU A 689 44.57 25.41 28.64
C LEU A 689 45.09 26.40 29.67
N CYS A 690 44.61 26.27 30.90
CA CYS A 690 45.01 27.16 31.99
C CYS A 690 45.67 26.33 33.08
N THR A 691 46.83 26.77 33.53
CA THR A 691 47.60 26.05 34.53
C THR A 691 47.28 26.61 35.90
N VAL A 692 46.66 25.79 36.75
CA VAL A 692 46.45 26.20 38.13
C VAL A 692 47.75 26.09 38.89
N HIS A 693 47.86 26.85 39.98
CA HIS A 693 49.03 26.85 40.84
C HIS A 693 48.59 26.44 42.23
N ALA A 694 49.20 25.36 42.74
CA ALA A 694 48.84 24.81 44.04
C ALA A 694 50.09 24.72 44.91
N ALA A 695 49.98 25.19 46.14
CA ALA A 695 51.05 25.06 47.12
C ALA A 695 50.78 23.98 48.16
N GLY A 696 49.55 23.91 48.67
CA GLY A 696 49.20 22.91 49.65
C GLY A 696 47.90 22.23 49.27
N GLU A 697 47.78 20.98 49.70
CA GLU A 697 46.61 20.15 49.37
C GLU A 697 45.44 20.38 50.31
N ALA A 698 45.58 21.26 51.30
CA ALA A 698 44.45 21.60 52.15
C ALA A 698 43.34 22.23 51.32
N ARG A 699 42.12 21.72 51.49
CA ARG A 699 41.00 22.24 50.70
C ARG A 699 40.75 23.71 50.92
N PRO A 700 40.73 24.23 52.15
CA PRO A 700 40.44 25.67 52.30
C PRO A 700 41.44 26.57 51.59
N ALA A 701 42.73 26.43 51.90
CA ALA A 701 43.74 27.30 51.28
C ALA A 701 43.79 27.08 49.78
N LEU A 702 43.60 25.84 49.33
CA LEU A 702 43.55 25.57 47.90
C LEU A 702 42.42 26.36 47.26
N CYS A 703 41.26 26.38 47.91
CA CYS A 703 40.13 27.16 47.38
C CYS A 703 40.47 28.64 47.37
N ARG A 704 41.14 29.14 48.41
CA ARG A 704 41.50 30.55 48.43
C ARG A 704 42.39 30.90 47.24
N GLU A 705 43.43 30.10 47.01
CA GLU A 705 44.32 30.37 45.89
C GLU A 705 43.58 30.26 44.57
N LEU A 706 42.68 29.27 44.45
CA LEU A 706 41.93 29.10 43.22
C LEU A 706 41.06 30.31 42.96
N ALA A 707 40.40 30.84 43.98
CA ALA A 707 39.58 32.03 43.80
C ALA A 707 40.44 33.23 43.44
N GLY A 708 41.62 33.35 44.06
CA GLY A 708 42.50 34.44 43.73
C GLY A 708 42.89 34.44 42.26
N GLN A 709 43.27 33.26 41.75
CA GLN A 709 43.58 33.16 40.32
C GLN A 709 42.35 33.39 39.46
N MET A 710 41.21 32.87 39.90
CA MET A 710 40.00 32.99 39.10
C MET A 710 39.60 34.44 38.93
N ASN A 711 39.81 35.26 39.96
CA ASN A 711 39.45 36.68 39.86
C ASN A 711 40.22 37.35 38.74
N THR A 712 41.53 37.08 38.66
CA THR A 712 42.32 37.64 37.58
C THR A 712 41.84 37.12 36.23
N TRP A 713 41.53 35.83 36.15
CA TRP A 713 41.00 35.29 34.91
C TRP A 713 39.71 35.99 34.54
N MET A 714 38.86 36.28 35.52
CA MET A 714 37.59 36.94 35.25
C MET A 714 37.84 38.32 34.68
N ALA A 715 38.72 39.09 35.32
CA ALA A 715 39.01 40.43 34.83
C ALA A 715 39.51 40.37 33.39
N ASP A 716 40.50 39.52 33.13
CA ASP A 716 41.09 39.46 31.80
C ASP A 716 40.05 39.05 30.77
N LEU A 717 39.29 38.00 31.05
CA LEU A 717 38.36 37.47 30.07
C LEU A 717 37.20 38.42 29.82
N HIS A 718 36.75 39.13 30.87
CA HIS A 718 35.73 40.15 30.66
C HIS A 718 36.27 41.29 29.82
N ARG A 719 37.51 41.70 30.05
CA ARG A 719 38.13 42.68 29.18
C ARG A 719 38.12 42.20 27.73
N CYS A 720 38.40 40.92 27.52
CA CYS A 720 38.41 40.38 26.17
C CYS A 720 37.03 40.49 25.51
N HIS A 721 36.01 39.99 26.19
CA HIS A 721 34.65 39.95 25.66
C HIS A 721 33.71 40.73 26.57
N HIS A 722 32.81 41.49 25.96
CA HIS A 722 31.82 42.24 26.72
C HIS A 722 30.84 42.86 25.75
N THR A 723 29.67 43.22 26.28
CA THR A 723 28.63 43.90 25.51
C THR A 723 28.37 45.25 26.15
N GLU A 724 28.40 46.30 25.33
CA GLU A 724 28.33 47.67 25.79
C GLU A 724 27.03 48.34 25.33
N HIS A 725 26.54 49.26 26.15
CA HIS A 725 25.34 50.01 25.85
C HIS A 725 25.38 51.32 26.60
N GLN A 726 25.44 52.43 25.86
CA GLN A 726 25.46 53.76 26.45
C GLN A 726 26.58 53.88 27.48
N GLY A 727 27.73 53.30 27.15
CA GLY A 727 28.89 53.42 27.99
C GLY A 727 28.94 52.47 29.18
N ARG A 728 28.12 51.42 29.18
CA ARG A 728 28.10 50.45 30.26
C ARG A 728 28.31 49.05 29.68
N ARG A 729 29.19 48.27 30.31
CA ARG A 729 29.58 46.96 29.82
C ARG A 729 29.18 45.88 30.83
N ILE A 730 28.57 44.80 30.32
CA ILE A 730 28.12 43.68 31.13
C ILE A 730 28.41 42.38 30.39
N SER A 731 28.39 41.28 31.13
CA SER A 731 28.69 39.97 30.55
C SER A 731 28.11 38.87 31.44
N PHE A 732 27.94 37.69 30.86
CA PHE A 732 27.34 36.54 31.54
C PHE A 732 28.33 35.38 31.55
N GLY A 733 28.63 34.87 32.75
CA GLY A 733 29.69 33.90 32.92
C GLY A 733 29.16 32.55 33.34
N LEU A 734 30.07 31.59 33.40
CA LEU A 734 29.75 30.23 33.81
C LEU A 734 30.98 29.60 34.45
N LEU A 735 30.82 29.09 35.66
CA LEU A 735 31.90 28.44 36.41
C LEU A 735 31.42 27.05 36.78
N ARG A 736 31.75 26.05 35.95
CA ARG A 736 31.33 24.68 36.18
C ARG A 736 32.34 23.97 37.07
N LEU A 737 31.86 23.01 37.86
CA LEU A 737 32.72 22.22 38.72
C LEU A 737 32.17 20.80 38.77
N ALA A 738 32.85 19.94 39.54
CA ALA A 738 32.50 18.52 39.60
C ALA A 738 31.58 18.19 40.77
N ASN A 739 32.03 18.45 41.99
CA ASN A 739 31.34 18.02 43.19
C ASN A 739 30.80 19.22 43.96
N ILE A 740 29.82 18.94 44.83
CA ILE A 740 29.06 20.01 45.47
C ILE A 740 29.88 20.65 46.58
N GLU A 741 30.60 19.85 47.37
CA GLU A 741 31.36 20.42 48.48
C GLU A 741 32.45 21.38 48.00
N PRO A 742 33.30 21.03 47.04
CA PRO A 742 34.22 22.03 46.51
C PRO A 742 33.49 23.21 45.90
N LEU A 743 32.34 22.99 45.27
CA LEU A 743 31.61 24.09 44.67
C LEU A 743 31.21 25.12 45.71
N ILE A 744 30.59 24.66 46.81
CA ILE A 744 30.15 25.59 47.84
C ILE A 744 31.35 26.24 48.53
N GLU A 745 32.44 25.49 48.71
CA GLU A 745 33.61 26.11 49.31
C GLU A 745 34.15 27.23 48.43
N LEU A 746 34.21 26.99 47.12
CA LEU A 746 34.65 28.03 46.20
C LEU A 746 33.72 29.22 46.22
N ALA A 747 32.40 28.96 46.33
CA ALA A 747 31.46 30.06 46.41
C ALA A 747 31.71 30.92 47.63
N GLN A 748 31.91 30.28 48.79
CA GLN A 748 32.19 31.05 50.00
C GLN A 748 33.48 31.84 49.85
N ALA A 749 34.52 31.22 49.30
CA ALA A 749 35.78 31.92 49.13
C ALA A 749 35.60 33.15 48.25
N ILE A 750 34.94 32.99 47.10
CA ILE A 750 34.81 34.12 46.19
C ILE A 750 33.97 35.22 46.81
N LEU A 751 32.94 34.85 47.60
CA LEU A 751 32.17 35.87 48.27
C LEU A 751 33.03 36.65 49.25
N ALA A 752 33.88 35.94 50.00
CA ALA A 752 34.74 36.61 50.95
C ALA A 752 35.73 37.54 50.26
N GLN A 753 36.32 37.10 49.15
CA GLN A 753 37.39 37.86 48.52
C GLN A 753 36.87 39.18 47.95
N GLY A 754 35.74 39.15 47.25
CA GLY A 754 35.20 40.33 46.61
C GLY A 754 35.71 40.50 45.19
N ALA A 755 35.02 41.36 44.45
CA ALA A 755 35.31 41.59 43.04
C ALA A 755 36.62 42.36 42.88
N PRO A 756 37.24 42.27 41.69
CA PRO A 756 38.45 43.08 41.44
C PRO A 756 38.14 44.56 41.33
N GLU A 757 39.18 45.37 41.11
CA GLU A 757 38.99 46.82 41.01
C GLU A 757 38.24 47.18 39.73
N GLY A 758 37.31 48.12 39.85
CA GLY A 758 36.59 48.64 38.71
C GLY A 758 35.49 47.74 38.19
N LEU A 759 35.25 46.60 38.83
CA LEU A 759 34.27 45.63 38.36
C LEU A 759 33.30 45.28 39.46
N HIS A 760 32.08 44.94 39.07
CA HIS A 760 31.05 44.48 39.99
C HIS A 760 30.59 43.09 39.57
N VAL A 761 30.39 42.22 40.55
CA VAL A 761 30.16 40.81 40.33
C VAL A 761 28.81 40.42 40.94
N HIS A 762 27.99 39.74 40.15
CA HIS A 762 26.74 39.15 40.62
C HIS A 762 26.90 37.63 40.60
N LEU A 763 26.62 37.00 41.73
CA LEU A 763 26.82 35.57 41.90
C LEU A 763 25.48 34.88 42.08
N CYS A 764 25.38 33.64 41.60
CA CYS A 764 24.14 32.88 41.68
C CYS A 764 24.49 31.40 41.79
N VAL A 765 24.63 30.89 43.01
CA VAL A 765 24.95 29.48 43.21
C VAL A 765 23.77 28.64 42.76
N TYR A 766 24.04 27.47 42.21
CA TYR A 766 23.00 26.68 41.56
C TYR A 766 23.47 25.23 41.47
N HIS A 767 22.98 24.39 42.36
CA HIS A 767 23.31 22.96 42.34
C HIS A 767 22.06 22.17 42.71
N SER A 768 22.23 20.88 42.97
CA SER A 768 21.11 19.97 43.20
C SER A 768 20.80 19.72 44.67
N ARG A 769 21.48 20.41 45.58
CA ARG A 769 21.23 20.22 47.00
C ARG A 769 20.26 21.24 47.56
N HIS A 770 19.69 22.10 46.73
CA HIS A 770 18.66 23.02 47.19
C HIS A 770 17.33 22.30 47.35
N PRO A 771 16.41 22.83 48.14
CA PRO A 771 15.06 22.29 48.15
C PRO A 771 14.43 22.41 46.77
N LEU A 772 13.62 21.40 46.42
CA LEU A 772 13.19 21.27 45.03
C LEU A 772 12.44 22.49 44.54
N LEU A 773 11.54 23.04 45.36
CA LEU A 773 10.81 24.23 44.93
C LEU A 773 11.76 25.41 44.71
N VAL A 774 12.73 25.56 45.61
CA VAL A 774 13.70 26.64 45.47
C VAL A 774 14.50 26.46 44.19
N ARG A 775 14.91 25.23 43.91
CA ARG A 775 15.66 24.97 42.69
C ARG A 775 14.83 25.29 41.45
N SER A 776 13.54 24.92 41.48
CA SER A 776 12.68 25.24 40.34
C SER A 776 12.57 26.74 40.15
N ALA A 777 12.43 27.49 41.25
CA ALA A 777 12.34 28.95 41.12
C ALA A 777 13.63 29.54 40.57
N ILE A 778 14.78 29.07 41.06
CA ILE A 778 16.07 29.53 40.55
C ILE A 778 16.17 29.27 39.06
N GLU A 779 15.76 28.07 38.64
CA GLU A 779 15.87 27.71 37.24
C GLU A 779 14.93 28.55 36.40
N ARG A 780 13.75 28.86 36.92
CA ARG A 780 12.83 29.76 36.23
C ARG A 780 13.45 31.12 36.00
N GLN A 781 14.01 31.71 37.06
CA GLN A 781 14.61 33.03 36.92
C GLN A 781 15.75 33.00 35.91
N LEU A 782 16.64 32.01 36.01
CA LEU A 782 17.77 31.94 35.11
C LEU A 782 17.32 31.78 33.67
N ASP A 783 16.35 30.90 33.42
CA ASP A 783 15.85 30.73 32.07
C ASP A 783 15.27 32.03 31.54
N GLU A 784 14.56 32.77 32.39
CA GLU A 784 13.99 34.04 31.95
C GLU A 784 15.07 35.04 31.58
N LEU A 785 16.12 35.13 32.38
CA LEU A 785 17.09 36.22 32.28
C LEU A 785 18.30 35.90 31.41
N LEU A 786 18.32 34.75 30.73
CA LEU A 786 19.49 34.33 29.96
C LEU A 786 19.07 33.89 28.57
N LYS A 787 18.26 34.71 27.91
CA LYS A 787 17.94 34.55 26.49
C LYS A 787 18.60 35.69 25.73
N ARG A 788 19.39 35.34 24.72
CA ARG A 788 20.19 36.30 23.99
C ARG A 788 19.86 36.25 22.50
N SER A 789 20.20 37.34 21.81
CA SER A 789 20.04 37.43 20.37
C SER A 789 20.97 38.53 19.86
N ASP A 790 20.83 38.86 18.58
CA ASP A 790 21.68 39.85 17.94
C ASP A 790 21.13 41.25 18.15
N ASP A 791 22.04 42.22 18.22
CA ASP A 791 21.71 43.65 18.33
C ASP A 791 20.54 43.87 19.29
N ASP A 792 20.65 43.26 20.47
CA ASP A 792 19.60 43.32 21.48
C ASP A 792 20.08 44.01 22.76
N ALA A 793 21.12 44.85 22.65
CA ALA A 793 21.64 45.52 23.83
C ALA A 793 20.54 46.31 24.54
N ALA A 794 19.78 47.11 23.79
CA ALA A 794 18.70 47.89 24.40
C ALA A 794 17.65 46.96 25.02
N ALA A 795 17.23 45.93 24.28
CA ALA A 795 16.20 45.05 24.78
C ALA A 795 16.65 44.36 26.06
N LEU A 796 17.87 43.82 26.06
CA LEU A 796 18.36 43.14 27.26
C LEU A 796 18.48 44.12 28.42
N PHE A 797 19.02 45.31 28.18
CA PHE A 797 19.13 46.31 29.24
C PHE A 797 17.77 46.80 29.69
N ALA A 798 16.74 46.66 28.85
CA ALA A 798 15.39 47.03 29.23
C ALA A 798 14.74 46.02 30.17
N ARG A 799 15.38 44.88 30.42
CA ARG A 799 14.80 43.87 31.28
C ARG A 799 14.71 44.39 32.72
N PRO A 800 13.65 44.02 33.45
CA PRO A 800 13.46 44.62 34.79
C PRO A 800 14.63 44.41 35.73
N THR A 801 15.04 43.16 35.97
CA THR A 801 16.06 42.91 36.99
C THR A 801 17.37 43.57 36.62
N LEU A 802 17.77 43.50 35.35
CA LEU A 802 19.01 44.13 34.94
C LEU A 802 18.95 45.63 35.14
N ALA A 803 17.82 46.26 34.76
CA ALA A 803 17.68 47.70 34.94
C ALA A 803 17.75 48.07 36.41
N LYS A 804 17.07 47.30 37.27
CA LYS A 804 17.12 47.59 38.70
C LYS A 804 18.54 47.47 39.23
N ALA A 805 19.24 46.40 38.86
CA ALA A 805 20.59 46.21 39.35
C ALA A 805 21.49 47.35 38.91
N LEU A 806 21.37 47.77 37.64
CA LEU A 806 22.26 48.79 37.12
C LEU A 806 21.95 50.17 37.71
N GLN A 807 20.66 50.46 37.90
CA GLN A 807 20.27 51.79 38.36
C GLN A 807 20.91 52.14 39.70
N ALA A 808 20.95 51.17 40.61
CA ALA A 808 21.50 51.39 41.95
C ALA A 808 22.99 51.06 42.04
N SER A 809 23.73 51.22 40.94
CA SER A 809 25.15 50.93 40.91
C SER A 809 25.93 52.13 40.42
N THR A 810 27.14 52.31 40.96
CA THR A 810 28.00 53.42 40.62
C THR A 810 29.16 53.04 39.70
N GLU A 811 29.36 51.76 39.44
CA GLU A 811 30.44 51.29 38.60
C GLU A 811 30.01 51.32 37.13
N ARG A 812 30.99 51.21 36.24
CA ARG A 812 30.73 51.19 34.81
C ARG A 812 30.78 49.79 34.20
N ASP A 813 31.34 48.80 34.92
CA ASP A 813 31.43 47.43 34.45
C ASP A 813 30.80 46.50 35.48
N HIS A 814 30.05 45.51 35.00
CA HIS A 814 29.38 44.56 35.87
C HIS A 814 29.57 43.15 35.34
N LEU A 815 29.64 42.19 36.26
CA LEU A 815 29.88 40.80 35.94
C LEU A 815 28.78 39.94 36.54
N PHE A 816 28.14 39.12 35.70
CA PHE A 816 27.08 38.23 36.14
C PHE A 816 27.53 36.79 35.87
N VAL A 817 27.59 35.99 36.92
CA VAL A 817 28.21 34.66 36.88
C VAL A 817 27.24 33.62 37.44
N VAL A 818 27.32 32.41 36.90
CA VAL A 818 26.42 31.32 37.28
C VAL A 818 27.32 30.18 37.75
N LEU A 819 27.59 30.13 39.05
CA LEU A 819 28.49 29.10 39.60
C LEU A 819 27.70 27.80 39.69
N ALA A 820 27.55 27.13 38.56
CA ALA A 820 26.65 26.00 38.41
C ALA A 820 27.32 24.69 38.77
N SER A 821 26.54 23.63 38.71
CA SER A 821 27.00 22.26 38.90
C SER A 821 26.66 21.48 37.63
N PRO A 822 27.09 20.22 37.52
CA PRO A 822 26.81 19.46 36.30
C PRO A 822 25.34 19.48 35.88
N VAL A 823 24.45 19.84 36.80
CA VAL A 823 23.03 19.90 36.47
C VAL A 823 22.80 20.86 35.30
N ALA A 824 23.68 21.83 35.12
CA ALA A 824 23.53 22.78 34.02
C ALA A 824 23.71 22.13 32.66
N GLU A 825 24.21 20.89 32.61
CA GLU A 825 24.47 20.27 31.32
C GLU A 825 23.18 19.91 30.59
N VAL A 826 22.15 19.46 31.32
CA VAL A 826 20.98 18.83 30.72
C VAL A 826 19.79 19.77 30.80
N GLY A 827 19.17 20.02 29.65
CA GLY A 827 17.89 20.69 29.59
C GLY A 827 17.90 22.18 29.73
N ARG A 828 19.07 22.81 29.76
CA ARG A 828 19.18 24.25 30.00
C ARG A 828 19.49 24.95 28.67
N ASP A 829 18.56 25.77 28.21
CA ASP A 829 18.73 26.51 26.96
C ASP A 829 19.16 27.95 27.26
N HIS A 830 20.38 28.07 27.74
CA HIS A 830 20.98 29.34 28.13
C HIS A 830 21.94 29.83 27.07
N ASP A 831 22.69 30.88 27.39
CA ASP A 831 23.75 31.40 26.53
C ASP A 831 24.62 32.32 27.36
N TYR A 832 25.93 32.06 27.35
CA TYR A 832 26.88 32.78 28.17
C TYR A 832 27.96 33.40 27.30
N ASP A 833 28.43 34.57 27.72
CA ASP A 833 29.48 35.24 26.98
C ASP A 833 30.79 34.47 27.07
N TRP A 834 30.95 33.62 28.07
CA TRP A 834 32.19 32.88 28.27
C TRP A 834 31.93 31.82 29.33
N ALA A 835 32.99 31.08 29.67
CA ALA A 835 32.88 30.03 30.67
C ALA A 835 34.27 29.64 31.14
N ILE A 836 34.30 28.94 32.28
CA ILE A 836 35.51 28.29 32.77
C ILE A 836 35.11 26.91 33.28
N VAL A 837 35.62 25.87 32.64
CA VAL A 837 35.12 24.50 32.81
C VAL A 837 36.20 23.66 33.47
N GLU A 838 35.83 22.97 34.54
CA GLU A 838 36.74 22.00 35.13
C GLU A 838 36.64 20.68 34.37
N PRO A 839 37.75 19.98 34.14
CA PRO A 839 37.71 18.80 33.28
C PRO A 839 37.32 17.54 34.06
N SER A 840 36.31 16.85 33.58
CA SER A 840 35.95 15.54 34.12
C SER A 840 35.81 14.47 33.03
N SER A 841 35.26 14.82 31.88
CA SER A 841 35.10 13.86 30.79
C SER A 841 34.83 14.64 29.51
N MET A 842 35.04 13.96 28.37
CA MET A 842 34.92 14.63 27.08
C MET A 842 33.49 15.09 26.81
N ARG A 843 32.51 14.28 27.20
CA ARG A 843 31.11 14.68 26.99
C ARG A 843 30.82 15.99 27.70
N SER A 844 31.33 16.14 28.93
CA SER A 844 31.12 17.39 29.64
C SER A 844 31.75 18.55 28.89
N ILE A 845 32.97 18.37 28.38
CA ILE A 845 33.66 19.46 27.70
C ILE A 845 32.88 19.89 26.47
N ILE A 846 32.41 18.93 25.68
CA ILE A 846 31.65 19.29 24.49
C ILE A 846 30.33 19.95 24.87
N GLN A 847 29.59 19.37 25.81
CA GLN A 847 28.27 19.88 26.13
C GLN A 847 28.35 21.30 26.69
N LEU A 848 29.30 21.55 27.59
CA LEU A 848 29.48 22.90 28.10
C LEU A 848 29.90 23.85 26.98
N ALA A 849 30.72 23.37 26.05
CA ALA A 849 31.15 24.21 24.94
C ALA A 849 29.97 24.65 24.09
N GLY A 850 28.99 23.77 23.86
CA GLY A 850 27.84 24.15 23.08
C GLY A 850 27.06 25.31 23.65
N ARG A 851 27.21 25.57 24.94
CA ARG A 851 26.50 26.68 25.56
C ARG A 851 27.03 28.02 25.04
N ILE A 852 28.34 28.16 24.90
CA ILE A 852 28.92 29.47 24.63
C ILE A 852 28.39 30.00 23.31
N ARG A 853 27.89 31.23 23.33
CA ARG A 853 27.40 31.90 22.13
C ARG A 853 26.39 31.01 21.41
N ARG A 854 25.48 30.42 22.17
CA ARG A 854 24.49 29.51 21.60
C ARG A 854 23.63 30.21 20.56
N HIS A 855 23.23 31.45 20.84
CA HIS A 855 22.30 32.17 19.98
C HIS A 855 22.92 33.34 19.23
N ARG A 856 24.09 33.81 19.64
CA ARG A 856 24.71 35.01 19.06
C ARG A 856 25.78 34.59 18.07
N SER A 857 25.60 34.97 16.80
CA SER A 857 26.54 34.63 15.75
C SER A 857 27.74 35.57 15.78
N GLY A 858 28.66 35.35 14.85
CA GLY A 858 29.90 36.09 14.82
C GLY A 858 30.89 35.58 15.87
N PHE A 859 32.15 35.96 15.68
CA PHE A 859 33.19 35.53 16.61
C PHE A 859 34.42 36.40 16.39
N SER A 860 34.94 36.97 17.48
CA SER A 860 36.11 37.84 17.39
C SER A 860 37.41 37.06 17.26
N GLY A 861 37.36 35.73 17.33
CA GLY A 861 38.56 34.93 17.23
C GLY A 861 39.38 34.84 18.49
N GLU A 862 38.93 35.45 19.58
CA GLU A 862 39.64 35.42 20.83
C GLU A 862 39.17 34.25 21.70
N ALA A 863 40.11 33.68 22.44
CA ALA A 863 39.78 32.57 23.33
C ALA A 863 38.71 33.00 24.32
N ASN A 864 37.68 32.15 24.47
CA ASN A 864 36.57 32.46 25.36
C ASN A 864 36.11 31.25 26.16
N LEU A 865 36.98 30.24 26.31
CA LEU A 865 36.62 29.04 27.07
C LEU A 865 37.92 28.48 27.67
N TYR A 866 38.20 28.90 28.89
CA TYR A 866 39.38 28.39 29.57
C TYR A 866 39.14 26.94 29.96
N LEU A 867 40.22 26.28 30.39
CA LEU A 867 40.15 24.92 30.90
C LEU A 867 41.22 24.76 31.97
N LEU A 868 40.85 24.15 33.09
CA LEU A 868 41.83 23.88 34.12
C LEU A 868 42.73 22.72 33.69
N SER A 869 44.03 22.90 33.88
CA SER A 869 44.98 21.87 33.48
C SER A 869 44.71 20.56 34.20
N ARG A 870 44.38 20.63 35.48
CA ARG A 870 44.09 19.45 36.28
C ARG A 870 42.77 19.65 37.00
N ASN A 871 42.03 18.56 37.17
CA ASN A 871 40.79 18.62 37.94
C ASN A 871 41.10 18.69 39.43
N ILE A 872 40.09 19.10 40.21
CA ILE A 872 40.29 19.34 41.63
C ILE A 872 40.74 18.06 42.33
N ARG A 873 40.17 16.92 41.93
CA ARG A 873 40.52 15.67 42.60
C ARG A 873 42.01 15.38 42.46
N SER A 874 42.59 15.69 41.31
CA SER A 874 44.04 15.53 41.15
C SER A 874 44.80 16.42 42.12
N LEU A 875 44.36 17.68 42.27
CA LEU A 875 45.04 18.57 43.19
C LEU A 875 45.04 18.02 44.60
N GLU A 876 44.05 17.21 44.94
CA GLU A 876 43.97 16.58 46.25
C GLU A 876 44.71 15.24 46.29
N GLY A 877 45.40 14.87 45.22
CA GLY A 877 46.16 13.63 45.21
C GLY A 877 45.31 12.39 45.31
N GLN A 878 44.21 12.33 44.54
CA GLN A 878 43.31 11.19 44.55
C GLN A 878 43.53 10.38 43.28
N ASN A 879 43.78 9.08 43.46
CA ASN A 879 43.98 8.15 42.34
C ASN A 879 42.92 7.07 42.41
N PRO A 880 42.09 6.88 41.37
CA PRO A 880 42.06 7.59 40.07
C PRO A 880 41.54 9.01 40.23
N ALA A 881 41.80 9.89 39.26
CA ALA A 881 41.39 11.28 39.35
C ALA A 881 40.05 11.53 38.67
N PHE A 882 39.86 10.96 37.48
CA PHE A 882 38.62 11.17 36.70
C PHE A 882 37.62 10.10 37.10
N GLN A 883 37.01 10.31 38.28
CA GLN A 883 36.09 9.33 38.84
C GLN A 883 35.00 10.07 39.61
N ARG A 884 33.76 9.60 39.46
CA ARG A 884 32.64 10.16 40.20
C ARG A 884 32.60 11.67 40.04
N PRO A 885 32.24 12.18 38.86
CA PRO A 885 31.97 11.46 37.61
C PRO A 885 33.28 11.15 36.89
N GLY A 886 33.26 10.28 35.91
CA GLY A 886 34.46 9.99 35.14
C GLY A 886 34.50 8.52 34.77
N PHE A 887 35.49 8.20 33.94
CA PHE A 887 35.67 6.83 33.46
C PHE A 887 36.93 6.16 34.00
N GLU A 888 37.90 6.93 34.48
CA GLU A 888 39.11 6.33 35.01
C GLU A 888 38.75 5.33 36.10
N THR A 889 39.31 4.14 36.00
CA THR A 889 39.07 3.07 36.96
C THR A 889 40.35 2.29 37.15
N PRO A 890 40.47 1.54 38.25
CA PRO A 890 41.70 0.77 38.46
C PRO A 890 42.03 -0.16 37.31
N ASP A 891 41.01 -0.77 36.70
CA ASP A 891 41.24 -1.63 35.56
C ASP A 891 41.63 -0.86 34.31
N PHE A 892 41.36 0.44 34.27
CA PHE A 892 41.69 1.28 33.12
C PHE A 892 42.39 2.54 33.61
N PRO A 893 43.62 2.40 34.11
CA PRO A 893 44.33 3.57 34.64
C PRO A 893 44.81 4.48 33.52
N LEU A 894 45.21 5.69 33.92
CA LEU A 894 45.78 6.68 33.02
C LEU A 894 47.16 7.06 33.53
N ASP A 895 48.12 7.15 32.61
CA ASP A 895 49.50 7.42 33.02
C ASP A 895 49.63 8.80 33.67
N SER A 896 49.16 9.83 32.97
CA SER A 896 49.30 11.20 33.43
C SER A 896 47.94 11.88 33.44
N HIS A 897 47.62 12.54 34.55
CA HIS A 897 46.35 13.24 34.68
C HIS A 897 46.37 14.63 34.06
N ASP A 898 47.55 15.17 33.77
CA ASP A 898 47.63 16.51 33.22
C ASP A 898 46.86 16.60 31.90
N LEU A 899 46.09 17.67 31.75
CA LEU A 899 45.34 17.89 30.52
C LEU A 899 46.23 18.27 29.36
N HIS A 900 47.42 18.81 29.62
CA HIS A 900 48.32 19.18 28.54
C HIS A 900 48.67 17.98 27.68
N ASP A 901 48.75 16.79 28.28
CA ASP A 901 49.18 15.59 27.59
C ASP A 901 48.05 14.67 27.18
N LEU A 902 46.86 14.82 27.77
CA LEU A 902 45.74 13.94 27.51
C LEU A 902 44.85 14.41 26.37
N LEU A 903 45.11 15.58 25.80
CA LEU A 903 44.24 16.15 24.78
C LEU A 903 45.07 16.60 23.58
N ASP A 904 44.61 16.22 22.40
CA ASP A 904 45.27 16.64 21.17
C ASP A 904 45.23 18.17 21.07
N PRO A 905 46.32 18.83 20.68
CA PRO A 905 46.28 20.28 20.60
C PRO A 905 45.50 20.80 19.41
N ALA A 906 45.30 19.98 18.38
CA ALA A 906 44.49 20.39 17.25
C ALA A 906 43.05 20.65 17.67
N LEU A 907 42.51 19.79 18.53
CA LEU A 907 41.12 19.91 18.94
C LEU A 907 40.82 21.23 19.64
N LEU A 908 41.83 21.86 20.24
CA LEU A 908 41.58 23.10 20.98
C LEU A 908 40.91 24.14 20.09
N ALA A 909 41.39 24.31 18.86
CA ALA A 909 40.86 25.35 18.00
C ALA A 909 39.45 25.05 17.52
N ARG A 910 38.99 23.82 17.68
CA ARG A 910 37.66 23.44 17.22
C ARG A 910 37.17 22.27 18.06
N ILE A 911 36.18 22.53 18.92
CA ILE A 911 35.65 21.51 19.83
C ILE A 911 34.23 21.21 19.40
N ASP A 912 33.96 19.94 19.12
CA ASP A 912 32.65 19.53 18.64
C ASP A 912 32.46 18.05 18.96
N ALA A 913 31.46 17.43 18.35
CA ALA A 913 31.15 16.03 18.59
C ALA A 913 31.91 15.09 17.67
N SER A 914 32.71 15.61 16.75
CA SER A 914 33.50 14.73 15.89
C SER A 914 34.35 13.74 16.68
N PRO A 915 35.09 14.14 17.71
CA PRO A 915 35.95 13.17 18.39
C PRO A 915 35.18 12.05 19.06
N ARG A 916 33.88 12.22 19.31
CA ARG A 916 33.10 11.24 20.06
C ARG A 916 32.34 10.28 19.17
N ILE A 917 31.77 10.75 18.06
CA ILE A 917 30.82 9.94 17.31
C ILE A 917 31.53 8.92 16.42
N VAL A 918 32.86 8.92 16.42
CA VAL A 918 33.63 7.95 15.66
C VAL A 918 34.71 7.36 16.55
N GLU A 919 35.13 6.14 16.22
CA GLU A 919 36.11 5.44 17.01
C GLU A 919 37.45 5.45 16.29
N PRO A 920 38.46 6.13 16.82
CA PRO A 920 39.77 6.13 16.16
C PRO A 920 40.42 4.76 16.20
N PHE A 921 41.24 4.48 15.19
CA PHE A 921 42.03 3.26 15.13
C PHE A 921 43.47 3.64 14.79
N PRO A 922 44.47 3.23 15.58
CA PRO A 922 44.41 2.37 16.79
C PRO A 922 44.00 3.11 18.05
N LEU A 923 43.57 2.38 19.07
CA LEU A 923 43.17 2.96 20.34
C LEU A 923 44.36 2.99 21.29
N PHE A 924 44.47 4.09 22.05
CA PHE A 924 45.53 4.26 23.03
C PHE A 924 44.88 4.57 24.38
N PRO A 925 44.37 3.55 25.07
CA PRO A 925 43.60 3.80 26.29
C PRO A 925 44.39 4.47 27.40
N ARG A 926 45.72 4.41 27.37
CA ARG A 926 46.54 4.92 28.45
C ARG A 926 46.99 6.36 28.23
N SER A 927 46.59 6.99 27.13
CA SER A 927 47.07 8.34 26.83
C SER A 927 45.94 9.30 26.50
N ARG A 928 44.87 8.80 25.88
CA ARG A 928 43.84 9.66 25.32
C ARG A 928 42.51 9.41 26.01
N LEU A 929 41.82 10.50 26.35
CA LEU A 929 40.57 10.40 27.08
C LEU A 929 39.51 9.70 26.23
N VAL A 930 39.31 10.16 25.00
CA VAL A 930 38.33 9.55 24.11
C VAL A 930 38.69 8.09 23.84
N ASP A 931 39.98 7.79 23.76
CA ASP A 931 40.37 6.39 23.59
C ASP A 931 39.88 5.55 24.76
N LEU A 932 40.07 6.05 25.98
CA LEU A 932 39.64 5.31 27.16
C LEU A 932 38.13 5.08 27.13
N GLU A 933 37.36 6.12 26.82
CA GLU A 933 35.91 5.97 26.81
C GLU A 933 35.47 4.97 25.76
N HIS A 934 36.02 5.06 24.55
CA HIS A 934 35.64 4.12 23.51
C HIS A 934 36.03 2.70 23.90
N ARG A 935 37.20 2.54 24.52
CA ARG A 935 37.63 1.22 24.94
C ARG A 935 36.65 0.62 25.95
N ARG A 936 36.25 1.41 26.95
CA ARG A 936 35.34 0.88 27.96
C ARG A 936 33.99 0.52 27.35
N LEU A 937 33.45 1.40 26.51
CA LEU A 937 32.16 1.13 25.89
C LEU A 937 32.21 -0.13 25.04
N ARG A 938 33.25 -0.28 24.22
CA ARG A 938 33.35 -1.46 23.39
C ARG A 938 33.49 -2.72 24.25
N ALA A 939 34.30 -2.64 25.30
CA ALA A 939 34.50 -3.81 26.15
C ALA A 939 33.21 -4.26 26.79
N LEU A 940 32.41 -3.33 27.30
CA LEU A 940 31.23 -3.72 28.07
C LEU A 940 30.03 -4.00 27.18
N MET A 941 29.70 -3.08 26.27
CA MET A 941 28.44 -3.15 25.57
C MET A 941 28.35 -4.43 24.73
N LEU A 942 29.35 -4.67 23.89
CA LEU A 942 29.29 -5.74 22.91
C LEU A 942 30.36 -6.80 23.05
N ALA A 943 31.56 -6.45 23.51
CA ALA A 943 32.61 -7.46 23.64
C ALA A 943 32.27 -8.44 24.75
N ASP A 944 33.01 -9.54 24.79
CA ASP A 944 32.71 -10.64 25.69
C ASP A 944 33.60 -10.65 26.93
N ASP A 945 34.31 -9.56 27.20
CA ASP A 945 35.16 -9.43 28.38
C ASP A 945 34.77 -8.17 29.13
N PRO A 946 33.55 -8.10 29.64
CA PRO A 946 33.12 -6.93 30.40
C PRO A 946 33.86 -6.83 31.72
N PRO A 947 34.49 -5.69 32.02
CA PRO A 947 35.32 -5.62 33.22
C PRO A 947 34.54 -5.93 34.48
N SER A 948 35.17 -6.67 35.39
CA SER A 948 34.72 -6.94 36.75
C SER A 948 33.46 -7.79 36.81
N SER A 949 32.82 -8.07 35.70
CA SER A 949 31.59 -8.86 35.69
C SER A 949 31.73 -10.14 34.90
N LEU A 950 32.34 -10.09 33.72
CA LEU A 950 32.45 -11.24 32.84
C LEU A 950 31.08 -11.81 32.49
N LEU A 951 30.02 -11.04 32.68
CA LEU A 951 28.66 -11.44 32.36
C LEU A 951 28.18 -10.57 31.19
N GLY A 952 28.19 -11.14 30.00
CA GLY A 952 27.76 -10.37 28.83
C GLY A 952 26.29 -10.01 28.93
N VAL A 953 25.98 -8.80 28.47
CA VAL A 953 24.59 -8.34 28.50
C VAL A 953 23.69 -9.28 27.73
N PRO A 954 24.06 -9.79 26.55
CA PRO A 954 23.15 -10.68 25.82
C PRO A 954 22.67 -11.88 26.62
N LEU A 955 23.18 -12.10 27.83
CA LEU A 955 22.62 -13.14 28.67
C LEU A 955 21.14 -12.89 28.95
N TRP A 956 20.70 -11.63 28.94
CA TRP A 956 19.33 -11.32 29.28
C TRP A 956 18.34 -11.90 28.28
N TRP A 957 18.77 -12.15 27.04
CA TRP A 957 17.89 -12.74 26.03
C TRP A 957 18.47 -13.97 25.36
N GLN A 958 19.64 -14.44 25.77
CA GLN A 958 20.18 -15.70 25.29
C GLN A 958 19.90 -16.86 26.23
N THR A 959 19.52 -16.58 27.46
CA THR A 959 19.21 -17.61 28.45
C THR A 959 17.95 -17.21 29.22
N PRO A 960 17.18 -18.19 29.69
CA PRO A 960 16.00 -17.84 30.49
C PRO A 960 16.37 -17.24 31.82
N ALA A 961 17.06 -16.10 31.80
CA ALA A 961 17.51 -15.45 33.02
C ALA A 961 16.47 -14.49 33.60
N SER A 962 15.39 -14.21 32.88
CA SER A 962 14.35 -13.36 33.40
C SER A 962 13.38 -14.09 34.32
N LEU A 963 13.37 -15.42 34.29
CA LEU A 963 12.52 -16.18 35.21
C LEU A 963 13.00 -16.06 36.64
N SER A 964 14.23 -15.59 36.86
CA SER A 964 14.79 -15.43 38.19
C SER A 964 15.53 -14.11 38.26
N GLY A 965 15.39 -13.42 39.39
CA GLY A 965 16.05 -12.14 39.56
C GLY A 965 17.51 -12.27 39.89
N ALA A 966 18.32 -12.70 38.92
CA ALA A 966 19.75 -12.89 39.11
C ALA A 966 20.57 -11.77 38.50
N LEU A 967 20.33 -11.45 37.24
CA LEU A 967 21.11 -10.42 36.57
C LEU A 967 20.91 -9.05 37.21
N GLN A 968 19.71 -8.80 37.74
CA GLN A 968 19.43 -7.51 38.35
C GLN A 968 20.30 -7.24 39.57
N THR A 969 20.94 -8.27 40.12
CA THR A 969 21.79 -8.11 41.29
C THR A 969 23.27 -8.00 40.93
N SER A 970 23.74 -8.76 39.94
CA SER A 970 25.15 -8.70 39.58
C SER A 970 25.49 -7.43 38.81
N GLN A 971 24.50 -6.79 38.19
CA GLN A 971 24.70 -5.56 37.44
C GLN A 971 23.66 -4.55 37.89
N PRO A 972 23.70 -4.16 39.15
CA PRO A 972 22.62 -3.34 39.70
C PRO A 972 22.50 -2.00 39.01
N PHE A 973 21.49 -1.23 39.41
CA PHE A 973 21.19 0.07 38.81
C PHE A 973 21.30 1.14 39.87
N ARG A 974 22.06 2.19 39.59
CA ARG A 974 22.23 3.30 40.53
C ARG A 974 22.68 2.79 41.90
N ALA A 975 23.56 1.80 41.90
CA ALA A 975 24.08 1.29 43.15
C ALA A 975 25.05 2.29 43.78
N GLY A 976 25.26 2.15 45.08
CA GLY A 976 26.16 3.00 45.81
C GLY A 976 25.60 3.31 47.18
N ALA A 977 26.21 4.30 47.83
CA ALA A 977 25.78 4.68 49.17
C ALA A 977 24.31 5.09 49.16
N LYS A 978 23.56 4.58 50.13
CA LYS A 978 22.15 4.91 50.24
C LYS A 978 21.99 6.38 50.60
N GLU A 979 20.87 6.96 50.16
CA GLU A 979 20.54 8.35 50.43
C GLU A 979 19.21 8.42 51.17
N ARG A 980 18.99 9.53 51.88
CA ARG A 980 17.78 9.72 52.67
C ARG A 980 17.15 11.05 52.32
N CYS A 981 15.82 11.11 52.44
CA CYS A 981 15.04 12.28 52.08
C CYS A 981 14.79 13.15 53.31
N TYR A 982 15.10 14.43 53.19
CA TYR A 982 14.89 15.42 54.24
C TYR A 982 13.96 16.51 53.72
N ALA A 983 13.58 17.42 54.61
CA ALA A 983 12.70 18.51 54.23
C ALA A 983 12.57 19.50 55.38
N LEU A 984 12.32 20.75 55.03
CA LEU A 984 12.10 21.83 56.00
C LEU A 984 10.59 21.98 56.17
N LEU A 985 10.06 21.42 57.26
CA LEU A 985 8.63 21.41 57.49
C LEU A 985 8.25 22.42 58.57
N PRO A 986 7.26 23.28 58.35
CA PRO A 986 6.80 24.15 59.42
C PRO A 986 6.12 23.36 60.53
N ASP A 987 6.17 23.91 61.75
CA ASP A 987 5.52 23.27 62.87
C ASP A 987 4.01 23.19 62.64
N GLU A 988 3.40 22.13 63.19
CA GLU A 988 1.98 21.91 62.96
C GLU A 988 1.14 23.07 63.47
N ASP A 989 1.47 23.58 64.67
CA ASP A 989 0.68 24.64 65.28
C ASP A 989 1.30 26.02 65.11
N ASP A 990 2.58 26.10 64.75
CA ASP A 990 3.27 27.38 64.54
C ASP A 990 3.85 27.37 63.14
N GLU A 991 3.17 28.04 62.20
CA GLU A 991 3.67 28.11 60.84
C GLU A 991 5.01 28.83 60.76
N GLU A 992 5.31 29.71 61.71
CA GLU A 992 6.54 30.48 61.67
C GLU A 992 7.75 29.69 62.15
N ARG A 993 7.54 28.48 62.67
CA ARG A 993 8.63 27.64 63.14
C ARG A 993 8.87 26.54 62.11
N LEU A 994 10.08 26.52 61.55
CA LEU A 994 10.47 25.53 60.55
C LEU A 994 11.37 24.49 61.20
N HIS A 995 11.03 23.22 61.02
CA HIS A 995 11.73 22.11 61.64
C HIS A 995 12.46 21.30 60.58
N PHE A 996 13.65 20.81 60.93
CA PHE A 996 14.41 19.93 60.04
C PHE A 996 14.04 18.50 60.40
N SER A 997 13.20 17.89 59.59
CA SER A 997 12.64 16.57 59.86
C SER A 997 13.09 15.58 58.81
N ARG A 998 13.21 14.32 59.23
CA ARG A 998 13.58 13.22 58.36
C ARG A 998 12.34 12.44 57.96
N TYR A 999 12.40 11.81 56.80
CA TYR A 999 11.28 11.01 56.30
C TYR A 999 11.38 9.59 56.84
N GLU A 1000 10.54 9.27 57.81
CA GLU A 1000 10.46 7.92 58.33
C GLU A 1000 9.39 7.15 57.54
N GLU A 1001 9.04 5.96 58.01
CA GLU A 1001 8.13 5.06 57.29
C GLU A 1001 6.74 5.68 57.30
N GLY A 1002 6.53 6.64 56.40
CA GLY A 1002 5.25 7.30 56.29
C GLY A 1002 4.99 8.38 57.30
N THR A 1003 5.96 8.69 58.16
CA THR A 1003 5.84 9.77 59.13
C THR A 1003 7.14 10.58 59.15
N TRP A 1004 7.01 11.87 59.39
CA TRP A 1004 8.15 12.78 59.49
C TRP A 1004 8.49 12.96 60.96
N SER A 1005 9.71 12.59 61.33
CA SER A 1005 10.19 12.76 62.70
C SER A 1005 11.09 13.98 62.75
N ASN A 1006 10.86 14.85 63.74
CA ASN A 1006 11.70 16.02 63.90
C ASN A 1006 13.13 15.61 64.18
N GLN A 1007 14.07 16.28 63.53
CA GLN A 1007 15.50 16.04 63.72
C GLN A 1007 16.23 17.37 63.84
N ASP A 1008 15.64 18.32 64.55
CA ASP A 1008 16.19 19.67 64.61
C ASP A 1008 17.59 19.69 65.21
N ASN A 1009 17.97 18.65 65.94
CA ASN A 1009 19.31 18.57 66.50
C ASN A 1009 20.38 18.55 65.42
N LEU A 1010 20.09 17.95 64.26
CA LEU A 1010 21.10 17.72 63.24
C LEU A 1010 21.46 18.98 62.45
N LEU A 1011 20.65 20.03 62.54
CA LEU A 1011 20.82 21.21 61.70
C LEU A 1011 21.53 22.31 62.47
N ARG A 1012 22.16 23.22 61.72
CA ARG A 1012 22.90 24.31 62.31
C ARG A 1012 22.96 25.45 61.30
N ASN A 1013 23.11 26.66 61.81
CA ASN A 1013 23.15 27.85 60.97
C ASN A 1013 24.59 28.25 60.66
N LEU A 1014 24.80 28.75 59.44
CA LEU A 1014 26.10 29.20 58.97
C LEU A 1014 26.01 30.64 58.54
N ASP A 1015 27.06 31.40 58.80
CA ASP A 1015 27.11 32.83 58.53
C ASP A 1015 27.90 33.13 57.27
N LEU A 1016 27.65 34.30 56.71
CA LEU A 1016 28.27 34.74 55.46
C LEU A 1016 28.92 36.10 55.64
N THR A 1017 29.99 36.32 54.90
CA THR A 1017 30.70 37.59 54.88
C THR A 1017 30.85 38.06 53.44
N TYR A 1018 30.76 39.37 53.23
CA TYR A 1018 30.75 39.95 51.90
C TYR A 1018 31.94 40.88 51.73
N GLY A 1019 32.28 41.16 50.47
CA GLY A 1019 33.35 42.06 50.13
C GLY A 1019 32.84 43.29 49.40
N PRO A 1020 33.75 43.97 48.70
CA PRO A 1020 33.35 45.18 47.97
C PRO A 1020 32.75 44.87 46.60
N ARG A 1021 31.73 45.63 46.24
CA ARG A 1021 31.14 45.60 44.91
C ARG A 1021 30.74 44.18 44.52
N ILE A 1022 30.21 43.44 45.48
CA ILE A 1022 29.83 42.05 45.30
C ILE A 1022 28.43 41.82 45.87
N GLN A 1023 27.59 41.14 45.10
CA GLN A 1023 26.24 40.84 45.54
C GLN A 1023 25.75 39.61 44.80
N THR A 1024 24.66 39.03 45.30
CA THR A 1024 24.06 37.85 44.71
C THR A 1024 22.84 38.23 43.88
N TRP A 1025 22.49 37.36 42.94
CA TRP A 1025 21.32 37.56 42.10
C TRP A 1025 20.67 36.20 41.82
N GLY A 1026 19.38 36.24 41.52
CA GLY A 1026 18.65 35.03 41.23
C GLY A 1026 18.23 34.23 42.45
N THR A 1027 18.44 34.74 43.65
CA THR A 1027 18.08 34.01 44.85
C THR A 1027 16.57 34.00 45.05
N VAL A 1028 16.12 33.18 46.00
CA VAL A 1028 14.71 32.90 46.20
C VAL A 1028 14.39 32.98 47.69
N ASN A 1029 13.15 33.34 48.00
CA ASN A 1029 12.66 33.33 49.38
C ASN A 1029 11.91 32.03 49.61
N TYR A 1030 12.48 31.16 50.44
CA TYR A 1030 11.91 29.82 50.63
C TYR A 1030 10.49 29.89 51.16
N ARG A 1031 10.27 30.65 52.24
CA ARG A 1031 8.95 30.70 52.84
C ARG A 1031 7.93 31.30 51.88
N GLU A 1032 8.28 32.44 51.27
CA GLU A 1032 7.35 33.09 50.35
C GLU A 1032 7.07 32.19 49.15
N GLU A 1033 8.11 31.53 48.63
CA GLU A 1033 7.91 30.63 47.50
C GLU A 1033 6.98 29.48 47.86
N LEU A 1034 7.16 28.92 49.06
CA LEU A 1034 6.27 27.85 49.50
C LEU A 1034 4.83 28.33 49.61
N VAL A 1035 4.64 29.52 50.19
CA VAL A 1035 3.29 30.06 50.30
C VAL A 1035 2.69 30.25 48.91
N ALA A 1036 3.47 30.77 47.97
CA ALA A 1036 2.97 31.00 46.63
C ALA A 1036 2.58 29.70 45.96
N MET A 1037 3.41 28.66 46.10
CA MET A 1037 3.10 27.37 45.49
C MET A 1037 1.84 26.78 46.10
N ALA A 1038 1.70 26.85 47.42
CA ALA A 1038 0.49 26.36 48.06
C ALA A 1038 -0.74 27.10 47.54
N GLY A 1039 -0.63 28.42 47.39
CA GLY A 1039 -1.74 29.18 46.87
C GLY A 1039 -2.11 28.76 45.47
N ARG A 1040 -1.12 28.60 44.60
CA ARG A 1040 -1.42 28.18 43.23
C ARG A 1040 -2.05 26.80 43.20
N GLU A 1041 -1.57 25.88 44.04
CA GLU A 1041 -2.05 24.51 44.04
C GLU A 1041 -3.27 24.30 44.91
N ASP A 1042 -3.77 25.34 45.57
CA ASP A 1042 -4.97 25.24 46.40
C ASP A 1042 -4.82 24.13 47.44
N LEU A 1043 -3.65 24.10 48.09
CA LEU A 1043 -3.32 23.06 49.03
C LEU A 1043 -2.91 23.66 50.36
N ASP A 1044 -3.05 22.85 51.41
CA ASP A 1044 -2.55 23.25 52.72
C ASP A 1044 -1.05 23.50 52.65
N LEU A 1045 -0.59 24.52 53.38
CA LEU A 1045 0.82 24.88 53.31
C LEU A 1045 1.71 23.72 53.76
N ARG A 1046 1.36 23.07 54.87
CA ARG A 1046 2.16 21.94 55.33
C ARG A 1046 2.19 20.83 54.31
N GLN A 1047 1.05 20.50 53.71
CA GLN A 1047 1.02 19.44 52.71
C GLN A 1047 1.88 19.81 51.50
N CYS A 1048 1.85 21.08 51.09
CA CYS A 1048 2.67 21.51 49.95
C CYS A 1048 4.15 21.38 50.28
N ALA A 1049 4.54 21.76 51.49
CA ALA A 1049 5.94 21.58 51.90
C ALA A 1049 6.31 20.11 51.92
N MET A 1050 5.40 19.25 52.35
CA MET A 1050 5.66 17.81 52.31
C MET A 1050 5.87 17.33 50.89
N ARG A 1051 5.01 17.76 49.97
CA ARG A 1051 5.04 17.22 48.61
C ARG A 1051 6.25 17.72 47.84
N TYR A 1052 6.54 19.02 47.91
CA TYR A 1052 7.49 19.64 47.00
C TYR A 1052 8.81 20.04 47.66
N GLY A 1053 8.86 20.14 48.98
CA GLY A 1053 10.04 20.68 49.62
C GLY A 1053 11.11 19.65 49.90
N GLU A 1054 10.99 18.49 49.27
CA GLU A 1054 11.90 17.39 49.54
C GLU A 1054 13.32 17.73 49.11
N VAL A 1055 14.29 17.22 49.86
CA VAL A 1055 15.70 17.31 49.51
C VAL A 1055 16.38 16.03 49.96
N ARG A 1056 17.34 15.57 49.16
CA ARG A 1056 18.05 14.33 49.42
C ARG A 1056 19.48 14.64 49.88
N LEU A 1057 20.01 13.78 50.74
CA LEU A 1057 21.36 13.98 51.24
C LEU A 1057 21.96 12.64 51.60
N ARG A 1058 23.29 12.61 51.68
CA ARG A 1058 24.00 11.43 52.14
C ARG A 1058 24.16 11.48 53.66
N GLU A 1059 24.04 10.32 54.28
CA GLU A 1059 24.08 10.24 55.73
C GLU A 1059 25.37 10.83 56.28
N ASN A 1060 25.23 11.66 57.31
CA ASN A 1060 26.37 12.22 58.03
C ASN A 1060 26.05 12.25 59.50
N THR A 1061 27.02 11.80 60.33
CA THR A 1061 26.79 11.78 61.77
C THR A 1061 26.62 13.17 62.34
N GLN A 1062 27.46 14.11 61.92
CA GLN A 1062 27.51 15.43 62.53
C GLN A 1062 26.45 16.39 61.98
N GLY A 1063 25.69 15.97 60.98
CA GLY A 1063 24.66 16.83 60.43
C GLY A 1063 25.16 17.72 59.30
N TRP A 1064 24.46 18.84 59.08
CA TRP A 1064 24.77 19.75 58.00
C TRP A 1064 24.72 21.18 58.52
N SER A 1065 25.00 22.13 57.62
CA SER A 1065 24.79 23.55 57.85
C SER A 1065 24.06 24.14 56.66
N TYR A 1066 23.12 25.04 56.93
CA TYR A 1066 22.21 25.53 55.89
C TYR A 1066 22.29 27.03 55.77
N HIS A 1067 22.04 27.53 54.56
CA HIS A 1067 21.85 28.93 54.28
C HIS A 1067 20.95 29.03 53.06
N PRO A 1068 20.01 29.97 53.02
CA PRO A 1068 19.07 30.01 51.88
C PRO A 1068 19.73 30.25 50.54
N TYR A 1069 20.97 30.75 50.51
CA TYR A 1069 21.64 31.06 49.26
C TYR A 1069 22.61 29.99 48.79
N LEU A 1070 23.07 29.11 49.67
CA LEU A 1070 24.02 28.07 49.30
C LEU A 1070 23.42 26.67 49.31
N GLY A 1071 22.30 26.45 50.00
CA GLY A 1071 21.75 25.13 50.12
C GLY A 1071 22.21 24.45 51.39
N PHE A 1072 22.53 23.16 51.30
CA PHE A 1072 22.96 22.38 52.44
C PHE A 1072 24.44 22.04 52.30
N LYS A 1073 25.23 22.39 53.32
CA LYS A 1073 26.66 22.15 53.32
C LYS A 1073 27.00 21.16 54.42
N LYS A 1074 27.73 20.12 54.06
CA LYS A 1074 28.05 19.07 55.02
C LYS A 1074 28.90 19.65 56.16
N TYR A 1075 28.66 19.14 57.36
CA TYR A 1075 29.39 19.55 58.54
C TYR A 1075 30.04 18.34 59.20
N ASN A 1076 31.23 18.53 59.74
CA ASN A 1076 31.97 17.47 60.39
C ASN A 1076 32.47 17.91 61.76
N MET B 1 -8.84 -12.13 -29.28
CA MET B 1 -9.46 -10.83 -29.64
C MET B 1 -9.88 -10.07 -28.39
N ASN B 2 -9.69 -8.76 -28.39
CA ASN B 2 -10.16 -7.90 -27.33
C ASN B 2 -11.21 -6.96 -27.90
N ILE B 3 -12.23 -6.68 -27.08
CA ILE B 3 -13.42 -5.98 -27.53
C ILE B 3 -13.72 -4.83 -26.57
N LEU B 4 -14.53 -3.89 -27.04
CA LEU B 4 -14.97 -2.76 -26.23
C LEU B 4 -16.49 -2.70 -26.30
N LEU B 5 -17.14 -2.73 -25.15
CA LEU B 5 -18.60 -2.74 -25.07
C LEU B 5 -19.08 -1.47 -24.39
N VAL B 6 -20.04 -0.79 -25.03
CA VAL B 6 -20.61 0.45 -24.52
C VAL B 6 -22.10 0.26 -24.35
N SER B 7 -22.61 0.62 -23.18
CA SER B 7 -24.02 0.45 -22.84
C SER B 7 -24.72 1.80 -22.86
N GLN B 8 -25.74 1.94 -23.70
CA GLN B 8 -26.58 3.12 -23.72
C GLN B 8 -27.95 2.85 -23.11
N CYS B 9 -28.07 1.80 -22.31
CA CYS B 9 -29.37 1.36 -21.84
C CYS B 9 -30.04 2.45 -21.04
N GLU B 10 -31.28 2.21 -20.67
CA GLU B 10 -32.09 3.22 -19.99
C GLU B 10 -33.07 2.55 -19.03
N LYS B 11 -33.29 3.22 -17.91
CA LYS B 11 -34.32 2.82 -16.94
C LYS B 11 -34.05 1.38 -16.53
N ARG B 12 -35.05 0.49 -16.55
CA ARG B 12 -34.86 -0.85 -15.99
C ARG B 12 -33.81 -1.62 -16.77
N ALA B 13 -33.74 -1.44 -18.08
CA ALA B 13 -32.81 -2.23 -18.88
C ALA B 13 -31.38 -2.05 -18.39
N LEU B 14 -31.08 -0.90 -17.79
CA LEU B 14 -29.72 -0.64 -17.36
C LEU B 14 -29.25 -1.67 -16.35
N SER B 15 -30.09 -1.96 -15.35
CA SER B 15 -29.69 -2.91 -14.31
C SER B 15 -29.49 -4.30 -14.90
N GLU B 16 -30.35 -4.72 -15.81
CA GLU B 16 -30.23 -6.05 -16.36
C GLU B 16 -28.94 -6.22 -17.14
N THR B 17 -28.68 -5.31 -18.10
CA THR B 17 -27.45 -5.42 -18.88
C THR B 17 -26.22 -5.31 -18.00
N ARG B 18 -26.27 -4.47 -16.97
CA ARG B 18 -25.14 -4.39 -16.07
C ARG B 18 -24.93 -5.71 -15.36
N ARG B 19 -26.02 -6.40 -15.02
CA ARG B 19 -25.91 -7.70 -14.36
C ARG B 19 -25.28 -8.74 -15.28
N ILE B 20 -25.70 -8.75 -16.56
CA ILE B 20 -25.23 -9.80 -17.46
C ILE B 20 -23.78 -9.57 -17.84
N LEU B 21 -23.43 -8.34 -18.21
CA LEU B 21 -22.10 -8.07 -18.74
C LEU B 21 -21.02 -8.17 -17.66
N ASP B 22 -21.41 -7.97 -16.41
CA ASP B 22 -20.44 -7.97 -15.32
C ASP B 22 -19.84 -9.34 -15.07
N GLN B 23 -20.40 -10.40 -15.65
CA GLN B 23 -19.85 -11.73 -15.43
C GLN B 23 -18.62 -11.94 -16.29
N PHE B 24 -18.47 -11.18 -17.37
CA PHE B 24 -17.49 -11.46 -18.42
C PHE B 24 -16.33 -10.50 -18.46
N ALA B 25 -16.48 -9.26 -18.01
CA ALA B 25 -15.44 -8.26 -18.18
C ALA B 25 -15.36 -7.38 -16.96
N GLU B 26 -14.25 -6.66 -16.83
CA GLU B 26 -14.12 -5.65 -15.80
C GLU B 26 -14.66 -4.32 -16.29
N ARG B 27 -15.07 -3.47 -15.36
CA ARG B 27 -15.64 -2.17 -15.67
C ARG B 27 -14.51 -1.17 -15.81
N ARG B 28 -14.40 -0.54 -16.97
CA ARG B 28 -13.50 0.59 -17.13
C ARG B 28 -14.23 1.92 -17.02
N GLY B 29 -15.51 1.92 -16.71
CA GLY B 29 -16.24 3.17 -16.60
C GLY B 29 -17.68 2.93 -16.23
N GLU B 30 -18.44 4.03 -16.15
CA GLU B 30 -19.83 3.94 -15.71
C GLU B 30 -20.65 3.09 -16.67
N ARG B 31 -20.27 3.05 -17.95
CA ARG B 31 -20.99 2.25 -18.93
C ARG B 31 -20.05 1.61 -19.94
N THR B 32 -18.82 1.27 -19.53
CA THR B 32 -17.83 0.73 -20.44
C THR B 32 -17.20 -0.52 -19.85
N TRP B 33 -17.12 -1.58 -20.65
CA TRP B 33 -16.41 -2.79 -20.32
C TRP B 33 -15.40 -3.08 -21.42
N GLN B 34 -14.30 -3.73 -21.07
CA GLN B 34 -13.27 -4.02 -22.07
C GLN B 34 -12.35 -5.12 -21.56
N THR B 35 -12.31 -6.25 -22.26
CA THR B 35 -11.45 -7.37 -21.87
C THR B 35 -11.28 -8.30 -23.07
N PRO B 36 -10.25 -9.14 -23.06
CA PRO B 36 -10.11 -10.15 -24.12
C PRO B 36 -11.10 -11.29 -23.93
N ILE B 37 -11.49 -11.91 -25.04
CA ILE B 37 -12.49 -12.98 -25.01
C ILE B 37 -12.39 -13.76 -26.30
N THR B 38 -12.89 -15.00 -26.27
CA THR B 38 -12.91 -15.87 -27.43
C THR B 38 -14.27 -15.82 -28.12
N GLN B 39 -14.31 -16.33 -29.36
CA GLN B 39 -15.51 -16.19 -30.17
C GLN B 39 -16.70 -16.89 -29.52
N ALA B 40 -16.50 -18.09 -28.97
CA ALA B 40 -17.61 -18.81 -28.36
C ALA B 40 -18.19 -18.03 -27.20
N GLY B 41 -17.32 -17.51 -26.32
CA GLY B 41 -17.81 -16.72 -25.21
C GLY B 41 -18.57 -15.49 -25.67
N LEU B 42 -18.07 -14.86 -26.74
CA LEU B 42 -18.76 -13.69 -27.27
C LEU B 42 -20.15 -14.05 -27.79
N ASP B 43 -20.26 -15.18 -28.48
CA ASP B 43 -21.56 -15.60 -28.97
C ASP B 43 -22.51 -15.88 -27.82
N THR B 44 -22.01 -16.51 -26.76
CA THR B 44 -22.85 -16.72 -25.58
C THR B 44 -23.29 -15.39 -24.98
N LEU B 45 -22.37 -14.44 -24.91
CA LEU B 45 -22.70 -13.10 -24.41
C LEU B 45 -23.85 -12.50 -25.20
N ARG B 46 -23.72 -12.50 -26.52
CA ARG B 46 -24.75 -11.91 -27.36
C ARG B 46 -26.08 -12.62 -27.18
N ARG B 47 -26.06 -13.95 -27.14
CA ARG B 47 -27.31 -14.69 -27.00
C ARG B 47 -27.99 -14.38 -25.68
N LEU B 48 -27.21 -14.37 -24.59
CA LEU B 48 -27.79 -14.08 -23.28
C LEU B 48 -28.40 -12.70 -23.27
N LEU B 49 -27.71 -11.72 -23.86
CA LEU B 49 -28.23 -10.36 -23.90
C LEU B 49 -29.54 -10.31 -24.69
N LYS B 50 -29.58 -10.98 -25.83
CA LYS B 50 -30.79 -10.96 -26.65
C LYS B 50 -31.96 -11.57 -25.90
N LYS B 51 -31.72 -12.66 -25.18
CA LYS B 51 -32.83 -13.41 -24.57
C LYS B 51 -33.67 -12.53 -23.66
N SER B 52 -33.03 -11.83 -22.73
CA SER B 52 -33.73 -11.09 -21.68
C SER B 52 -33.82 -9.60 -21.99
N ALA B 53 -33.53 -9.20 -23.22
CA ALA B 53 -33.52 -7.78 -23.56
C ALA B 53 -34.91 -7.19 -23.40
N ARG B 54 -34.96 -5.87 -23.30
CA ARG B 54 -36.20 -5.12 -23.21
C ARG B 54 -36.21 -4.03 -24.28
N ARG B 55 -37.21 -3.16 -24.20
CA ARG B 55 -37.37 -2.14 -25.23
C ARG B 55 -36.25 -1.11 -25.17
N ASN B 56 -35.75 -0.82 -23.96
CA ASN B 56 -34.78 0.25 -23.80
C ASN B 56 -33.34 -0.22 -23.99
N THR B 57 -33.10 -1.53 -24.03
CA THR B 57 -31.73 -2.03 -24.10
C THR B 57 -31.03 -1.47 -25.33
N ALA B 58 -29.76 -1.13 -25.15
CA ALA B 58 -28.92 -0.66 -26.26
C ALA B 58 -27.48 -0.98 -25.86
N VAL B 59 -26.87 -1.92 -26.58
CA VAL B 59 -25.50 -2.34 -26.34
C VAL B 59 -24.80 -2.48 -27.67
N ALA B 60 -23.54 -2.08 -27.71
CA ALA B 60 -22.73 -2.14 -28.92
C ALA B 60 -21.40 -2.80 -28.60
N CYS B 61 -20.83 -3.46 -29.61
CA CYS B 61 -19.56 -4.17 -29.43
C CYS B 61 -18.64 -3.82 -30.58
N HIS B 62 -17.43 -3.40 -30.24
CA HIS B 62 -16.39 -3.06 -31.20
C HIS B 62 -15.25 -4.07 -31.07
N TRP B 63 -14.60 -4.34 -32.19
CA TRP B 63 -13.50 -5.29 -32.24
C TRP B 63 -12.24 -4.57 -32.69
N ILE B 64 -11.16 -4.73 -31.94
CA ILE B 64 -9.87 -4.14 -32.31
C ILE B 64 -9.16 -5.17 -33.18
N ARG B 65 -9.47 -5.11 -34.49
CA ARG B 65 -8.99 -6.14 -35.40
C ARG B 65 -7.47 -6.18 -35.47
N GLY B 66 -6.83 -5.02 -35.45
CA GLY B 66 -5.40 -4.99 -35.59
C GLY B 66 -4.77 -3.68 -35.15
N ARG B 67 -3.79 -3.21 -35.91
CA ARG B 67 -3.13 -1.95 -35.62
C ARG B 67 -3.81 -0.82 -36.38
N ASP B 68 -4.30 0.18 -35.64
CA ASP B 68 -4.89 1.37 -36.22
C ASP B 68 -6.09 1.03 -37.11
N HIS B 69 -7.02 0.27 -36.55
CA HIS B 69 -8.21 -0.15 -37.30
C HIS B 69 -9.15 -0.89 -36.37
N SER B 70 -10.44 -0.55 -36.44
CA SER B 70 -11.43 -1.14 -35.54
C SER B 70 -12.77 -1.24 -36.26
N GLU B 71 -13.57 -2.20 -35.83
CA GLU B 71 -14.81 -2.56 -36.52
C GLU B 71 -15.94 -2.71 -35.53
N LEU B 72 -17.16 -2.49 -36.03
CA LEU B 72 -18.37 -2.62 -35.24
C LEU B 72 -19.02 -3.97 -35.54
N LEU B 73 -19.25 -4.77 -34.50
CA LEU B 73 -19.70 -6.13 -34.67
C LEU B 73 -21.23 -6.25 -34.69
N TRP B 74 -21.91 -5.67 -33.71
CA TRP B 74 -23.36 -5.76 -33.67
C TRP B 74 -23.90 -4.78 -32.66
N ILE B 75 -25.23 -4.65 -32.66
CA ILE B 75 -25.96 -3.86 -31.67
C ILE B 75 -27.21 -4.62 -31.29
N VAL B 76 -27.53 -4.62 -30.00
CA VAL B 76 -28.69 -5.32 -29.46
C VAL B 76 -29.64 -4.29 -28.88
N GLY B 77 -30.89 -4.31 -29.35
CA GLY B 77 -31.90 -3.38 -28.88
C GLY B 77 -32.17 -2.29 -29.91
N ASP B 78 -32.19 -1.05 -29.45
CA ASP B 78 -32.47 0.08 -30.33
C ASP B 78 -31.17 0.56 -30.96
N ALA B 79 -31.14 0.61 -32.29
CA ALA B 79 -29.99 1.14 -33.01
C ALA B 79 -30.13 2.64 -33.29
N SER B 80 -31.19 3.28 -32.79
CA SER B 80 -31.34 4.71 -33.01
C SER B 80 -30.31 5.50 -32.21
N ARG B 81 -29.83 4.95 -31.10
CA ARG B 81 -28.87 5.69 -30.27
C ARG B 81 -27.54 5.84 -31.01
N PHE B 82 -27.05 4.75 -31.59
CA PHE B 82 -25.79 4.77 -32.31
C PHE B 82 -26.04 5.06 -33.78
N ASN B 83 -25.05 5.64 -34.44
CA ASN B 83 -25.09 5.83 -35.88
C ASN B 83 -24.46 4.62 -36.55
N ALA B 84 -24.22 4.71 -37.86
CA ALA B 84 -23.75 3.55 -38.61
C ALA B 84 -22.39 3.07 -38.10
N GLN B 85 -21.48 3.99 -37.81
CA GLN B 85 -20.14 3.63 -37.36
C GLN B 85 -20.07 3.25 -35.88
N GLY B 86 -21.11 3.54 -35.11
CA GLY B 86 -21.12 3.20 -33.70
C GLY B 86 -20.95 4.38 -32.74
N ALA B 87 -20.68 5.58 -33.26
CA ALA B 87 -20.55 6.74 -32.41
C ALA B 87 -21.91 7.09 -31.81
N VAL B 88 -21.93 8.12 -30.96
CA VAL B 88 -23.15 8.49 -30.24
C VAL B 88 -23.34 10.00 -30.36
N PRO B 89 -24.58 10.50 -30.48
CA PRO B 89 -24.78 11.95 -30.54
C PRO B 89 -24.33 12.63 -29.26
N THR B 90 -23.80 13.84 -29.42
CA THR B 90 -23.29 14.58 -28.27
C THR B 90 -24.40 15.29 -27.52
N ASN B 91 -25.44 15.72 -28.23
CA ASN B 91 -26.55 16.44 -27.62
C ASN B 91 -27.80 16.20 -28.43
N ARG B 92 -28.95 16.52 -27.82
CA ARG B 92 -30.24 16.45 -28.50
C ARG B 92 -31.01 17.73 -28.21
N THR B 93 -32.00 18.01 -29.05
CA THR B 93 -32.83 19.19 -28.87
C THR B 93 -34.15 18.97 -29.59
N CYS B 94 -35.25 19.28 -28.91
CA CYS B 94 -36.55 19.20 -29.57
C CYS B 94 -36.78 20.37 -30.52
N ARG B 95 -36.14 21.49 -30.25
CA ARG B 95 -36.29 22.68 -31.08
C ARG B 95 -35.66 22.45 -32.45
N ASP B 96 -36.44 22.66 -33.51
CA ASP B 96 -35.89 22.57 -34.85
C ASP B 96 -34.79 23.62 -35.02
N ILE B 97 -33.66 23.20 -35.59
CA ILE B 97 -32.56 24.11 -35.84
C ILE B 97 -32.20 24.10 -37.32
N LEU B 98 -32.41 22.96 -37.98
CA LEU B 98 -31.94 22.80 -39.35
C LEU B 98 -32.64 23.77 -40.29
N ARG B 99 -33.97 23.77 -40.27
CA ARG B 99 -34.76 24.68 -41.10
C ARG B 99 -34.22 24.76 -42.53
N SER C 7 -23.09 -25.07 -19.01
CA SER C 7 -23.51 -24.88 -20.43
C SER C 7 -23.46 -23.40 -20.81
N GLU C 8 -23.95 -22.55 -19.90
CA GLU C 8 -23.95 -21.12 -20.16
C GLU C 8 -22.73 -20.44 -19.56
N LEU C 9 -22.52 -20.61 -18.25
CA LEU C 9 -21.37 -20.00 -17.60
C LEU C 9 -20.07 -20.65 -18.08
N LYS C 10 -20.07 -21.99 -18.20
CA LYS C 10 -18.86 -22.74 -18.54
C LYS C 10 -18.62 -22.83 -20.05
N THR C 11 -19.18 -21.91 -20.84
CA THR C 11 -18.94 -21.95 -22.27
C THR C 11 -17.47 -21.79 -22.59
N ILE C 12 -16.81 -20.83 -21.94
CA ILE C 12 -15.39 -20.60 -22.20
C ILE C 12 -14.57 -21.71 -21.57
N LEU C 13 -13.67 -22.28 -22.34
CA LEU C 13 -12.79 -23.32 -21.84
C LEU C 13 -11.83 -22.74 -20.80
N HIS C 14 -11.35 -23.59 -19.91
CA HIS C 14 -10.47 -23.10 -18.86
C HIS C 14 -9.17 -22.56 -19.43
N SER C 15 -8.75 -23.06 -20.58
CA SER C 15 -7.46 -22.68 -21.15
C SER C 15 -7.53 -21.41 -21.99
N LYS C 16 -8.70 -20.79 -22.12
CA LYS C 16 -8.85 -19.57 -22.87
C LYS C 16 -9.28 -18.37 -22.02
N ARG C 17 -9.64 -18.59 -20.77
CA ARG C 17 -9.95 -17.48 -19.88
C ARG C 17 -8.69 -16.68 -19.59
N ALA C 18 -8.87 -15.44 -19.16
CA ALA C 18 -7.77 -14.48 -19.10
C ALA C 18 -7.34 -14.09 -17.70
N ASN C 19 -8.23 -14.08 -16.72
CA ASN C 19 -7.99 -13.41 -15.45
C ASN C 19 -7.59 -14.39 -14.36
N LEU C 20 -6.67 -13.95 -13.51
CA LEU C 20 -6.29 -14.64 -12.28
C LEU C 20 -6.15 -13.61 -11.19
N TYR C 21 -6.69 -13.91 -10.00
CA TYR C 21 -6.87 -12.91 -8.97
C TYR C 21 -6.14 -13.29 -7.69
N TYR C 22 -5.76 -12.27 -6.93
CA TYR C 22 -5.06 -12.46 -5.66
C TYR C 22 -5.46 -11.30 -4.76
N LEU C 23 -6.30 -11.55 -3.77
CA LEU C 23 -6.95 -10.50 -3.01
C LEU C 23 -6.39 -10.41 -1.59
N GLN C 24 -6.64 -9.27 -0.96
CA GLN C 24 -6.18 -9.04 0.40
C GLN C 24 -7.03 -7.93 1.01
N HIS C 25 -7.31 -8.06 2.31
CA HIS C 25 -8.04 -7.04 3.07
C HIS C 25 -9.36 -6.69 2.41
N CYS C 26 -10.10 -7.72 1.98
CA CYS C 26 -11.34 -7.51 1.27
C CYS C 26 -12.35 -8.56 1.70
N ARG C 27 -13.62 -8.29 1.43
CA ARG C 27 -14.69 -9.23 1.70
C ARG C 27 -15.38 -9.60 0.41
N VAL C 28 -15.55 -10.89 0.17
CA VAL C 28 -16.17 -11.39 -1.05
C VAL C 28 -17.63 -11.72 -0.75
N LEU C 29 -18.54 -11.20 -1.57
CA LEU C 29 -19.96 -11.39 -1.32
C LEU C 29 -20.72 -11.19 -2.62
N VAL C 30 -21.99 -11.59 -2.60
CA VAL C 30 -22.88 -11.39 -3.73
C VAL C 30 -23.66 -10.10 -3.52
N ASN C 31 -23.68 -9.25 -4.54
CA ASN C 31 -24.42 -7.98 -4.50
C ASN C 31 -25.21 -7.85 -5.78
N GLY C 32 -26.54 -7.81 -5.66
CA GLY C 32 -27.36 -7.61 -6.85
C GLY C 32 -27.15 -8.64 -7.92
N GLY C 33 -26.94 -9.89 -7.53
CA GLY C 33 -26.79 -10.96 -8.50
C GLY C 33 -25.41 -11.10 -9.09
N ARG C 34 -24.40 -10.42 -8.51
CA ARG C 34 -23.04 -10.49 -9.00
C ARG C 34 -22.08 -10.72 -7.85
N VAL C 35 -20.95 -11.33 -8.16
CA VAL C 35 -19.92 -11.62 -7.17
C VAL C 35 -18.92 -10.48 -7.16
N GLU C 36 -18.77 -9.82 -6.01
CA GLU C 36 -17.94 -8.64 -5.89
C GLU C 36 -17.14 -8.72 -4.61
N TYR C 37 -16.06 -7.97 -4.53
CA TYR C 37 -15.25 -7.88 -3.33
C TYR C 37 -15.14 -6.42 -2.91
N VAL C 38 -15.31 -6.18 -1.61
CA VAL C 38 -15.42 -4.82 -1.07
C VAL C 38 -14.14 -4.47 -0.33
N THR C 39 -13.56 -3.33 -0.66
CA THR C 39 -12.41 -2.79 0.05
C THR C 39 -12.84 -1.63 0.93
N ASP C 40 -11.89 -1.11 1.70
CA ASP C 40 -12.13 -0.02 2.63
C ASP C 40 -11.25 1.17 2.26
N GLU C 41 -11.83 2.37 2.34
CA GLU C 41 -11.10 3.59 2.00
C GLU C 41 -11.29 4.67 3.05
N GLY C 42 -11.57 4.29 4.30
CA GLY C 42 -11.77 5.27 5.35
C GLY C 42 -13.23 5.63 5.53
N ARG C 43 -13.64 6.74 4.91
CA ARG C 43 -15.00 7.22 5.02
C ARG C 43 -15.94 6.62 3.99
N HIS C 44 -15.47 5.68 3.17
CA HIS C 44 -16.33 5.06 2.18
C HIS C 44 -15.81 3.67 1.86
N SER C 45 -16.71 2.83 1.35
CA SER C 45 -16.37 1.49 0.90
C SER C 45 -16.71 1.36 -0.57
N HIS C 46 -15.92 0.59 -1.30
CA HIS C 46 -16.08 0.42 -2.74
C HIS C 46 -16.41 -1.03 -3.07
N TYR C 47 -17.26 -1.23 -4.07
CA TYR C 47 -17.56 -2.56 -4.58
C TYR C 47 -16.86 -2.72 -5.91
N TRP C 48 -16.06 -3.79 -6.05
CA TRP C 48 -15.40 -4.13 -7.29
C TRP C 48 -15.93 -5.47 -7.79
N ASN C 49 -16.16 -5.56 -9.10
CA ASN C 49 -16.77 -6.76 -9.66
C ASN C 49 -15.71 -7.76 -10.10
N ILE C 50 -16.13 -9.03 -10.18
CA ILE C 50 -15.26 -10.13 -10.55
C ILE C 50 -15.91 -10.86 -11.72
N PRO C 51 -15.22 -11.02 -12.86
CA PRO C 51 -15.82 -11.72 -14.00
C PRO C 51 -15.67 -13.24 -13.91
N ILE C 52 -16.57 -13.87 -13.14
CA ILE C 52 -16.39 -15.28 -12.82
C ILE C 52 -16.36 -16.12 -14.09
N ALA C 53 -17.01 -15.65 -15.15
CA ALA C 53 -17.01 -16.40 -16.40
C ALA C 53 -15.70 -16.26 -17.17
N ASN C 54 -14.78 -15.42 -16.68
CA ASN C 54 -13.48 -15.22 -17.32
C ASN C 54 -12.35 -15.33 -16.30
N THR C 55 -12.55 -16.13 -15.26
CA THR C 55 -11.55 -16.30 -14.21
C THR C 55 -11.28 -17.79 -14.04
N THR C 56 -10.05 -18.12 -13.65
CA THR C 56 -9.68 -19.50 -13.39
C THR C 56 -9.55 -19.79 -11.90
N SER C 57 -8.73 -19.04 -11.18
CA SER C 57 -8.48 -19.29 -9.77
C SER C 57 -8.67 -18.02 -8.96
N LEU C 58 -8.65 -18.19 -7.64
CA LEU C 58 -8.88 -17.11 -6.70
C LEU C 58 -8.07 -17.39 -5.45
N LEU C 59 -7.09 -16.54 -5.16
CA LEU C 59 -6.24 -16.71 -3.99
C LEU C 59 -6.52 -15.61 -2.99
N LEU C 60 -6.82 -16.00 -1.76
CA LEU C 60 -7.20 -15.07 -0.70
C LEU C 60 -6.11 -15.03 0.36
N GLY C 61 -5.67 -13.82 0.70
CA GLY C 61 -4.51 -13.67 1.55
C GLY C 61 -4.82 -13.40 3.00
N THR C 62 -4.47 -12.21 3.48
CA THR C 62 -4.67 -11.84 4.88
C THR C 62 -5.89 -10.96 5.03
N GLY C 63 -6.63 -11.18 6.11
CA GLY C 63 -7.77 -10.35 6.42
C GLY C 63 -8.85 -10.39 5.36
N THR C 64 -9.23 -11.59 4.93
CA THR C 64 -10.25 -11.78 3.91
C THR C 64 -11.33 -12.72 4.43
N SER C 65 -12.50 -12.66 3.81
CA SER C 65 -13.61 -13.54 4.18
C SER C 65 -14.51 -13.71 2.97
N ILE C 66 -15.37 -14.74 3.02
CA ILE C 66 -16.22 -15.06 1.89
C ILE C 66 -17.49 -15.70 2.41
N THR C 67 -18.59 -15.53 1.69
CA THR C 67 -19.90 -15.99 2.13
C THR C 67 -20.40 -17.13 1.26
N GLN C 68 -21.42 -17.82 1.76
CA GLN C 68 -21.86 -19.07 1.13
C GLN C 68 -22.47 -18.81 -0.23
N ALA C 69 -23.23 -17.72 -0.38
CA ALA C 69 -23.82 -17.41 -1.68
C ALA C 69 -22.74 -17.17 -2.72
N ALA C 70 -21.70 -16.44 -2.35
CA ALA C 70 -20.59 -16.23 -3.28
C ALA C 70 -19.96 -17.55 -3.67
N MET C 71 -19.73 -18.44 -2.71
CA MET C 71 -19.09 -19.72 -3.01
C MET C 71 -19.96 -20.55 -3.94
N ARG C 72 -21.27 -20.54 -3.70
CA ARG C 72 -22.16 -21.27 -4.58
C ARG C 72 -22.11 -20.72 -6.00
N GLU C 73 -22.04 -19.39 -6.14
CA GLU C 73 -21.90 -18.82 -7.47
C GLU C 73 -20.59 -19.22 -8.11
N LEU C 74 -19.50 -19.17 -7.35
CA LEU C 74 -18.19 -19.49 -7.91
C LEU C 74 -18.14 -20.93 -8.41
N ALA C 75 -18.65 -21.86 -7.60
CA ALA C 75 -18.59 -23.28 -7.96
C ALA C 75 -19.35 -23.55 -9.24
N ARG C 76 -20.53 -22.94 -9.40
CA ARG C 76 -21.34 -23.20 -10.58
C ARG C 76 -20.57 -22.91 -11.86
N ALA C 77 -19.68 -21.93 -11.82
CA ALA C 77 -18.87 -21.56 -12.98
C ALA C 77 -17.53 -22.28 -13.02
N GLY C 78 -17.29 -23.22 -12.13
CA GLY C 78 -16.06 -23.99 -12.15
C GLY C 78 -14.81 -23.18 -11.90
N VAL C 79 -14.84 -22.34 -10.86
CA VAL C 79 -13.71 -21.50 -10.49
C VAL C 79 -13.18 -21.97 -9.15
N LEU C 80 -11.90 -22.32 -9.09
CA LEU C 80 -11.31 -22.79 -7.85
C LEU C 80 -11.05 -21.63 -6.90
N VAL C 81 -11.04 -21.92 -5.60
CA VAL C 81 -10.77 -20.94 -4.56
C VAL C 81 -9.77 -21.56 -3.60
N GLY C 82 -8.80 -20.77 -3.14
CA GLY C 82 -7.81 -21.30 -2.22
C GLY C 82 -7.21 -20.25 -1.31
N PHE C 83 -7.12 -20.57 -0.03
CA PHE C 83 -6.60 -19.65 0.97
C PHE C 83 -5.10 -19.84 1.11
N CYS C 84 -4.36 -18.75 1.28
CA CYS C 84 -2.91 -18.82 1.34
C CYS C 84 -2.37 -17.74 2.26
N GLY C 85 -1.28 -18.05 2.93
CA GLY C 85 -0.60 -17.03 3.72
C GLY C 85 -0.15 -15.89 2.84
N GLY C 86 -0.42 -14.67 3.30
CA GLY C 86 -0.18 -13.52 2.46
C GLY C 86 1.29 -13.33 2.14
N GLY C 87 1.54 -12.73 0.98
CA GLY C 87 2.90 -12.33 0.62
C GLY C 87 3.88 -13.47 0.43
N GLY C 88 3.45 -14.53 -0.24
CA GLY C 88 4.34 -15.63 -0.56
C GLY C 88 4.63 -16.59 0.58
N THR C 89 4.37 -16.20 1.82
CA THR C 89 4.61 -17.10 2.94
C THR C 89 3.48 -18.13 3.03
N PRO C 90 3.76 -19.30 3.59
CA PRO C 90 2.74 -20.36 3.62
C PRO C 90 1.60 -20.00 4.56
N LEU C 91 0.45 -20.62 4.29
CA LEU C 91 -0.70 -20.43 5.17
C LEU C 91 -0.35 -20.75 6.61
N PHE C 92 0.23 -21.93 6.84
CA PHE C 92 0.53 -22.37 8.19
C PHE C 92 1.80 -23.20 8.16
N SER C 93 2.72 -22.93 9.08
CA SER C 93 3.99 -23.64 9.16
C SER C 93 4.35 -23.91 10.60
N ALA C 94 4.89 -25.09 10.87
CA ALA C 94 5.33 -25.46 12.21
C ALA C 94 6.12 -26.75 12.12
N ASN C 95 7.23 -26.81 12.85
CA ASN C 95 8.10 -27.99 12.87
C ASN C 95 8.40 -28.35 11.42
N GLU C 96 8.15 -29.58 10.99
CA GLU C 96 8.31 -29.96 9.59
C GLU C 96 7.02 -29.81 8.80
N VAL C 97 5.93 -29.38 9.43
CA VAL C 97 4.64 -29.24 8.75
C VAL C 97 4.69 -28.01 7.86
N ASP C 98 4.11 -28.13 6.67
CA ASP C 98 3.93 -27.01 5.76
C ASP C 98 2.63 -27.17 5.01
N VAL C 99 1.89 -26.07 4.85
CA VAL C 99 0.67 -26.03 4.07
C VAL C 99 0.65 -24.70 3.33
N GLU C 100 0.80 -24.74 2.01
CA GLU C 100 0.88 -23.51 1.25
C GLU C 100 -0.49 -22.97 0.89
N VAL C 101 -1.41 -23.83 0.47
CA VAL C 101 -2.75 -23.40 0.11
C VAL C 101 -3.73 -24.48 0.54
N SER C 102 -4.95 -24.05 0.84
CA SER C 102 -6.02 -24.93 1.30
C SER C 102 -7.15 -24.84 0.29
N TRP C 103 -7.13 -25.74 -0.70
CA TRP C 103 -7.99 -25.61 -1.86
C TRP C 103 -9.42 -26.02 -1.56
N LEU C 104 -10.35 -25.34 -2.21
CA LEU C 104 -11.78 -25.65 -2.18
C LEU C 104 -12.21 -25.91 -3.62
N THR C 105 -12.07 -27.15 -4.05
CA THR C 105 -12.41 -27.49 -5.42
C THR C 105 -13.92 -27.65 -5.56
N PRO C 106 -14.50 -27.33 -6.71
CA PRO C 106 -15.92 -27.60 -6.92
C PRO C 106 -16.23 -29.08 -6.94
N GLN C 107 -17.44 -29.42 -6.53
CA GLN C 107 -17.93 -30.80 -6.57
C GLN C 107 -19.25 -30.95 -7.32
N SER C 108 -19.85 -29.85 -7.77
CA SER C 108 -21.12 -29.94 -8.48
C SER C 108 -20.97 -30.27 -9.95
N GLU C 109 -19.74 -30.32 -10.46
CA GLU C 109 -19.49 -30.57 -11.87
C GLU C 109 -18.97 -31.99 -12.05
N TYR C 110 -19.17 -32.52 -13.24
CA TYR C 110 -18.75 -33.88 -13.58
C TYR C 110 -17.71 -33.80 -14.69
N ARG C 111 -16.56 -34.40 -14.47
CA ARG C 111 -15.42 -34.28 -15.35
C ARG C 111 -15.19 -35.56 -16.13
N PRO C 112 -14.40 -35.50 -17.19
CA PRO C 112 -14.22 -36.68 -18.05
C PRO C 112 -13.64 -37.85 -17.28
N THR C 113 -13.96 -39.06 -17.75
CA THR C 113 -13.60 -40.28 -17.03
C THR C 113 -12.42 -41.02 -17.65
N GLU C 114 -11.97 -40.65 -18.84
CA GLU C 114 -10.87 -41.38 -19.49
C GLU C 114 -9.57 -41.18 -18.73
N TYR C 115 -9.22 -39.94 -18.45
CA TYR C 115 -7.89 -39.64 -17.94
C TYR C 115 -7.72 -40.18 -16.54
N LEU C 116 -8.74 -40.09 -15.70
CA LEU C 116 -8.64 -40.66 -14.37
C LEU C 116 -8.38 -42.15 -14.44
N GLN C 117 -9.11 -42.85 -15.31
CA GLN C 117 -8.95 -44.30 -15.38
C GLN C 117 -7.58 -44.68 -15.90
N ARG C 118 -7.08 -43.95 -16.90
CA ARG C 118 -5.74 -44.23 -17.39
C ARG C 118 -4.70 -43.95 -16.32
N TRP C 119 -4.88 -42.88 -15.55
CA TRP C 119 -3.90 -42.49 -14.56
C TRP C 119 -3.86 -43.49 -13.40
N VAL C 120 -5.04 -43.80 -12.84
CA VAL C 120 -5.08 -44.73 -11.72
C VAL C 120 -4.66 -46.13 -12.10
N GLY C 121 -4.53 -46.41 -13.39
CA GLY C 121 -4.12 -47.73 -13.83
C GLY C 121 -2.65 -48.00 -13.73
N PHE C 122 -1.86 -47.01 -13.32
CA PHE C 122 -0.43 -47.20 -13.11
C PHE C 122 0.09 -46.62 -11.81
N TRP C 123 -0.68 -45.76 -11.13
CA TRP C 123 -0.13 -45.09 -9.96
C TRP C 123 0.28 -46.06 -8.87
N PHE C 124 -0.25 -47.28 -8.89
CA PHE C 124 0.12 -48.28 -7.91
C PHE C 124 1.23 -49.20 -8.40
N ASP C 125 2.07 -48.74 -9.31
CA ASP C 125 3.22 -49.48 -9.80
C ASP C 125 4.46 -48.59 -9.73
N GLU C 126 5.49 -49.06 -9.02
CA GLU C 126 6.65 -48.21 -8.79
C GLU C 126 7.35 -47.83 -10.10
N GLU C 127 7.65 -48.83 -10.92
CA GLU C 127 8.45 -48.57 -12.12
C GLU C 127 7.75 -47.62 -13.08
N LYS C 128 6.43 -47.80 -13.25
CA LYS C 128 5.70 -46.89 -14.11
C LYS C 128 5.71 -45.47 -13.54
N ARG C 129 5.67 -45.33 -12.22
CA ARG C 129 5.80 -44.00 -11.64
C ARG C 129 7.17 -43.39 -11.95
N LEU C 130 8.22 -44.21 -11.89
CA LEU C 130 9.54 -43.70 -12.23
C LEU C 130 9.58 -43.22 -13.68
N VAL C 131 8.98 -43.98 -14.59
CA VAL C 131 8.95 -43.57 -15.99
C VAL C 131 8.20 -42.26 -16.15
N ALA C 132 7.07 -42.12 -15.45
CA ALA C 132 6.32 -40.87 -15.53
C ALA C 132 7.17 -39.70 -15.04
N ALA C 133 7.89 -39.89 -13.94
CA ALA C 133 8.74 -38.81 -13.43
C ALA C 133 9.82 -38.43 -14.44
N ARG C 134 10.43 -39.42 -15.07
CA ARG C 134 11.44 -39.13 -16.09
C ARG C 134 10.84 -38.31 -17.22
N HIS C 135 9.64 -38.67 -17.65
CA HIS C 135 8.99 -37.90 -18.71
C HIS C 135 8.75 -36.47 -18.25
N PHE C 136 8.30 -36.29 -17.02
CA PHE C 136 8.09 -34.94 -16.50
C PHE C 136 9.37 -34.12 -16.62
N GLN C 137 10.50 -34.70 -16.18
CA GLN C 137 11.76 -33.96 -16.20
C GLN C 137 12.21 -33.65 -17.61
N ARG C 138 12.06 -34.60 -18.54
CA ARG C 138 12.43 -34.34 -19.92
C ARG C 138 11.66 -33.16 -20.48
N ALA C 139 10.33 -33.15 -20.25
CA ALA C 139 9.52 -32.04 -20.73
C ALA C 139 9.99 -30.73 -20.10
N ARG C 140 10.33 -30.76 -18.82
CA ARG C 140 10.78 -29.55 -18.16
C ARG C 140 12.03 -28.99 -18.83
N LEU C 141 13.02 -29.85 -19.07
CA LEU C 141 14.26 -29.38 -19.69
C LEU C 141 14.01 -28.81 -21.07
N GLU C 142 13.19 -29.50 -21.86
CA GLU C 142 12.89 -29.02 -23.21
C GLU C 142 12.24 -27.65 -23.16
N ARG C 143 11.25 -27.46 -22.27
CA ARG C 143 10.59 -26.16 -22.18
C ARG C 143 11.55 -25.09 -21.71
N ILE C 144 12.46 -25.44 -20.80
CA ILE C 144 13.43 -24.45 -20.32
C ILE C 144 14.29 -23.97 -21.46
N ARG C 145 14.80 -24.90 -22.27
CA ARG C 145 15.62 -24.52 -23.41
C ARG C 145 14.82 -23.64 -24.36
N HIS C 146 13.58 -24.03 -24.65
CA HIS C 146 12.75 -23.24 -25.55
C HIS C 146 12.59 -21.82 -25.04
N SER C 147 12.20 -21.67 -23.77
CA SER C 147 11.93 -20.35 -23.24
C SER C 147 13.17 -19.49 -23.19
N TRP C 148 14.31 -20.07 -22.80
CA TRP C 148 15.51 -19.28 -22.59
C TRP C 148 16.26 -18.96 -23.88
N LEU C 149 16.10 -19.76 -24.93
CA LEU C 149 16.86 -19.55 -26.15
C LEU C 149 15.99 -19.29 -27.37
N GLU C 150 14.67 -19.15 -27.20
CA GLU C 150 13.78 -18.93 -28.32
C GLU C 150 12.79 -17.79 -28.11
N ASP C 151 12.64 -17.28 -26.90
CA ASP C 151 11.77 -16.14 -26.64
C ASP C 151 12.58 -14.87 -26.83
N ARG C 152 12.27 -14.11 -27.88
CA ARG C 152 12.96 -12.86 -28.14
C ARG C 152 12.50 -11.74 -27.23
N VAL C 153 11.34 -11.88 -26.58
CA VAL C 153 10.86 -10.84 -25.68
C VAL C 153 11.80 -10.70 -24.49
N LEU C 154 12.23 -11.83 -23.92
CA LEU C 154 13.17 -11.76 -22.81
C LEU C 154 14.49 -11.15 -23.24
N ARG C 155 14.96 -11.50 -24.43
CA ARG C 155 16.20 -10.91 -24.94
C ARG C 155 16.05 -9.40 -25.08
N ASP C 156 14.92 -8.95 -25.63
CA ASP C 156 14.70 -7.52 -25.76
C ASP C 156 14.64 -6.83 -24.41
N ALA C 157 13.98 -7.45 -23.43
CA ALA C 157 13.90 -6.87 -22.10
C ALA C 157 15.27 -6.73 -21.44
N GLY C 158 16.24 -7.52 -21.88
CA GLY C 158 17.59 -7.42 -21.36
C GLY C 158 18.10 -8.71 -20.74
N PHE C 159 17.51 -9.84 -21.14
CA PHE C 159 17.93 -11.14 -20.62
C PHE C 159 18.91 -11.76 -21.61
N ALA C 160 20.20 -11.73 -21.26
CA ALA C 160 21.27 -12.24 -22.10
C ALA C 160 22.03 -13.32 -21.35
N VAL C 161 22.16 -14.49 -21.96
CA VAL C 161 22.85 -15.63 -21.35
C VAL C 161 23.78 -16.25 -22.37
N ASP C 162 24.96 -16.66 -21.91
CA ASP C 162 25.91 -17.33 -22.79
C ASP C 162 25.37 -18.69 -23.21
N ALA C 163 25.10 -18.84 -24.50
CA ALA C 163 24.45 -20.06 -24.98
C ALA C 163 25.25 -21.30 -24.62
N THR C 164 26.58 -21.22 -24.73
CA THR C 164 27.41 -22.40 -24.54
C THR C 164 27.26 -22.96 -23.13
N ALA C 165 27.26 -22.10 -22.11
CA ALA C 165 27.12 -22.57 -20.74
C ALA C 165 25.77 -23.25 -20.53
N LEU C 166 24.71 -22.65 -21.06
CA LEU C 166 23.39 -23.25 -20.93
C LEU C 166 23.36 -24.62 -21.59
N ALA C 167 23.94 -24.74 -22.79
CA ALA C 167 23.96 -26.02 -23.48
C ALA C 167 24.72 -27.05 -22.67
N VAL C 168 25.87 -26.67 -22.11
CA VAL C 168 26.65 -27.60 -21.32
C VAL C 168 25.84 -28.08 -20.13
N ALA C 169 25.22 -27.15 -19.41
CA ALA C 169 24.47 -27.52 -18.21
C ALA C 169 23.31 -28.44 -18.55
N VAL C 170 22.54 -28.10 -19.57
CA VAL C 170 21.35 -28.89 -19.90
C VAL C 170 21.76 -30.28 -20.37
N GLU C 171 22.82 -30.37 -21.19
CA GLU C 171 23.25 -31.67 -21.66
C GLU C 171 23.74 -32.54 -20.51
N ASP C 172 24.52 -31.97 -19.59
CA ASP C 172 24.95 -32.74 -18.44
C ASP C 172 23.77 -33.22 -17.63
N SER C 173 22.78 -32.33 -17.43
CA SER C 173 21.60 -32.71 -16.65
C SER C 173 20.83 -33.84 -17.33
N ALA C 174 20.63 -33.74 -18.63
CA ALA C 174 19.91 -34.77 -19.35
C ALA C 174 20.62 -36.11 -19.25
N ARG C 175 21.95 -36.09 -19.40
CA ARG C 175 22.71 -37.33 -19.24
C ARG C 175 22.50 -37.91 -17.85
N ALA C 176 22.68 -37.10 -16.81
CA ALA C 176 22.54 -37.60 -15.45
C ALA C 176 21.10 -38.05 -15.17
N LEU C 177 20.12 -37.28 -15.62
CA LEU C 177 18.73 -37.58 -15.28
C LEU C 177 18.30 -38.95 -15.82
N GLU C 178 18.50 -39.18 -17.12
CA GLU C 178 18.02 -40.41 -17.72
C GLU C 178 18.65 -41.65 -17.11
N GLN C 179 19.79 -41.51 -16.44
CA GLN C 179 20.47 -42.64 -15.83
C GLN C 179 20.07 -42.86 -14.38
N ALA C 180 19.15 -42.06 -13.85
CA ALA C 180 18.78 -42.15 -12.44
C ALA C 180 18.22 -43.52 -12.13
N PRO C 181 18.70 -44.21 -11.09
CA PRO C 181 18.21 -45.56 -10.81
C PRO C 181 16.97 -45.60 -9.92
N ASN C 182 16.82 -44.61 -9.05
CA ASN C 182 15.72 -44.59 -8.08
C ASN C 182 15.31 -43.14 -7.84
N HIS C 183 14.31 -42.95 -6.99
CA HIS C 183 13.74 -41.63 -6.80
C HIS C 183 14.77 -40.65 -6.24
N GLU C 184 15.56 -41.09 -5.26
CA GLU C 184 16.45 -40.16 -4.56
C GLU C 184 17.45 -39.54 -5.52
N HIS C 185 18.01 -40.34 -6.43
CA HIS C 185 18.93 -39.78 -7.41
C HIS C 185 18.23 -38.73 -8.25
N LEU C 186 16.99 -38.98 -8.63
CA LEU C 186 16.24 -38.00 -9.41
C LEU C 186 16.08 -36.70 -8.63
N LEU C 187 15.72 -36.80 -7.36
CA LEU C 187 15.52 -35.59 -6.56
C LEU C 187 16.82 -34.79 -6.44
N THR C 188 17.92 -35.49 -6.14
CA THR C 188 19.20 -34.81 -5.98
C THR C 188 19.65 -34.16 -7.28
N GLU C 189 19.47 -34.87 -8.41
CA GLU C 189 19.86 -34.31 -9.68
C GLU C 189 19.02 -33.09 -10.02
N GLU C 190 17.72 -33.14 -9.70
CA GLU C 190 16.86 -31.98 -9.91
C GLU C 190 17.36 -30.79 -9.09
N ALA C 191 17.76 -31.04 -7.84
CA ALA C 191 18.31 -29.96 -7.04
C ALA C 191 19.58 -29.38 -7.66
N ARG C 192 20.45 -30.25 -8.16
CA ARG C 192 21.68 -29.78 -8.79
C ARG C 192 21.35 -28.87 -9.98
N LEU C 193 20.42 -29.30 -10.82
CA LEU C 193 20.03 -28.50 -11.97
C LEU C 193 19.43 -27.16 -11.52
N SER C 194 18.65 -27.18 -10.44
CA SER C 194 18.05 -25.95 -9.94
C SER C 194 19.15 -24.96 -9.54
N LYS C 195 20.14 -25.44 -8.80
CA LYS C 195 21.24 -24.57 -8.38
C LYS C 195 21.99 -24.02 -9.57
N ARG C 196 22.29 -24.87 -10.55
CA ARG C 196 23.00 -24.42 -11.74
C ARG C 196 22.22 -23.33 -12.46
N LEU C 197 20.92 -23.53 -12.62
CA LEU C 197 20.10 -22.53 -13.29
C LEU C 197 20.07 -21.23 -12.50
N PHE C 198 20.04 -21.31 -11.17
CA PHE C 198 20.12 -20.09 -10.37
C PHE C 198 21.39 -19.33 -10.72
N LYS C 199 22.52 -20.03 -10.72
CA LYS C 199 23.79 -19.39 -11.04
C LYS C 199 23.72 -18.70 -12.40
N LEU C 200 23.27 -19.44 -13.41
CA LEU C 200 23.26 -18.89 -14.77
C LEU C 200 22.35 -17.67 -14.86
N ALA C 201 21.17 -17.74 -14.26
CA ALA C 201 20.24 -16.61 -14.32
C ALA C 201 20.83 -15.40 -13.63
N ALA C 202 21.47 -15.59 -12.48
CA ALA C 202 22.08 -14.46 -11.79
C ALA C 202 23.16 -13.83 -12.68
N GLN C 203 23.96 -14.67 -13.34
CA GLN C 203 25.01 -14.15 -14.20
C GLN C 203 24.41 -13.33 -15.35
N ALA C 204 23.32 -13.81 -15.93
CA ALA C 204 22.81 -13.25 -17.17
C ALA C 204 22.52 -11.77 -17.04
N THR C 205 21.88 -11.36 -15.95
CA THR C 205 21.47 -9.97 -15.74
C THR C 205 22.35 -9.27 -14.71
N ARG C 206 23.64 -9.61 -14.68
CA ARG C 206 24.62 -8.89 -13.89
C ARG C 206 24.13 -8.58 -12.47
N TYR C 207 23.33 -9.48 -11.90
CA TYR C 207 22.86 -9.25 -10.54
C TYR C 207 24.01 -9.24 -9.54
N GLY C 208 24.99 -10.12 -9.73
CA GLY C 208 26.12 -10.25 -8.82
C GLY C 208 26.11 -11.61 -8.14
N GLU C 209 26.44 -11.60 -6.84
CA GLU C 209 26.41 -12.82 -6.03
C GLU C 209 25.01 -12.99 -5.45
N PHE C 210 24.45 -14.19 -5.65
CA PHE C 210 23.10 -14.50 -5.21
C PHE C 210 23.10 -15.84 -4.49
N VAL C 211 22.33 -15.92 -3.41
CA VAL C 211 22.10 -17.17 -2.69
C VAL C 211 20.61 -17.30 -2.43
N ARG C 212 20.05 -18.48 -2.72
CA ARG C 212 18.63 -18.71 -2.56
C ARG C 212 18.32 -19.17 -1.14
N ALA C 213 17.47 -18.42 -0.46
CA ALA C 213 17.02 -18.79 0.87
C ALA C 213 15.93 -19.85 0.78
N LYS C 214 15.41 -20.23 1.94
CA LYS C 214 14.35 -21.22 2.03
C LYS C 214 13.33 -20.78 3.08
N ARG C 215 12.10 -21.25 2.93
CA ARG C 215 11.03 -20.97 3.88
C ARG C 215 10.70 -19.48 3.97
N GLY C 216 10.85 -18.76 2.86
CA GLY C 216 10.49 -17.35 2.85
C GLY C 216 11.27 -16.48 3.79
N SER C 217 12.46 -16.91 4.20
CA SER C 217 13.29 -16.13 5.11
C SER C 217 14.15 -15.11 4.38
N GLY C 218 14.09 -15.06 3.06
CA GLY C 218 14.88 -14.09 2.33
C GLY C 218 14.38 -12.67 2.52
N GLY C 219 15.32 -11.73 2.47
CA GLY C 219 14.99 -10.32 2.61
C GLY C 219 15.30 -9.53 1.36
N ASP C 220 16.30 -9.96 0.61
CA ASP C 220 16.64 -9.28 -0.64
C ASP C 220 15.52 -9.48 -1.66
N PRO C 221 15.36 -8.54 -2.59
CA PRO C 221 14.17 -8.57 -3.45
C PRO C 221 14.04 -9.84 -4.27
N ALA C 222 15.14 -10.44 -4.70
CA ALA C 222 15.06 -11.60 -5.56
C ALA C 222 14.32 -12.75 -4.88
N ASN C 223 14.68 -13.05 -3.63
CA ASN C 223 14.06 -14.16 -2.94
C ASN C 223 12.57 -13.90 -2.73
N ARG C 224 12.20 -12.69 -2.32
CA ARG C 224 10.79 -12.38 -2.10
C ARG C 224 10.00 -12.49 -3.39
N PHE C 225 10.55 -11.97 -4.48
CA PHE C 225 9.85 -12.06 -5.76
C PHE C 225 9.66 -13.50 -6.19
N LEU C 226 10.69 -14.34 -6.02
CA LEU C 226 10.53 -15.74 -6.37
C LEU C 226 9.50 -16.43 -5.50
N ASP C 227 9.53 -16.17 -4.19
CA ASP C 227 8.58 -16.82 -3.29
C ASP C 227 7.14 -16.43 -3.63
N HIS C 228 6.91 -15.16 -3.96
CA HIS C 228 5.57 -14.76 -4.36
C HIS C 228 5.20 -15.34 -5.71
N GLY C 229 6.15 -15.39 -6.64
CA GLY C 229 5.85 -15.91 -7.96
C GLY C 229 5.59 -17.40 -7.96
N ASN C 230 6.00 -18.09 -6.91
CA ASN C 230 5.67 -19.51 -6.81
C ASN C 230 4.17 -19.74 -6.80
N TYR C 231 3.42 -18.91 -6.07
CA TYR C 231 2.01 -19.22 -5.82
C TYR C 231 1.17 -19.15 -7.09
N LEU C 232 1.50 -18.26 -8.02
CA LEU C 232 0.76 -18.21 -9.27
C LEU C 232 0.85 -19.54 -10.01
N ALA C 233 2.05 -20.13 -10.02
CA ALA C 233 2.21 -21.43 -10.62
C ALA C 233 1.36 -22.47 -9.89
N TYR C 234 1.26 -22.36 -8.56
CA TYR C 234 0.42 -23.30 -7.82
C TYR C 234 -1.03 -23.19 -8.26
N GLY C 235 -1.53 -21.97 -8.43
CA GLY C 235 -2.90 -21.81 -8.89
C GLY C 235 -3.13 -22.42 -10.26
N LEU C 236 -2.23 -22.15 -11.20
CA LEU C 236 -2.40 -22.71 -12.53
C LEU C 236 -2.33 -24.23 -12.50
N ALA C 237 -1.40 -24.79 -11.73
CA ALA C 237 -1.30 -26.24 -11.64
C ALA C 237 -2.56 -26.85 -11.05
N ALA C 238 -3.11 -26.22 -10.01
CA ALA C 238 -4.32 -26.74 -9.39
C ALA C 238 -5.46 -26.78 -10.39
N THR C 239 -5.67 -25.68 -11.12
CA THR C 239 -6.80 -25.69 -12.06
C THR C 239 -6.56 -26.69 -13.19
N ALA C 240 -5.31 -26.83 -13.64
CA ALA C 240 -5.02 -27.81 -14.69
C ALA C 240 -5.31 -29.22 -14.24
N THR C 241 -4.91 -29.56 -13.01
CA THR C 241 -5.22 -30.90 -12.51
C THR C 241 -6.72 -31.11 -12.37
N TRP C 242 -7.44 -30.11 -11.86
CA TRP C 242 -8.88 -30.28 -11.68
C TRP C 242 -9.58 -30.51 -13.01
N VAL C 243 -9.22 -29.73 -14.03
CA VAL C 243 -10.01 -29.74 -15.26
C VAL C 243 -10.05 -31.14 -15.88
N LEU C 244 -8.97 -31.92 -15.67
CA LEU C 244 -8.91 -33.28 -16.21
C LEU C 244 -9.56 -34.31 -15.29
N GLY C 245 -9.95 -33.95 -14.08
CA GLY C 245 -10.57 -34.91 -13.20
C GLY C 245 -9.62 -35.78 -12.44
N ILE C 246 -8.37 -35.37 -12.26
CA ILE C 246 -7.38 -36.15 -11.53
C ILE C 246 -7.30 -35.63 -10.10
N PRO C 247 -7.38 -36.47 -9.08
CA PRO C 247 -7.27 -35.96 -7.70
C PRO C 247 -5.90 -35.36 -7.43
N HIS C 248 -5.89 -34.37 -6.53
CA HIS C 248 -4.65 -33.68 -6.18
C HIS C 248 -3.69 -34.56 -5.40
N GLY C 249 -4.17 -35.63 -4.77
CA GLY C 249 -3.32 -36.41 -3.89
C GLY C 249 -2.37 -37.36 -4.57
N LEU C 250 -2.62 -37.71 -5.83
CA LEU C 250 -1.85 -38.74 -6.52
C LEU C 250 -0.55 -38.16 -7.09
N ALA C 251 0.28 -37.64 -6.19
CA ALA C 251 1.57 -37.14 -6.61
C ALA C 251 2.48 -38.29 -7.04
N VAL C 252 3.47 -37.97 -7.86
CA VAL C 252 4.36 -38.99 -8.39
C VAL C 252 5.80 -38.74 -7.97
N LEU C 253 6.18 -37.48 -7.79
CA LEU C 253 7.55 -37.12 -7.43
C LEU C 253 7.67 -36.45 -6.08
N HIS C 254 6.92 -35.39 -5.82
CA HIS C 254 7.13 -34.57 -4.64
C HIS C 254 6.28 -35.01 -3.44
N GLY C 255 5.45 -36.04 -3.59
CA GLY C 255 4.52 -36.38 -2.52
C GLY C 255 5.21 -36.67 -1.21
N LYS C 256 6.44 -37.19 -1.25
CA LYS C 256 7.10 -37.63 -0.03
C LYS C 256 7.27 -36.52 0.99
N THR C 257 7.23 -35.26 0.56
CA THR C 257 7.50 -34.14 1.45
C THR C 257 6.31 -33.20 1.63
N ARG C 258 5.27 -33.32 0.81
CA ARG C 258 4.14 -32.40 0.86
C ARG C 258 2.84 -33.19 0.89
N ARG C 259 1.75 -32.48 1.20
CA ARG C 259 0.42 -33.05 1.16
C ARG C 259 -0.30 -32.52 -0.08
N GLY C 260 -0.78 -33.44 -0.91
CA GLY C 260 -1.35 -33.08 -2.20
C GLY C 260 -0.27 -32.64 -3.16
N GLY C 261 0.66 -33.55 -3.44
CA GLY C 261 1.87 -33.19 -4.15
C GLY C 261 1.73 -32.97 -5.64
N LEU C 262 0.72 -33.56 -6.29
CA LEU C 262 0.68 -33.47 -7.75
C LEU C 262 0.65 -32.02 -8.21
N VAL C 263 0.09 -31.13 -7.41
CA VAL C 263 0.11 -29.70 -7.78
C VAL C 263 1.54 -29.22 -7.89
N PHE C 264 2.39 -29.58 -6.92
CA PHE C 264 3.78 -29.16 -6.98
C PHE C 264 4.51 -29.81 -8.15
N ASP C 265 4.27 -31.09 -8.39
CA ASP C 265 4.90 -31.74 -9.53
C ASP C 265 4.57 -31.01 -10.82
N VAL C 266 3.29 -30.79 -11.10
CA VAL C 266 2.94 -30.17 -12.37
C VAL C 266 3.26 -28.68 -12.39
N ALA C 267 3.50 -28.06 -11.24
CA ALA C 267 3.92 -26.67 -11.23
C ALA C 267 5.37 -26.50 -11.67
N ASP C 268 6.20 -27.51 -11.43
CA ASP C 268 7.63 -27.37 -11.73
C ASP C 268 7.88 -27.14 -13.20
N LEU C 269 6.95 -27.55 -14.06
CA LEU C 269 7.18 -27.40 -15.49
C LEU C 269 7.36 -25.94 -15.90
N ILE C 270 6.92 -25.00 -15.08
CA ILE C 270 6.84 -23.61 -15.47
C ILE C 270 7.54 -22.70 -14.47
N LYS C 271 7.92 -23.25 -13.32
CA LYS C 271 8.49 -22.41 -12.28
C LYS C 271 9.88 -21.92 -12.62
N ASP C 272 10.51 -22.46 -13.68
CA ASP C 272 11.84 -22.03 -14.09
C ASP C 272 11.90 -21.48 -15.50
N SER C 273 10.88 -21.67 -16.32
CA SER C 273 10.93 -21.19 -17.69
C SER C 273 10.61 -19.70 -17.78
N LEU C 274 9.73 -19.21 -16.90
CA LEU C 274 9.31 -17.82 -16.95
C LEU C 274 9.32 -17.10 -15.61
N ILE C 275 9.47 -17.81 -14.49
CA ILE C 275 9.45 -17.14 -13.20
C ILE C 275 10.81 -16.57 -12.87
N LEU C 276 11.86 -17.38 -13.00
CA LEU C 276 13.18 -16.94 -12.60
C LEU C 276 13.65 -15.73 -13.37
N PRO C 277 13.63 -15.73 -14.72
CA PRO C 277 14.06 -14.52 -15.44
C PRO C 277 13.26 -13.30 -15.06
N GLN C 278 11.95 -13.42 -14.88
CA GLN C 278 11.14 -12.25 -14.62
C GLN C 278 11.39 -11.71 -13.22
N ALA C 279 11.57 -12.60 -12.24
CA ALA C 279 11.90 -12.14 -10.90
C ALA C 279 13.22 -11.38 -10.92
N PHE C 280 14.22 -11.91 -11.61
CA PHE C 280 15.52 -11.22 -11.65
C PHE C 280 15.42 -9.89 -12.37
N LEU C 281 14.72 -9.85 -13.49
CA LEU C 281 14.55 -8.59 -14.21
C LEU C 281 13.88 -7.55 -13.32
N SER C 282 12.82 -7.94 -12.63
CA SER C 282 12.12 -6.98 -11.79
C SER C 282 13.00 -6.49 -10.66
N ALA C 283 13.72 -7.39 -10.00
CA ALA C 283 14.60 -6.95 -8.92
C ALA C 283 15.65 -5.97 -9.44
N MET C 284 16.18 -6.23 -10.64
CA MET C 284 17.13 -5.30 -11.23
C MET C 284 16.48 -3.93 -11.47
N ARG C 285 15.24 -3.93 -11.94
CA ARG C 285 14.53 -2.66 -12.15
C ARG C 285 14.14 -1.97 -10.85
N GLY C 286 14.21 -2.65 -9.72
CA GLY C 286 13.78 -2.04 -8.48
C GLY C 286 12.28 -1.90 -8.36
N ASP C 287 11.52 -2.75 -9.04
CA ASP C 287 10.07 -2.67 -8.96
C ASP C 287 9.58 -3.17 -7.60
N GLU C 288 8.26 -3.22 -7.45
CA GLU C 288 7.63 -3.67 -6.23
C GLU C 288 6.74 -4.88 -6.52
N GLU C 289 6.06 -5.38 -5.49
CA GLU C 289 5.32 -6.63 -5.63
C GLU C 289 4.26 -6.53 -6.72
N GLN C 290 3.50 -5.44 -6.73
CA GLN C 290 2.42 -5.33 -7.70
C GLN C 290 2.94 -5.38 -9.13
N ASP C 291 4.01 -4.64 -9.41
CA ASP C 291 4.53 -4.60 -10.78
C ASP C 291 5.05 -5.96 -11.21
N PHE C 292 5.79 -6.65 -10.33
CA PHE C 292 6.28 -7.97 -10.67
C PHE C 292 5.12 -8.92 -10.93
N ARG C 293 4.09 -8.88 -10.08
CA ARG C 293 2.95 -9.77 -10.27
C ARG C 293 2.30 -9.52 -11.62
N GLN C 294 2.09 -8.25 -11.97
CA GLN C 294 1.43 -7.93 -13.23
C GLN C 294 2.25 -8.40 -14.42
N ALA C 295 3.57 -8.13 -14.39
CA ALA C 295 4.40 -8.56 -15.50
C ALA C 295 4.40 -10.07 -15.63
N CYS C 296 4.51 -10.78 -14.52
CA CYS C 296 4.54 -12.23 -14.58
C CYS C 296 3.23 -12.79 -15.12
N LEU C 297 2.09 -12.25 -14.67
CA LEU C 297 0.81 -12.76 -15.16
C LEU C 297 0.67 -12.52 -16.66
N ASP C 298 1.06 -11.33 -17.13
CA ASP C 298 1.01 -11.08 -18.56
C ASP C 298 1.90 -12.07 -19.31
N ASN C 299 3.10 -12.32 -18.79
CA ASN C 299 4.03 -13.22 -19.46
C ASN C 299 3.46 -14.63 -19.54
N LEU C 300 2.89 -15.12 -18.45
CA LEU C 300 2.29 -16.45 -18.48
C LEU C 300 1.17 -16.51 -19.51
N SER C 301 0.28 -15.51 -19.50
CA SER C 301 -0.82 -15.53 -20.45
C SER C 301 -0.32 -15.54 -21.88
N ARG C 302 0.76 -14.81 -22.15
CA ARG C 302 1.31 -14.78 -23.50
C ARG C 302 1.96 -16.11 -23.87
N ALA C 303 2.55 -16.81 -22.90
CA ALA C 303 3.19 -18.08 -23.19
C ALA C 303 2.23 -19.26 -23.21
N GLN C 304 0.97 -19.06 -22.82
CA GLN C 304 -0.01 -20.13 -22.80
C GLN C 304 0.48 -21.31 -21.95
N ALA C 305 0.65 -21.04 -20.65
CA ALA C 305 1.19 -22.06 -19.76
C ALA C 305 0.15 -23.14 -19.45
N LEU C 306 -1.09 -22.74 -19.19
CA LEU C 306 -2.10 -23.71 -18.78
C LEU C 306 -2.30 -24.77 -19.86
N ASP C 307 -2.36 -24.32 -21.12
CA ASP C 307 -2.46 -25.27 -22.22
C ASP C 307 -1.32 -26.26 -22.18
N PHE C 308 -0.10 -25.80 -21.93
CA PHE C 308 1.05 -26.69 -21.90
C PHE C 308 0.93 -27.71 -20.77
N MET C 309 0.50 -27.26 -19.58
CA MET C 309 0.36 -28.19 -18.46
C MET C 309 -0.64 -29.29 -18.80
N ILE C 310 -1.79 -28.90 -19.35
CA ILE C 310 -2.80 -29.89 -19.70
C ILE C 310 -2.26 -30.85 -20.74
N ASP C 311 -1.56 -30.32 -21.75
CA ASP C 311 -1.03 -31.17 -22.81
C ASP C 311 -0.05 -32.19 -22.24
N THR C 312 0.83 -31.73 -21.34
CA THR C 312 1.80 -32.65 -20.76
C THR C 312 1.12 -33.74 -19.94
N LEU C 313 0.10 -33.38 -19.16
CA LEU C 313 -0.56 -34.40 -18.35
C LEU C 313 -1.21 -35.44 -19.24
N LYS C 314 -1.89 -34.99 -20.30
CA LYS C 314 -2.50 -35.94 -21.23
C LYS C 314 -1.45 -36.87 -21.82
N ASP C 315 -0.32 -36.30 -22.24
CA ASP C 315 0.72 -37.11 -22.87
C ASP C 315 1.28 -38.14 -21.90
N VAL C 316 1.53 -37.74 -20.66
CA VAL C 316 2.10 -38.67 -19.68
C VAL C 316 1.14 -39.82 -19.44
N ALA C 317 -0.15 -39.52 -19.27
CA ALA C 317 -1.13 -40.58 -19.06
C ALA C 317 -1.18 -41.51 -20.27
N GLN C 318 -1.21 -40.95 -21.47
CA GLN C 318 -1.32 -41.77 -22.68
C GLN C 318 -0.11 -42.69 -22.82
N ARG C 319 1.09 -42.16 -22.61
CA ARG C 319 2.29 -42.99 -22.73
C ARG C 319 2.32 -44.07 -21.65
N SER C 320 1.89 -43.74 -20.44
CA SER C 320 1.79 -44.75 -19.40
C SER C 320 0.88 -45.89 -19.83
N THR C 321 -0.29 -45.55 -20.37
CA THR C 321 -1.19 -46.60 -20.85
C THR C 321 -0.54 -47.40 -21.97
N VAL C 322 0.07 -46.72 -22.94
CA VAL C 322 0.56 -47.38 -24.13
C VAL C 322 1.68 -48.37 -23.79
N SER C 323 2.62 -47.95 -22.95
CA SER C 323 3.72 -48.85 -22.61
C SER C 323 3.22 -50.19 -22.12
N ALA C 324 2.10 -50.20 -21.40
CA ALA C 324 1.51 -51.44 -20.92
C ALA C 324 0.95 -52.26 -22.09
N LEU D 13 -25.90 -33.12 13.45
CA LEU D 13 -25.07 -34.27 13.01
C LEU D 13 -25.85 -35.15 12.04
N HIS D 14 -25.54 -35.04 10.74
CA HIS D 14 -26.29 -35.78 9.74
C HIS D 14 -26.13 -37.28 9.91
N SER D 15 -24.90 -37.74 10.13
CA SER D 15 -24.62 -39.17 10.26
C SER D 15 -23.71 -39.40 11.46
N LYS D 16 -24.07 -40.38 12.29
CA LYS D 16 -23.23 -40.72 13.43
C LYS D 16 -21.89 -41.29 12.98
N ARG D 17 -21.89 -42.10 11.92
CA ARG D 17 -20.66 -42.71 11.45
C ARG D 17 -19.69 -41.66 10.91
N ALA D 18 -20.21 -40.71 10.12
CA ALA D 18 -19.32 -39.76 9.44
C ALA D 18 -18.81 -38.68 10.39
N ASN D 19 -19.59 -38.31 11.41
CA ASN D 19 -19.18 -37.27 12.35
C ASN D 19 -19.23 -35.89 11.69
N LEU D 20 -20.30 -35.63 10.95
CA LEU D 20 -20.40 -34.48 10.07
C LEU D 20 -21.44 -33.51 10.60
N TYR D 21 -21.04 -32.27 10.85
CA TYR D 21 -21.93 -31.28 11.43
C TYR D 21 -22.35 -30.26 10.38
N TYR D 22 -23.47 -29.60 10.64
CA TYR D 22 -24.07 -28.65 9.70
C TYR D 22 -24.29 -27.34 10.43
N LEU D 23 -23.87 -26.22 9.82
CA LEU D 23 -23.93 -24.91 10.44
C LEU D 23 -24.73 -23.95 9.56
N GLN D 24 -25.53 -23.11 10.19
CA GLN D 24 -26.36 -22.15 9.49
C GLN D 24 -26.58 -20.93 10.36
N HIS D 25 -26.89 -19.80 9.72
CA HIS D 25 -27.13 -18.54 10.42
C HIS D 25 -26.02 -18.25 11.42
N CYS D 26 -24.79 -18.16 10.91
CA CYS D 26 -23.64 -18.04 11.79
C CYS D 26 -22.45 -17.46 11.05
N ARG D 27 -21.65 -16.67 11.75
CA ARG D 27 -20.39 -16.17 11.23
C ARG D 27 -19.24 -16.80 12.01
N VAL D 28 -18.34 -17.47 11.31
CA VAL D 28 -17.23 -18.18 11.92
C VAL D 28 -16.01 -17.26 11.87
N LEU D 29 -15.50 -16.89 13.03
CA LEU D 29 -14.35 -16.00 13.12
C LEU D 29 -13.53 -16.38 14.35
N VAL D 30 -12.34 -15.80 14.44
CA VAL D 30 -11.37 -16.14 15.48
C VAL D 30 -11.10 -14.91 16.33
N ASN D 31 -11.09 -15.10 17.65
CA ASN D 31 -10.83 -14.05 18.62
C ASN D 31 -9.81 -14.55 19.62
N GLY D 32 -8.57 -14.07 19.52
CA GLY D 32 -7.54 -14.52 20.43
C GLY D 32 -7.16 -15.98 20.27
N GLY D 33 -7.03 -16.46 19.05
CA GLY D 33 -6.53 -17.79 18.81
C GLY D 33 -7.55 -18.90 18.91
N ARG D 34 -8.84 -18.58 18.96
CA ARG D 34 -9.88 -19.58 19.10
C ARG D 34 -11.00 -19.26 18.14
N VAL D 35 -11.56 -20.28 17.50
CA VAL D 35 -12.63 -20.08 16.53
C VAL D 35 -13.94 -19.85 17.29
N GLU D 36 -14.69 -18.82 16.88
CA GLU D 36 -15.89 -18.42 17.58
C GLU D 36 -17.03 -18.24 16.61
N TYR D 37 -18.21 -18.66 17.02
CA TYR D 37 -19.44 -18.53 16.24
C TYR D 37 -20.27 -17.41 16.86
N VAL D 38 -20.74 -16.49 16.02
CA VAL D 38 -21.65 -15.44 16.44
C VAL D 38 -22.98 -15.67 15.73
N THR D 39 -24.03 -15.86 16.51
CA THR D 39 -25.36 -16.15 15.98
C THR D 39 -26.38 -15.76 17.03
N ASP D 40 -27.62 -15.55 16.58
CA ASP D 40 -28.70 -15.39 17.52
C ASP D 40 -28.74 -16.61 18.43
N GLU D 41 -29.19 -16.41 19.67
CA GLU D 41 -29.04 -17.34 20.77
C GLU D 41 -27.69 -17.19 21.46
N GLY D 42 -26.87 -16.22 21.06
CA GLY D 42 -25.73 -15.82 21.86
C GLY D 42 -24.86 -16.98 22.27
N ARG D 43 -24.39 -16.95 23.51
CA ARG D 43 -23.49 -17.98 24.01
C ARG D 43 -24.28 -19.15 24.58
N HIS D 44 -25.31 -19.58 23.87
CA HIS D 44 -26.05 -20.80 24.20
C HIS D 44 -26.24 -21.70 23.01
N SER D 45 -25.97 -21.24 21.79
CA SER D 45 -26.06 -22.11 20.63
C SER D 45 -25.17 -23.32 20.83
N HIS D 46 -25.67 -24.48 20.45
CA HIS D 46 -24.95 -25.73 20.64
C HIS D 46 -23.79 -25.89 19.69
N TYR D 47 -23.44 -24.86 18.93
CA TYR D 47 -22.25 -24.96 18.09
C TYR D 47 -20.97 -24.95 18.91
N TRP D 48 -21.04 -24.64 20.21
CA TRP D 48 -19.85 -24.62 21.04
C TRP D 48 -19.43 -26.00 21.51
N ASN D 49 -20.21 -27.04 21.21
CA ASN D 49 -19.92 -28.41 21.60
C ASN D 49 -19.51 -29.24 20.40
N ILE D 50 -18.74 -28.64 19.49
CA ILE D 50 -18.30 -29.33 18.28
C ILE D 50 -16.83 -29.66 18.46
N PRO D 51 -16.48 -30.89 18.80
CA PRO D 51 -15.06 -31.23 18.95
C PRO D 51 -14.26 -30.86 17.72
N ILE D 52 -13.29 -29.98 17.89
CA ILE D 52 -12.36 -29.63 16.82
C ILE D 52 -11.17 -30.57 16.96
N ALA D 53 -11.15 -31.62 16.15
CA ALA D 53 -10.09 -32.60 16.18
C ALA D 53 -10.03 -33.25 14.81
N ASN D 54 -9.17 -34.26 14.67
CA ASN D 54 -9.05 -34.95 13.39
C ASN D 54 -10.35 -35.57 12.94
N THR D 55 -11.26 -35.85 13.87
CA THR D 55 -12.46 -36.63 13.59
C THR D 55 -13.70 -35.75 13.50
N THR D 56 -13.60 -34.63 12.79
CA THR D 56 -14.72 -33.73 12.58
C THR D 56 -14.69 -33.20 11.16
N SER D 57 -15.86 -32.81 10.66
CA SER D 57 -15.98 -32.16 9.37
C SER D 57 -17.13 -31.18 9.44
N LEU D 58 -16.97 -30.02 8.83
CA LEU D 58 -17.93 -28.92 8.93
C LEU D 58 -18.57 -28.68 7.58
N LEU D 59 -19.88 -28.46 7.58
CA LEU D 59 -20.63 -28.12 6.38
C LEU D 59 -21.41 -26.85 6.67
N LEU D 60 -21.19 -25.82 5.87
CA LEU D 60 -21.81 -24.51 6.08
C LEU D 60 -22.94 -24.30 5.09
N GLY D 61 -24.12 -23.94 5.60
CA GLY D 61 -25.33 -23.91 4.81
C GLY D 61 -25.81 -22.52 4.46
N THR D 62 -27.06 -22.20 4.77
CA THR D 62 -27.62 -20.91 4.40
C THR D 62 -27.25 -19.84 5.41
N GLY D 63 -26.86 -18.66 4.92
CA GLY D 63 -26.49 -17.55 5.77
C GLY D 63 -25.26 -17.82 6.59
N THR D 64 -24.10 -17.97 5.96
CA THR D 64 -22.89 -18.32 6.67
C THR D 64 -21.69 -17.71 5.95
N SER D 65 -20.63 -17.45 6.70
CA SER D 65 -19.38 -16.93 6.15
C SER D 65 -18.22 -17.40 7.00
N ILE D 66 -17.03 -17.47 6.41
CA ILE D 66 -15.85 -17.99 7.07
C ILE D 66 -14.68 -17.07 6.75
N THR D 67 -13.89 -16.73 7.76
CA THR D 67 -12.75 -15.86 7.58
C THR D 67 -11.50 -16.68 7.28
N GLN D 68 -10.49 -16.03 6.70
CA GLN D 68 -9.26 -16.73 6.36
C GLN D 68 -8.53 -17.23 7.60
N ALA D 69 -8.53 -16.42 8.67
CA ALA D 69 -7.90 -16.84 9.91
C ALA D 69 -8.57 -18.08 10.49
N ALA D 70 -9.90 -18.14 10.42
CA ALA D 70 -10.61 -19.31 10.92
C ALA D 70 -10.16 -20.56 10.19
N MET D 71 -9.99 -20.48 8.87
CA MET D 71 -9.62 -21.69 8.15
C MET D 71 -8.14 -22.02 8.35
N ARG D 72 -7.30 -21.02 8.64
CA ARG D 72 -5.96 -21.34 9.11
C ARG D 72 -6.01 -22.16 10.39
N GLU D 73 -6.83 -21.74 11.36
CA GLU D 73 -6.91 -22.49 12.60
C GLU D 73 -7.46 -23.90 12.37
N LEU D 74 -8.51 -24.01 11.55
CA LEU D 74 -9.07 -25.32 11.28
C LEU D 74 -8.06 -26.23 10.60
N ALA D 75 -7.31 -25.71 9.62
CA ALA D 75 -6.26 -26.50 8.99
C ALA D 75 -5.19 -26.91 9.98
N ARG D 76 -4.86 -26.01 10.91
CA ARG D 76 -3.89 -26.37 11.95
C ARG D 76 -4.40 -27.54 12.78
N ALA D 77 -5.69 -27.55 13.10
CA ALA D 77 -6.25 -28.64 13.87
C ALA D 77 -6.48 -29.91 13.06
N GLY D 78 -6.78 -29.77 11.77
CA GLY D 78 -7.04 -30.92 10.93
C GLY D 78 -8.52 -31.21 10.75
N VAL D 79 -9.28 -30.20 10.32
CA VAL D 79 -10.72 -30.32 10.11
C VAL D 79 -11.04 -29.96 8.67
N LEU D 80 -11.77 -30.83 7.98
CA LEU D 80 -12.20 -30.53 6.62
C LEU D 80 -13.36 -29.55 6.65
N VAL D 81 -13.56 -28.86 5.53
CA VAL D 81 -14.58 -27.81 5.43
C VAL D 81 -15.26 -27.93 4.08
N GLY D 82 -16.57 -27.72 4.07
CA GLY D 82 -17.33 -27.77 2.83
C GLY D 82 -18.51 -26.84 2.90
N PHE D 83 -18.92 -26.33 1.74
CA PHE D 83 -20.06 -25.43 1.62
C PHE D 83 -21.19 -26.19 0.95
N CYS D 84 -22.25 -26.48 1.69
CA CYS D 84 -23.40 -27.17 1.15
C CYS D 84 -24.51 -26.17 0.86
N GLY D 85 -25.65 -26.68 0.39
CA GLY D 85 -26.80 -25.85 0.11
C GLY D 85 -27.84 -25.93 1.21
N GLY D 86 -28.95 -25.26 0.97
CA GLY D 86 -30.01 -25.21 1.95
C GLY D 86 -30.43 -26.57 2.47
N GLY D 87 -30.21 -26.82 3.75
CA GLY D 87 -30.65 -28.03 4.40
C GLY D 87 -29.65 -29.16 4.42
N GLY D 88 -28.53 -29.04 3.70
CA GLY D 88 -27.55 -30.09 3.61
C GLY D 88 -27.37 -30.67 2.22
N THR D 89 -28.10 -30.19 1.22
CA THR D 89 -27.99 -30.70 -0.13
C THR D 89 -28.35 -29.59 -1.09
N PRO D 90 -27.65 -29.47 -2.23
CA PRO D 90 -26.54 -30.29 -2.73
C PRO D 90 -25.20 -29.78 -2.23
N LEU D 91 -24.10 -30.41 -2.64
CA LEU D 91 -22.77 -29.97 -2.28
C LEU D 91 -22.21 -29.08 -3.38
N PHE D 92 -21.71 -27.91 -3.02
CA PHE D 92 -21.18 -26.95 -3.98
C PHE D 92 -19.67 -27.04 -4.11
N SER D 93 -18.96 -27.01 -3.00
CA SER D 93 -17.51 -27.10 -3.00
C SER D 93 -17.06 -27.66 -1.67
N ALA D 94 -15.84 -28.18 -1.62
CA ALA D 94 -15.29 -28.68 -0.36
C ALA D 94 -13.81 -28.97 -0.55
N ASN D 95 -13.16 -29.37 0.54
CA ASN D 95 -11.78 -29.81 0.49
C ASN D 95 -11.70 -31.16 -0.21
N GLU D 96 -10.50 -31.74 -0.24
CA GLU D 96 -10.27 -33.04 -0.84
C GLU D 96 -9.48 -33.91 0.13
N VAL D 97 -9.72 -35.22 0.07
CA VAL D 97 -9.11 -36.19 0.97
C VAL D 97 -7.97 -36.87 0.23
N ASP D 98 -6.81 -36.97 0.88
CA ASP D 98 -5.67 -37.64 0.29
C ASP D 98 -5.70 -39.13 0.60
N VAL D 99 -4.85 -39.88 -0.09
CA VAL D 99 -4.83 -41.33 0.01
C VAL D 99 -3.81 -41.75 1.06
N GLU D 100 -3.89 -43.00 1.50
CA GLU D 100 -2.99 -43.56 2.50
C GLU D 100 -2.31 -44.79 1.91
N VAL D 101 -1.00 -44.73 1.72
CA VAL D 101 -0.22 -45.82 1.17
C VAL D 101 1.12 -45.88 1.91
N SER D 102 1.85 -46.98 1.70
CA SER D 102 3.15 -47.12 2.35
C SER D 102 4.06 -45.96 2.00
N TRP D 103 4.15 -45.63 0.72
CA TRP D 103 4.83 -44.41 0.31
C TRP D 103 3.86 -43.25 0.46
N LEU D 104 4.30 -42.05 0.07
CA LEU D 104 3.46 -40.86 0.16
C LEU D 104 2.99 -40.64 1.59
N THR D 105 3.94 -40.28 2.44
CA THR D 105 3.74 -40.19 3.89
C THR D 105 4.10 -38.79 4.39
N PRO D 106 3.35 -37.78 3.99
CA PRO D 106 3.60 -36.43 4.48
C PRO D 106 3.17 -36.27 5.93
N GLN D 107 3.74 -35.24 6.57
CA GLN D 107 3.45 -34.90 7.96
C GLN D 107 2.38 -33.82 7.96
N SER D 108 1.16 -34.19 8.34
CA SER D 108 0.05 -33.26 8.43
C SER D 108 -1.00 -33.85 9.35
N GLU D 109 -1.90 -33.00 9.85
CA GLU D 109 -2.88 -33.46 10.83
C GLU D 109 -4.01 -34.24 10.16
N TYR D 110 -4.36 -33.89 8.94
CA TYR D 110 -5.51 -34.51 8.29
C TYR D 110 -5.36 -36.02 8.26
N ARG D 111 -6.44 -36.73 8.60
CA ARG D 111 -6.41 -38.19 8.56
C ARG D 111 -6.75 -38.68 7.16
N PRO D 112 -5.92 -39.50 6.53
CA PRO D 112 -6.19 -39.94 5.16
C PRO D 112 -7.12 -41.15 5.13
N THR D 113 -7.57 -41.46 3.92
CA THR D 113 -8.48 -42.58 3.69
C THR D 113 -7.75 -43.72 2.98
N GLU D 114 -8.39 -44.90 3.01
CA GLU D 114 -7.80 -46.09 2.44
C GLU D 114 -8.72 -46.80 1.46
N TYR D 115 -9.94 -46.31 1.24
CA TYR D 115 -10.89 -47.06 0.44
C TYR D 115 -10.62 -46.94 -1.05
N LEU D 116 -9.86 -45.94 -1.48
CA LEU D 116 -9.56 -45.84 -2.91
C LEU D 116 -8.71 -47.01 -3.36
N GLN D 117 -7.77 -47.46 -2.53
CA GLN D 117 -6.94 -48.60 -2.91
C GLN D 117 -7.81 -49.83 -3.10
N ARG D 118 -8.65 -50.14 -2.10
CA ARG D 118 -9.48 -51.33 -2.17
C ARG D 118 -10.44 -51.25 -3.35
N TRP D 119 -10.99 -50.06 -3.59
CA TRP D 119 -11.90 -49.89 -4.71
C TRP D 119 -11.19 -50.15 -6.04
N VAL D 120 -10.04 -49.52 -6.25
CA VAL D 120 -9.31 -49.71 -7.48
C VAL D 120 -8.78 -51.13 -7.61
N GLY D 121 -8.71 -51.86 -6.50
CA GLY D 121 -8.16 -53.20 -6.55
C GLY D 121 -9.05 -54.20 -7.25
N PHE D 122 -10.31 -53.86 -7.51
CA PHE D 122 -11.22 -54.74 -8.22
C PHE D 122 -11.93 -54.10 -9.40
N TRP D 123 -11.93 -52.78 -9.53
CA TRP D 123 -12.68 -52.13 -10.60
C TRP D 123 -12.19 -52.54 -11.97
N PHE D 124 -10.98 -53.11 -12.06
CA PHE D 124 -10.43 -53.52 -13.34
C PHE D 124 -10.77 -54.96 -13.71
N ASP D 125 -11.42 -55.70 -12.81
CA ASP D 125 -11.84 -57.07 -13.05
C ASP D 125 -13.34 -57.07 -13.35
N GLU D 126 -13.70 -57.43 -14.59
CA GLU D 126 -15.09 -57.25 -15.00
C GLU D 126 -16.05 -58.03 -14.12
N GLU D 127 -15.68 -59.27 -13.78
CA GLU D 127 -16.59 -60.11 -13.00
C GLU D 127 -16.83 -59.53 -11.62
N LYS D 128 -15.79 -58.98 -10.99
CA LYS D 128 -15.97 -58.37 -9.68
C LYS D 128 -16.89 -57.16 -9.79
N ARG D 129 -16.79 -56.42 -10.89
CA ARG D 129 -17.73 -55.33 -11.12
C ARG D 129 -19.15 -55.88 -11.24
N LEU D 130 -19.32 -57.03 -11.89
CA LEU D 130 -20.63 -57.64 -11.99
C LEU D 130 -21.17 -57.96 -10.60
N VAL D 131 -20.32 -58.52 -9.73
CA VAL D 131 -20.76 -58.82 -8.37
C VAL D 131 -21.21 -57.55 -7.67
N ALA D 132 -20.43 -56.48 -7.82
CA ALA D 132 -20.78 -55.22 -7.16
C ALA D 132 -22.12 -54.69 -7.65
N ALA D 133 -22.34 -54.76 -8.96
CA ALA D 133 -23.62 -54.31 -9.50
C ALA D 133 -24.76 -55.15 -8.92
N ARG D 134 -24.55 -56.45 -8.79
CA ARG D 134 -25.55 -57.30 -8.16
C ARG D 134 -25.85 -56.81 -6.75
N HIS D 135 -24.81 -56.50 -5.98
CA HIS D 135 -25.04 -56.05 -4.61
C HIS D 135 -25.84 -54.75 -4.57
N PHE D 136 -25.51 -53.81 -5.46
CA PHE D 136 -26.25 -52.55 -5.49
C PHE D 136 -27.72 -52.80 -5.80
N GLN D 137 -28.00 -53.61 -6.82
CA GLN D 137 -29.38 -53.90 -7.18
C GLN D 137 -30.13 -54.58 -6.04
N ARG D 138 -29.45 -55.51 -5.37
CA ARG D 138 -30.07 -56.20 -4.24
C ARG D 138 -30.42 -55.21 -3.14
N ALA D 139 -29.51 -54.30 -2.84
CA ALA D 139 -29.79 -53.30 -1.82
C ALA D 139 -31.00 -52.47 -2.18
N ARG D 140 -31.09 -52.03 -3.44
CA ARG D 140 -32.22 -51.21 -3.85
C ARG D 140 -33.54 -51.98 -3.73
N LEU D 141 -33.57 -53.20 -4.25
CA LEU D 141 -34.82 -53.96 -4.21
C LEU D 141 -35.19 -54.30 -2.77
N GLU D 142 -34.20 -54.41 -1.88
CA GLU D 142 -34.50 -54.62 -0.48
C GLU D 142 -35.15 -53.38 0.12
N ARG D 143 -34.54 -52.22 -0.11
CA ARG D 143 -35.03 -51.02 0.56
C ARG D 143 -36.38 -50.58 0.02
N ILE D 144 -36.66 -50.90 -1.26
CA ILE D 144 -37.96 -50.55 -1.81
C ILE D 144 -39.06 -51.19 -0.98
N ARG D 145 -38.85 -52.45 -0.58
CA ARG D 145 -39.87 -53.15 0.20
C ARG D 145 -40.14 -52.43 1.50
N HIS D 146 -39.09 -52.14 2.27
CA HIS D 146 -39.27 -51.48 3.55
C HIS D 146 -40.00 -50.16 3.37
N SER D 147 -39.54 -49.34 2.43
CA SER D 147 -40.14 -48.03 2.23
C SER D 147 -41.61 -48.14 1.87
N TRP D 148 -41.95 -49.06 0.95
CA TRP D 148 -43.29 -49.10 0.39
C TRP D 148 -44.26 -49.91 1.24
N LEU D 149 -43.78 -50.69 2.20
CA LEU D 149 -44.66 -51.53 3.00
C LEU D 149 -44.64 -51.18 4.47
N GLU D 150 -43.46 -51.15 5.11
CA GLU D 150 -43.43 -51.08 6.56
C GLU D 150 -43.78 -49.70 7.09
N ASP D 151 -43.48 -48.65 6.32
CA ASP D 151 -43.64 -47.29 6.82
C ASP D 151 -45.06 -47.02 7.28
N ARG D 152 -45.25 -46.91 8.60
CA ARG D 152 -46.58 -46.56 9.13
C ARG D 152 -46.91 -45.10 8.81
N VAL D 153 -45.91 -44.22 8.85
CA VAL D 153 -46.14 -42.83 8.50
C VAL D 153 -46.60 -42.70 7.06
N LEU D 154 -45.93 -43.42 6.15
CA LEU D 154 -46.35 -43.41 4.76
C LEU D 154 -47.75 -43.98 4.62
N ARG D 155 -48.05 -45.05 5.34
CA ARG D 155 -49.39 -45.63 5.29
C ARG D 155 -50.44 -44.62 5.70
N ASP D 156 -50.17 -43.85 6.76
CA ASP D 156 -51.09 -42.79 7.18
C ASP D 156 -51.07 -41.62 6.22
N ALA D 157 -50.04 -41.52 5.36
CA ALA D 157 -49.95 -40.38 4.46
C ALA D 157 -51.14 -40.31 3.51
N GLY D 158 -51.54 -41.45 2.95
CA GLY D 158 -52.71 -41.50 2.10
C GLY D 158 -52.59 -42.37 0.87
N PHE D 159 -51.42 -42.41 0.24
CA PHE D 159 -51.27 -43.23 -0.95
C PHE D 159 -51.24 -44.70 -0.54
N ALA D 160 -52.07 -45.52 -1.17
CA ALA D 160 -52.33 -46.88 -0.72
C ALA D 160 -51.55 -47.86 -1.58
N VAL D 161 -50.64 -48.62 -0.96
CA VAL D 161 -49.81 -49.59 -1.65
C VAL D 161 -50.44 -50.96 -1.49
N ASP D 162 -50.76 -51.61 -2.62
CA ASP D 162 -51.31 -52.95 -2.61
C ASP D 162 -50.16 -53.93 -2.39
N ALA D 163 -50.24 -54.73 -1.33
CA ALA D 163 -49.17 -55.64 -1.00
C ALA D 163 -48.94 -56.66 -2.11
N THR D 164 -50.03 -57.18 -2.69
CA THR D 164 -49.91 -58.29 -3.63
C THR D 164 -49.11 -57.90 -4.86
N ALA D 165 -49.50 -56.81 -5.53
CA ALA D 165 -48.84 -56.44 -6.78
C ALA D 165 -47.39 -56.06 -6.53
N LEU D 166 -47.13 -55.30 -5.47
CA LEU D 166 -45.75 -54.91 -5.17
C LEU D 166 -44.90 -56.12 -4.87
N ALA D 167 -45.43 -57.08 -4.10
CA ALA D 167 -44.69 -58.30 -3.82
C ALA D 167 -44.41 -59.07 -5.10
N VAL D 168 -45.41 -59.16 -5.99
CA VAL D 168 -45.22 -59.89 -7.24
C VAL D 168 -44.10 -59.24 -8.04
N ALA D 169 -44.14 -57.91 -8.17
CA ALA D 169 -43.12 -57.22 -8.96
C ALA D 169 -41.73 -57.36 -8.33
N VAL D 170 -41.65 -57.23 -7.00
CA VAL D 170 -40.36 -57.34 -6.33
C VAL D 170 -39.79 -58.74 -6.50
N GLU D 171 -40.61 -59.77 -6.34
CA GLU D 171 -40.14 -61.13 -6.53
C GLU D 171 -39.70 -61.36 -7.97
N ASP D 172 -40.47 -60.86 -8.94
CA ASP D 172 -40.10 -61.05 -10.33
C ASP D 172 -38.78 -60.38 -10.64
N SER D 173 -38.58 -59.15 -10.15
CA SER D 173 -37.31 -58.47 -10.36
C SER D 173 -36.16 -59.21 -9.69
N ALA D 174 -36.38 -59.71 -8.48
CA ALA D 174 -35.33 -60.45 -7.79
C ALA D 174 -34.93 -61.67 -8.60
N ARG D 175 -35.90 -62.40 -9.15
CA ARG D 175 -35.58 -63.53 -10.01
C ARG D 175 -34.80 -63.07 -11.23
N ALA D 176 -35.25 -61.99 -11.87
CA ALA D 176 -34.58 -61.51 -13.07
C ALA D 176 -33.16 -61.05 -12.76
N LEU D 177 -32.99 -60.33 -11.65
CA LEU D 177 -31.67 -59.81 -11.31
C LEU D 177 -30.67 -60.94 -11.05
N GLU D 178 -31.11 -62.00 -10.37
CA GLU D 178 -30.20 -63.10 -10.07
C GLU D 178 -29.71 -63.79 -11.33
N GLN D 179 -30.44 -63.65 -12.45
CA GLN D 179 -30.14 -64.36 -13.67
C GLN D 179 -29.74 -63.43 -14.81
N ALA D 180 -29.02 -62.35 -14.51
CA ALA D 180 -28.55 -61.44 -15.56
C ALA D 180 -27.09 -61.73 -15.87
N PRO D 181 -26.77 -62.20 -17.09
CA PRO D 181 -25.37 -62.56 -17.39
C PRO D 181 -24.47 -61.37 -17.65
N ASN D 182 -24.97 -60.37 -18.38
CA ASN D 182 -24.20 -59.20 -18.77
C ASN D 182 -24.87 -57.93 -18.26
N HIS D 183 -24.16 -56.81 -18.40
CA HIS D 183 -24.65 -55.55 -17.85
C HIS D 183 -25.95 -55.12 -18.52
N GLU D 184 -26.07 -55.33 -19.84
CA GLU D 184 -27.24 -54.84 -20.56
C GLU D 184 -28.51 -55.50 -20.03
N HIS D 185 -28.45 -56.80 -19.74
CA HIS D 185 -29.62 -57.47 -19.17
C HIS D 185 -29.99 -56.87 -17.82
N LEU D 186 -28.98 -56.55 -17.00
CA LEU D 186 -29.26 -55.91 -15.72
C LEU D 186 -29.93 -54.55 -15.91
N LEU D 187 -29.47 -53.78 -16.90
CA LEU D 187 -30.09 -52.50 -17.18
C LEU D 187 -31.54 -52.68 -17.61
N THR D 188 -31.80 -53.67 -18.45
CA THR D 188 -33.17 -53.92 -18.89
C THR D 188 -34.06 -54.30 -17.72
N GLU D 189 -33.56 -55.16 -16.82
CA GLU D 189 -34.32 -55.53 -15.64
C GLU D 189 -34.60 -54.31 -14.77
N GLU D 190 -33.59 -53.44 -14.62
CA GLU D 190 -33.78 -52.22 -13.84
C GLU D 190 -34.88 -51.37 -14.44
N ALA D 191 -34.86 -51.21 -15.77
CA ALA D 191 -35.88 -50.41 -16.43
C ALA D 191 -37.26 -51.02 -16.23
N ARG D 192 -37.37 -52.34 -16.33
CA ARG D 192 -38.66 -52.98 -16.14
C ARG D 192 -39.18 -52.74 -14.73
N LEU D 193 -38.33 -52.93 -13.72
CA LEU D 193 -38.76 -52.71 -12.35
C LEU D 193 -39.17 -51.26 -12.13
N SER D 194 -38.41 -50.32 -12.68
CA SER D 194 -38.74 -48.92 -12.52
C SER D 194 -40.10 -48.60 -13.14
N LYS D 195 -40.35 -49.11 -14.34
CA LYS D 195 -41.63 -48.84 -14.99
C LYS D 195 -42.77 -49.44 -14.18
N ARG D 196 -42.61 -50.68 -13.71
CA ARG D 196 -43.68 -51.32 -12.96
C ARG D 196 -43.96 -50.57 -11.66
N LEU D 197 -42.90 -50.13 -10.96
CA LEU D 197 -43.10 -49.37 -9.74
C LEU D 197 -43.78 -48.04 -10.02
N PHE D 198 -43.38 -47.37 -11.10
CA PHE D 198 -44.06 -46.15 -11.53
C PHE D 198 -45.56 -46.41 -11.70
N LYS D 199 -45.90 -47.48 -12.40
CA LYS D 199 -47.31 -47.78 -12.65
C LYS D 199 -48.04 -48.06 -11.35
N LEU D 200 -47.43 -48.83 -10.46
CA LEU D 200 -48.08 -49.16 -9.20
C LEU D 200 -48.36 -47.91 -8.38
N ALA D 201 -47.36 -47.02 -8.28
CA ALA D 201 -47.57 -45.79 -7.54
C ALA D 201 -48.64 -44.93 -8.19
N ALA D 202 -48.65 -44.86 -9.52
CA ALA D 202 -49.65 -44.05 -10.20
C ALA D 202 -51.05 -44.58 -9.91
N GLN D 203 -51.22 -45.90 -9.94
CA GLN D 203 -52.51 -46.48 -9.60
C GLN D 203 -52.88 -46.18 -8.15
N ALA D 204 -51.90 -46.27 -7.24
CA ALA D 204 -52.19 -46.02 -5.83
C ALA D 204 -52.63 -44.59 -5.60
N THR D 205 -52.00 -43.64 -6.29
CA THR D 205 -52.26 -42.22 -6.04
C THR D 205 -53.49 -41.70 -6.77
N ARG D 206 -54.03 -42.46 -7.71
CA ARG D 206 -55.15 -42.01 -8.54
C ARG D 206 -54.76 -40.87 -9.46
N TYR D 207 -53.46 -40.62 -9.63
CA TYR D 207 -53.01 -39.53 -10.49
C TYR D 207 -53.41 -39.75 -11.93
N GLY D 208 -53.50 -41.02 -12.34
CA GLY D 208 -53.73 -41.35 -13.73
C GLY D 208 -52.45 -41.72 -14.43
N GLU D 209 -52.56 -41.89 -15.75
CA GLU D 209 -51.40 -42.25 -16.55
C GLU D 209 -50.29 -41.22 -16.42
N PHE D 210 -49.07 -41.70 -16.22
CA PHE D 210 -47.92 -40.84 -16.04
C PHE D 210 -46.72 -41.43 -16.77
N VAL D 211 -45.78 -40.55 -17.14
CA VAL D 211 -44.58 -40.95 -17.86
C VAL D 211 -43.41 -40.10 -17.37
N ARG D 212 -42.20 -40.54 -17.74
CA ARG D 212 -40.97 -39.86 -17.35
C ARG D 212 -40.42 -39.16 -18.59
N ALA D 213 -40.87 -37.92 -18.81
CA ALA D 213 -40.49 -37.20 -20.01
C ALA D 213 -39.00 -36.96 -20.05
N LYS D 214 -38.43 -36.97 -21.25
CA LYS D 214 -37.01 -36.72 -21.43
C LYS D 214 -36.71 -35.23 -21.37
N ARG D 215 -35.49 -34.90 -20.98
CA ARG D 215 -35.02 -33.52 -20.90
C ARG D 215 -35.71 -32.77 -19.76
N GLY D 216 -36.46 -33.49 -18.93
CA GLY D 216 -37.35 -32.82 -17.99
C GLY D 216 -38.43 -32.01 -18.67
N SER D 217 -38.91 -32.47 -19.82
CA SER D 217 -39.88 -31.69 -20.59
C SER D 217 -41.29 -31.78 -19.99
N GLY D 218 -41.53 -32.77 -19.14
CA GLY D 218 -42.86 -32.97 -18.60
C GLY D 218 -43.38 -31.75 -17.85
N GLY D 219 -44.54 -31.25 -18.26
CA GLY D 219 -45.11 -30.06 -17.64
C GLY D 219 -45.97 -30.37 -16.44
N ASP D 220 -46.38 -31.63 -16.30
CA ASP D 220 -47.23 -32.01 -15.20
C ASP D 220 -46.47 -31.86 -13.87
N PRO D 221 -47.17 -31.61 -12.77
CA PRO D 221 -46.47 -31.46 -11.48
C PRO D 221 -45.62 -32.67 -11.10
N ALA D 222 -46.06 -33.87 -11.46
CA ALA D 222 -45.28 -35.06 -11.13
C ALA D 222 -43.88 -34.97 -11.73
N ASN D 223 -43.77 -34.48 -12.97
CA ASN D 223 -42.46 -34.38 -13.60
C ASN D 223 -41.54 -33.46 -12.80
N ARG D 224 -42.05 -32.28 -12.43
CA ARG D 224 -41.23 -31.33 -11.69
C ARG D 224 -40.80 -31.91 -10.36
N PHE D 225 -41.73 -32.54 -9.65
CA PHE D 225 -41.40 -33.11 -8.35
C PHE D 225 -40.34 -34.19 -8.49
N LEU D 226 -40.46 -35.05 -9.50
CA LEU D 226 -39.49 -36.11 -9.69
C LEU D 226 -38.11 -35.53 -9.98
N ASP D 227 -38.04 -34.51 -10.84
CA ASP D 227 -36.75 -33.90 -11.11
C ASP D 227 -36.14 -33.29 -9.85
N HIS D 228 -36.95 -32.61 -9.04
CA HIS D 228 -36.39 -31.96 -7.85
C HIS D 228 -35.88 -33.00 -6.85
N GLY D 229 -36.66 -34.04 -6.61
CA GLY D 229 -36.20 -35.10 -5.73
C GLY D 229 -34.91 -35.73 -6.23
N ASN D 230 -34.82 -35.95 -7.54
CA ASN D 230 -33.59 -36.47 -8.12
C ASN D 230 -32.41 -35.58 -7.83
N TYR D 231 -32.59 -34.27 -8.01
CA TYR D 231 -31.50 -33.34 -7.77
C TYR D 231 -31.03 -33.41 -6.32
N LEU D 232 -31.98 -33.45 -5.38
CA LEU D 232 -31.62 -33.55 -3.98
C LEU D 232 -30.84 -34.84 -3.69
N ALA D 233 -31.32 -35.96 -4.22
CA ALA D 233 -30.66 -37.23 -3.95
C ALA D 233 -29.25 -37.27 -4.53
N TYR D 234 -29.07 -36.72 -5.74
CA TYR D 234 -27.71 -36.67 -6.30
C TYR D 234 -26.80 -35.85 -5.41
N GLY D 235 -27.27 -34.73 -4.89
CA GLY D 235 -26.45 -33.97 -3.97
C GLY D 235 -26.03 -34.79 -2.76
N LEU D 236 -26.99 -35.52 -2.19
CA LEU D 236 -26.68 -36.30 -1.01
C LEU D 236 -25.63 -37.37 -1.31
N ALA D 237 -25.76 -38.03 -2.46
CA ALA D 237 -24.79 -39.06 -2.83
C ALA D 237 -23.41 -38.46 -3.06
N ALA D 238 -23.35 -37.25 -3.64
CA ALA D 238 -22.06 -36.59 -3.80
C ALA D 238 -21.40 -36.37 -2.45
N THR D 239 -22.19 -35.91 -1.47
CA THR D 239 -21.65 -35.79 -0.12
C THR D 239 -21.10 -37.12 0.36
N ALA D 240 -21.84 -38.20 0.09
CA ALA D 240 -21.44 -39.52 0.58
C ALA D 240 -20.06 -39.92 0.04
N THR D 241 -19.91 -39.85 -1.29
CA THR D 241 -18.63 -40.27 -1.87
C THR D 241 -17.51 -39.36 -1.40
N TRP D 242 -17.77 -38.05 -1.30
CA TRP D 242 -16.72 -37.16 -0.82
C TRP D 242 -16.27 -37.56 0.58
N VAL D 243 -17.22 -37.82 1.48
CA VAL D 243 -16.85 -38.20 2.84
C VAL D 243 -15.99 -39.45 2.81
N LEU D 244 -16.38 -40.44 2.01
CA LEU D 244 -15.63 -41.68 2.01
C LEU D 244 -14.27 -41.53 1.34
N GLY D 245 -14.22 -40.83 0.20
CA GLY D 245 -12.96 -40.56 -0.48
C GLY D 245 -12.81 -41.16 -1.86
N ILE D 246 -13.83 -41.80 -2.40
CA ILE D 246 -13.76 -42.42 -3.73
C ILE D 246 -13.99 -41.33 -4.78
N PRO D 247 -13.49 -41.47 -6.00
CA PRO D 247 -13.80 -40.48 -7.03
C PRO D 247 -15.13 -40.75 -7.72
N HIS D 248 -15.63 -39.72 -8.41
CA HIS D 248 -16.95 -39.81 -9.04
C HIS D 248 -16.90 -40.64 -10.32
N GLY D 249 -15.79 -40.57 -11.06
CA GLY D 249 -15.74 -41.21 -12.36
C GLY D 249 -15.78 -42.73 -12.31
N LEU D 250 -15.22 -43.31 -11.26
CA LEU D 250 -15.06 -44.76 -11.17
C LEU D 250 -16.44 -45.41 -11.00
N ALA D 251 -17.17 -45.46 -12.11
CA ALA D 251 -18.51 -46.03 -12.08
C ALA D 251 -18.44 -47.54 -11.87
N VAL D 252 -19.53 -48.11 -11.37
CA VAL D 252 -19.62 -49.54 -11.10
C VAL D 252 -20.64 -50.22 -12.00
N LEU D 253 -21.85 -49.66 -12.10
CA LEU D 253 -22.91 -50.24 -12.90
C LEU D 253 -23.01 -49.57 -14.27
N HIS D 254 -22.97 -48.25 -14.32
CA HIS D 254 -23.11 -47.53 -15.56
C HIS D 254 -21.97 -47.87 -16.52
N GLY D 255 -22.05 -47.33 -17.73
CA GLY D 255 -20.95 -47.50 -18.67
C GLY D 255 -19.72 -46.74 -18.23
N LYS D 256 -18.56 -47.22 -18.66
CA LYS D 256 -17.31 -46.60 -18.25
C LYS D 256 -17.17 -45.17 -18.77
N THR D 257 -18.01 -44.79 -19.73
CA THR D 257 -17.86 -43.48 -20.37
C THR D 257 -18.70 -42.41 -19.69
N ARG D 258 -19.85 -42.80 -19.14
CA ARG D 258 -20.78 -41.82 -18.59
C ARG D 258 -20.23 -41.12 -17.36
N ARG D 259 -19.99 -39.83 -17.47
CA ARG D 259 -19.40 -39.07 -16.38
C ARG D 259 -20.32 -39.00 -15.17
N GLY D 260 -19.73 -39.06 -13.99
CA GLY D 260 -20.51 -39.02 -12.76
C GLY D 260 -21.26 -40.30 -12.48
N GLY D 261 -20.82 -41.41 -13.04
CA GLY D 261 -21.59 -42.64 -12.90
C GLY D 261 -21.80 -43.05 -11.46
N LEU D 262 -20.74 -43.01 -10.66
CA LEU D 262 -20.84 -43.55 -9.31
C LEU D 262 -21.85 -42.78 -8.47
N VAL D 263 -21.96 -41.47 -8.71
CA VAL D 263 -22.92 -40.67 -7.94
C VAL D 263 -24.34 -41.17 -8.20
N PHE D 264 -24.67 -41.45 -9.47
CA PHE D 264 -26.01 -41.92 -9.78
C PHE D 264 -26.23 -43.34 -9.31
N ASP D 265 -25.19 -44.18 -9.38
CA ASP D 265 -25.34 -45.53 -8.86
C ASP D 265 -25.67 -45.51 -7.38
N VAL D 266 -24.92 -44.74 -6.60
CA VAL D 266 -25.19 -44.68 -5.17
C VAL D 266 -26.52 -43.97 -4.90
N ALA D 267 -26.83 -42.94 -5.69
CA ALA D 267 -28.07 -42.20 -5.48
C ALA D 267 -29.28 -43.08 -5.72
N ASP D 268 -29.20 -44.01 -6.67
CA ASP D 268 -30.35 -44.86 -6.98
C ASP D 268 -30.76 -45.72 -5.79
N LEU D 269 -29.87 -45.93 -4.82
CA LEU D 269 -30.21 -46.78 -3.69
C LEU D 269 -31.43 -46.26 -2.96
N ILE D 270 -31.53 -44.94 -2.82
CA ILE D 270 -32.59 -44.33 -2.03
C ILE D 270 -33.65 -43.67 -2.88
N LYS D 271 -33.37 -43.38 -4.15
CA LYS D 271 -34.28 -42.57 -4.95
C LYS D 271 -35.64 -43.23 -5.09
N ASP D 272 -35.67 -44.46 -5.63
CA ASP D 272 -36.94 -45.10 -5.91
C ASP D 272 -37.70 -45.48 -4.65
N SER D 273 -37.05 -45.42 -3.49
CA SER D 273 -37.70 -45.80 -2.24
C SER D 273 -38.15 -44.60 -1.41
N LEU D 274 -37.58 -43.42 -1.65
CA LEU D 274 -37.90 -42.22 -0.89
C LEU D 274 -38.54 -41.12 -1.73
N ILE D 275 -37.99 -40.82 -2.90
CA ILE D 275 -38.52 -39.70 -3.67
C ILE D 275 -39.89 -40.03 -4.25
N LEU D 276 -40.07 -41.26 -4.72
CA LEU D 276 -41.24 -41.58 -5.54
C LEU D 276 -42.55 -41.33 -4.82
N PRO D 277 -42.73 -41.83 -3.59
CA PRO D 277 -44.00 -41.54 -2.89
C PRO D 277 -44.24 -40.06 -2.68
N GLN D 278 -43.19 -39.32 -2.33
CA GLN D 278 -43.35 -37.93 -1.92
C GLN D 278 -43.84 -37.06 -3.08
N ALA D 279 -43.32 -37.30 -4.28
CA ALA D 279 -43.72 -36.50 -5.42
C ALA D 279 -45.22 -36.64 -5.69
N PHE D 280 -45.71 -37.88 -5.67
CA PHE D 280 -47.13 -38.11 -5.93
C PHE D 280 -47.99 -37.54 -4.82
N LEU D 281 -47.54 -37.69 -3.57
CA LEU D 281 -48.30 -37.11 -2.47
C LEU D 281 -48.43 -35.60 -2.65
N SER D 282 -47.33 -34.92 -2.97
CA SER D 282 -47.37 -33.48 -3.15
C SER D 282 -48.26 -33.10 -4.31
N ALA D 283 -48.16 -33.83 -5.43
CA ALA D 283 -49.00 -33.52 -6.58
C ALA D 283 -50.47 -33.67 -6.21
N MET D 284 -50.81 -34.71 -5.46
CA MET D 284 -52.20 -34.89 -5.03
C MET D 284 -52.65 -33.73 -4.16
N ARG D 285 -51.82 -33.32 -3.19
CA ARG D 285 -52.17 -32.17 -2.37
C ARG D 285 -51.91 -30.86 -3.10
N GLY D 286 -51.22 -30.89 -4.23
CA GLY D 286 -50.98 -29.68 -5.01
C GLY D 286 -50.18 -28.63 -4.27
N ASP D 287 -49.13 -29.04 -3.55
CA ASP D 287 -48.36 -28.12 -2.75
C ASP D 287 -47.35 -27.36 -3.60
N GLU D 288 -46.77 -26.32 -3.00
CA GLU D 288 -45.77 -25.50 -3.67
C GLU D 288 -44.41 -26.20 -3.62
N GLU D 289 -43.41 -25.54 -4.22
CA GLU D 289 -42.08 -26.14 -4.28
C GLU D 289 -41.42 -26.18 -2.90
N GLN D 290 -41.51 -25.08 -2.15
CA GLN D 290 -40.79 -25.03 -0.88
C GLN D 290 -41.27 -26.11 0.07
N ASP D 291 -42.59 -26.30 0.17
CA ASP D 291 -43.10 -27.32 1.07
C ASP D 291 -42.66 -28.71 0.62
N PHE D 292 -42.68 -28.96 -0.69
CA PHE D 292 -42.21 -30.25 -1.18
C PHE D 292 -40.76 -30.48 -0.83
N ARG D 293 -39.93 -29.46 -0.99
CA ARG D 293 -38.51 -29.58 -0.64
C ARG D 293 -38.35 -29.90 0.83
N GLN D 294 -39.10 -29.19 1.68
CA GLN D 294 -39.00 -29.43 3.10
C GLN D 294 -39.42 -30.85 3.45
N ALA D 295 -40.49 -31.34 2.80
CA ALA D 295 -40.96 -32.69 3.07
C ALA D 295 -39.90 -33.71 2.66
N CYS D 296 -39.30 -33.51 1.49
CA CYS D 296 -38.26 -34.44 1.05
C CYS D 296 -37.10 -34.47 2.02
N LEU D 297 -36.67 -33.29 2.48
CA LEU D 297 -35.54 -33.24 3.42
C LEU D 297 -35.91 -33.94 4.72
N ASP D 298 -37.13 -33.71 5.21
CA ASP D 298 -37.55 -34.34 6.46
C ASP D 298 -37.57 -35.85 6.32
N ASN D 299 -38.09 -36.36 5.21
CA ASN D 299 -38.14 -37.80 5.03
C ASN D 299 -36.75 -38.39 4.90
N LEU D 300 -35.86 -37.70 4.17
CA LEU D 300 -34.48 -38.17 4.05
C LEU D 300 -33.83 -38.25 5.42
N SER D 301 -34.01 -37.21 6.24
CA SER D 301 -33.41 -37.21 7.57
C SER D 301 -33.96 -38.35 8.42
N ARG D 302 -35.28 -38.55 8.41
CA ARG D 302 -35.86 -39.59 9.25
C ARG D 302 -35.39 -40.98 8.81
N ALA D 303 -35.37 -41.23 7.50
CA ALA D 303 -34.91 -42.52 7.01
C ALA D 303 -33.43 -42.72 7.20
N GLN D 304 -32.69 -41.67 7.57
CA GLN D 304 -31.25 -41.77 7.82
C GLN D 304 -30.54 -42.34 6.59
N ALA D 305 -30.83 -41.75 5.43
CA ALA D 305 -30.32 -42.28 4.18
C ALA D 305 -28.80 -42.28 4.14
N LEU D 306 -28.19 -41.12 4.42
CA LEU D 306 -26.75 -40.97 4.23
C LEU D 306 -25.99 -42.07 4.96
N ASP D 307 -26.43 -42.42 6.16
CA ASP D 307 -25.78 -43.51 6.88
C ASP D 307 -25.86 -44.80 6.07
N PHE D 308 -27.00 -45.09 5.47
CA PHE D 308 -27.16 -46.32 4.71
C PHE D 308 -26.25 -46.33 3.49
N MET D 309 -26.17 -45.19 2.79
CA MET D 309 -25.31 -45.12 1.61
C MET D 309 -23.86 -45.37 1.99
N ILE D 310 -23.39 -44.73 3.06
CA ILE D 310 -22.02 -44.91 3.50
C ILE D 310 -21.77 -46.36 3.90
N ASP D 311 -22.70 -46.95 4.66
CA ASP D 311 -22.51 -48.32 5.11
C ASP D 311 -22.41 -49.28 3.93
N THR D 312 -23.30 -49.13 2.94
CA THR D 312 -23.25 -50.01 1.79
C THR D 312 -21.95 -49.86 1.02
N LEU D 313 -21.49 -48.62 0.84
CA LEU D 313 -20.27 -48.40 0.08
C LEU D 313 -19.07 -49.05 0.75
N LYS D 314 -18.99 -48.94 2.08
CA LYS D 314 -17.91 -49.64 2.77
C LYS D 314 -18.07 -51.15 2.68
N ASP D 315 -19.31 -51.64 2.77
CA ASP D 315 -19.54 -53.08 2.78
C ASP D 315 -19.10 -53.73 1.48
N VAL D 316 -19.33 -53.05 0.36
CA VAL D 316 -18.91 -53.61 -0.92
C VAL D 316 -17.41 -53.86 -0.92
N ALA D 317 -16.63 -52.87 -0.49
CA ALA D 317 -15.18 -53.02 -0.48
C ALA D 317 -14.75 -54.10 0.49
N GLN D 318 -15.39 -54.16 1.66
CA GLN D 318 -15.03 -55.19 2.63
C GLN D 318 -15.24 -56.58 2.04
N ARG D 319 -16.38 -56.80 1.38
CA ARG D 319 -16.64 -58.10 0.79
C ARG D 319 -15.65 -58.41 -0.33
N SER D 320 -15.33 -57.41 -1.15
CA SER D 320 -14.39 -57.63 -2.24
C SER D 320 -13.02 -58.04 -1.73
N THR D 321 -12.56 -57.41 -0.63
CA THR D 321 -11.26 -57.77 -0.10
C THR D 321 -11.28 -59.09 0.65
N VAL D 322 -12.39 -59.39 1.34
CA VAL D 322 -12.49 -60.67 2.06
C VAL D 322 -12.47 -61.83 1.06
N SER D 323 -13.23 -61.70 -0.03
CA SER D 323 -13.27 -62.75 -1.03
C SER D 323 -11.96 -62.85 -1.81
N ALA D 324 -11.12 -61.84 -1.76
CA ALA D 324 -9.85 -61.87 -2.47
C ALA D 324 -8.97 -63.01 -1.97
N THR G 11 0.06 20.15 -34.96
CA THR G 11 0.78 19.31 -33.97
C THR G 11 0.96 17.88 -34.46
N ILE G 12 0.03 17.39 -35.26
CA ILE G 12 0.09 16.05 -35.85
C ILE G 12 0.32 16.19 -37.34
N LEU G 13 1.31 15.49 -37.86
CA LEU G 13 1.60 15.56 -39.28
C LEU G 13 0.39 15.14 -40.09
N HIS G 14 0.16 15.83 -41.20
CA HIS G 14 -1.05 15.62 -41.98
C HIS G 14 -1.17 14.16 -42.42
N SER G 15 -0.04 13.48 -42.61
CA SER G 15 -0.10 12.07 -42.94
C SER G 15 -0.68 11.25 -41.80
N LYS G 16 -0.32 11.62 -40.56
CA LYS G 16 -0.74 10.82 -39.42
C LYS G 16 -2.24 10.95 -39.17
N ARG G 17 -2.82 12.12 -39.39
CA ARG G 17 -4.25 12.30 -39.17
C ARG G 17 -5.03 11.23 -39.92
N ALA G 18 -5.99 10.61 -39.23
CA ALA G 18 -6.62 9.39 -39.71
C ALA G 18 -8.12 9.51 -39.88
N ASN G 19 -8.61 10.59 -40.50
CA ASN G 19 -10.04 10.77 -40.70
C ASN G 19 -10.28 11.61 -41.94
N LEU G 20 -11.31 11.24 -42.70
CA LEU G 20 -11.77 12.01 -43.85
C LEU G 20 -13.27 11.85 -43.94
N TYR G 21 -13.99 12.96 -43.98
CA TYR G 21 -15.44 12.97 -43.87
C TYR G 21 -16.08 13.34 -45.20
N TYR G 22 -17.28 12.83 -45.43
CA TYR G 22 -18.10 13.17 -46.58
C TYR G 22 -19.54 13.28 -46.11
N LEU G 23 -19.99 14.51 -45.86
CA LEU G 23 -21.26 14.73 -45.17
C LEU G 23 -22.38 15.00 -46.17
N GLN G 24 -23.60 14.92 -45.66
CA GLN G 24 -24.80 15.02 -46.49
C GLN G 24 -25.98 15.35 -45.60
N HIS G 25 -26.82 16.30 -46.04
CA HIS G 25 -28.02 16.67 -45.31
C HIS G 25 -27.69 16.98 -43.85
N CYS G 26 -26.87 18.01 -43.67
CA CYS G 26 -26.38 18.35 -42.35
C CYS G 26 -25.86 19.77 -42.34
N ARG G 27 -26.06 20.45 -41.21
CA ARG G 27 -25.57 21.80 -41.02
C ARG G 27 -24.34 21.78 -40.12
N VAL G 28 -23.29 22.47 -40.55
CA VAL G 28 -22.03 22.50 -39.81
C VAL G 28 -21.97 23.80 -39.03
N LEU G 29 -21.91 23.70 -37.71
CA LEU G 29 -21.95 24.85 -36.83
C LEU G 29 -21.08 24.59 -35.61
N VAL G 30 -20.78 25.65 -34.88
CA VAL G 30 -20.00 25.58 -33.65
C VAL G 30 -20.96 25.58 -32.48
N ASN G 31 -20.69 24.75 -31.48
CA ASN G 31 -21.57 24.59 -30.33
C ASN G 31 -20.72 24.40 -29.09
N GLY G 32 -20.76 25.36 -28.19
CA GLY G 32 -19.98 25.27 -26.96
C GLY G 32 -18.50 25.18 -27.19
N GLY G 33 -17.98 25.90 -28.18
CA GLY G 33 -16.57 25.89 -28.48
C GLY G 33 -16.10 24.71 -29.31
N ARG G 34 -16.99 23.83 -29.72
CA ARG G 34 -16.64 22.64 -30.48
C ARG G 34 -17.28 22.72 -31.85
N VAL G 35 -16.66 22.06 -32.82
CA VAL G 35 -17.17 22.01 -34.20
C VAL G 35 -17.98 20.73 -34.33
N GLU G 36 -19.26 20.87 -34.66
CA GLU G 36 -20.16 19.73 -34.79
C GLU G 36 -21.09 19.97 -35.96
N TYR G 37 -21.65 18.89 -36.49
CA TYR G 37 -22.61 18.99 -37.59
C TYR G 37 -23.91 18.32 -37.18
N VAL G 38 -25.03 18.95 -37.54
CA VAL G 38 -26.34 18.57 -37.05
C VAL G 38 -27.13 17.93 -38.18
N THR G 39 -27.82 16.83 -37.87
CA THR G 39 -28.66 16.11 -38.81
C THR G 39 -30.02 15.84 -38.17
N ASP G 40 -31.08 16.13 -38.89
CA ASP G 40 -32.42 15.94 -38.37
C ASP G 40 -32.71 14.45 -38.19
N GLU G 41 -33.67 14.16 -37.31
CA GLU G 41 -34.10 12.80 -37.05
C GLU G 41 -35.61 12.67 -36.92
N GLY G 42 -36.34 13.77 -36.82
CA GLY G 42 -37.77 13.71 -36.54
C GLY G 42 -38.15 14.70 -35.45
N ARG G 43 -38.64 14.18 -34.33
CA ARG G 43 -39.02 15.06 -33.22
C ARG G 43 -37.83 15.84 -32.70
N HIS G 44 -36.69 15.17 -32.56
CA HIS G 44 -35.48 15.79 -32.02
C HIS G 44 -34.41 15.86 -33.11
N SER G 45 -33.38 16.66 -32.83
CA SER G 45 -32.23 16.80 -33.71
C SER G 45 -30.97 16.41 -32.95
N HIS G 46 -29.95 16.00 -33.70
CA HIS G 46 -28.76 15.39 -33.13
C HIS G 46 -27.52 16.17 -33.51
N TYR G 47 -26.55 16.21 -32.59
CA TYR G 47 -25.29 16.90 -32.78
C TYR G 47 -24.16 15.86 -32.76
N TRP G 48 -23.44 15.74 -33.86
CA TRP G 48 -22.30 14.85 -33.97
C TRP G 48 -21.02 15.67 -34.07
N ASN G 49 -20.00 15.28 -33.31
CA ASN G 49 -18.79 16.10 -33.23
C ASN G 49 -17.75 15.65 -34.25
N ILE G 50 -16.98 16.61 -34.74
CA ILE G 50 -15.93 16.42 -35.73
C ILE G 50 -14.58 16.60 -35.02
N PRO G 51 -13.72 15.59 -34.97
CA PRO G 51 -12.43 15.77 -34.29
C PRO G 51 -11.44 16.52 -35.16
N ILE G 52 -11.48 17.85 -35.17
CA ILE G 52 -10.75 18.61 -36.17
C ILE G 52 -9.26 18.30 -36.11
N ALA G 53 -8.73 18.16 -34.91
CA ALA G 53 -7.29 17.96 -34.76
C ALA G 53 -6.83 16.60 -35.27
N ASN G 54 -7.75 15.72 -35.64
CA ASN G 54 -7.42 14.41 -36.19
C ASN G 54 -8.02 14.20 -37.58
N THR G 55 -8.19 15.28 -38.33
CA THR G 55 -8.80 15.20 -39.65
C THR G 55 -7.86 15.84 -40.67
N THR G 56 -7.90 15.34 -41.90
CA THR G 56 -7.10 15.89 -42.98
C THR G 56 -7.92 16.81 -43.88
N SER G 57 -9.14 16.42 -44.22
CA SER G 57 -9.98 17.25 -45.07
C SER G 57 -11.43 16.89 -44.83
N LEU G 58 -12.32 17.75 -45.29
CA LEU G 58 -13.75 17.58 -45.09
C LEU G 58 -14.46 17.84 -46.41
N LEU G 59 -15.46 17.03 -46.71
CA LEU G 59 -16.23 17.14 -47.94
C LEU G 59 -17.68 17.43 -47.59
N LEU G 60 -18.26 18.43 -48.23
CA LEU G 60 -19.65 18.80 -47.99
C LEU G 60 -20.46 18.43 -49.22
N GLY G 61 -21.49 17.61 -49.03
CA GLY G 61 -22.34 17.16 -50.10
C GLY G 61 -23.55 18.06 -50.28
N THR G 62 -24.58 17.48 -50.89
CA THR G 62 -25.81 18.25 -51.15
C THR G 62 -26.60 18.44 -49.86
N GLY G 63 -27.25 19.60 -49.76
CA GLY G 63 -28.11 19.87 -48.63
C GLY G 63 -27.40 20.22 -47.35
N THR G 64 -26.23 20.83 -47.43
CA THR G 64 -25.45 21.19 -46.26
C THR G 64 -25.08 22.67 -46.30
N SER G 65 -24.89 23.27 -45.14
CA SER G 65 -24.50 24.66 -45.03
C SER G 65 -23.48 24.81 -43.91
N ILE G 66 -22.75 25.92 -43.95
CA ILE G 66 -21.68 26.17 -42.98
C ILE G 66 -21.78 27.59 -42.48
N THR G 67 -21.31 27.81 -41.26
CA THR G 67 -21.33 29.11 -40.63
C THR G 67 -19.92 29.62 -40.45
N GLN G 68 -19.74 30.93 -40.65
CA GLN G 68 -18.38 31.47 -40.68
C GLN G 68 -17.63 31.14 -39.39
N ALA G 69 -18.34 31.07 -38.27
CA ALA G 69 -17.68 30.77 -37.01
C ALA G 69 -17.04 29.40 -37.04
N ALA G 70 -17.59 28.46 -37.80
CA ALA G 70 -16.97 27.15 -37.94
C ALA G 70 -15.76 27.21 -38.87
N MET G 71 -15.86 27.98 -39.96
CA MET G 71 -14.74 28.11 -40.88
C MET G 71 -13.53 28.70 -40.17
N ARG G 72 -13.77 29.64 -39.27
CA ARG G 72 -12.67 30.21 -38.48
C ARG G 72 -11.89 29.11 -37.77
N GLU G 73 -12.59 28.25 -37.03
CA GLU G 73 -11.91 27.19 -36.29
C GLU G 73 -11.23 26.20 -37.24
N LEU G 74 -11.93 25.81 -38.30
CA LEU G 74 -11.37 24.83 -39.22
C LEU G 74 -10.06 25.33 -39.80
N ALA G 75 -10.04 26.57 -40.30
CA ALA G 75 -8.81 27.11 -40.85
C ALA G 75 -7.75 27.28 -39.78
N ARG G 76 -8.16 27.65 -38.56
CA ARG G 76 -7.17 27.81 -37.50
C ARG G 76 -6.44 26.49 -37.24
N ALA G 77 -7.18 25.39 -37.22
CA ALA G 77 -6.56 24.08 -36.96
C ALA G 77 -5.76 23.54 -38.13
N GLY G 78 -5.92 24.11 -39.33
CA GLY G 78 -5.24 23.65 -40.52
C GLY G 78 -6.04 22.74 -41.42
N VAL G 79 -7.21 22.26 -40.98
CA VAL G 79 -7.98 21.36 -41.82
C VAL G 79 -8.35 22.06 -43.12
N LEU G 80 -8.66 21.27 -44.14
CA LEU G 80 -9.04 21.77 -45.45
C LEU G 80 -10.52 21.50 -45.67
N VAL G 81 -11.18 22.37 -46.43
CA VAL G 81 -12.61 22.25 -46.70
C VAL G 81 -12.85 22.36 -48.19
N GLY G 82 -13.98 21.79 -48.64
CA GLY G 82 -14.33 21.86 -50.04
C GLY G 82 -15.77 21.46 -50.27
N PHE G 83 -16.32 21.94 -51.38
CA PHE G 83 -17.70 21.70 -51.75
C PHE G 83 -17.75 20.83 -53.00
N CYS G 84 -18.63 19.84 -53.01
CA CYS G 84 -18.80 18.93 -54.13
C CYS G 84 -20.26 18.93 -54.57
N GLY G 85 -20.57 18.07 -55.52
CA GLY G 85 -21.91 17.98 -56.07
C GLY G 85 -22.78 16.97 -55.36
N GLU G 100 -15.01 20.53 -60.96
CA GLU G 100 -16.07 19.76 -60.32
C GLU G 100 -16.21 20.12 -58.85
N VAL G 101 -15.09 20.14 -58.14
CA VAL G 101 -15.07 20.34 -56.69
C VAL G 101 -14.32 21.63 -56.39
N SER G 102 -14.96 22.51 -55.62
CA SER G 102 -14.38 23.78 -55.23
C SER G 102 -13.78 23.65 -53.84
N TRP G 103 -12.52 24.05 -53.71
CA TRP G 103 -11.76 23.89 -52.48
C TRP G 103 -11.44 25.24 -51.86
N LEU G 104 -11.59 25.32 -50.55
CA LEU G 104 -11.20 26.49 -49.78
C LEU G 104 -9.98 26.13 -48.94
N THR G 105 -8.89 26.85 -49.15
CA THR G 105 -7.62 26.54 -48.53
C THR G 105 -7.36 27.54 -47.42
N PRO G 106 -7.06 27.11 -46.20
CA PRO G 106 -6.81 28.07 -45.11
C PRO G 106 -5.61 28.95 -45.40
N GLN G 107 -5.86 30.25 -45.51
CA GLN G 107 -4.81 31.21 -45.79
C GLN G 107 -4.13 31.75 -44.54
N SER G 108 -4.64 31.43 -43.35
CA SER G 108 -4.13 32.00 -42.12
C SER G 108 -2.85 31.33 -41.63
N GLU G 109 -2.31 30.38 -42.37
CA GLU G 109 -1.12 29.66 -41.97
C GLU G 109 0.00 29.93 -42.97
N TYR G 110 1.23 29.92 -42.46
CA TYR G 110 2.42 30.22 -43.27
C TYR G 110 3.14 28.92 -43.56
N ARG G 111 3.33 28.62 -44.83
CA ARG G 111 3.87 27.36 -45.30
C ARG G 111 5.29 27.53 -45.80
N PRO G 112 6.02 26.42 -45.97
CA PRO G 112 7.38 26.53 -46.52
C PRO G 112 7.36 27.09 -47.93
N THR G 113 8.44 27.76 -48.29
CA THR G 113 8.54 28.46 -49.57
C THR G 113 9.47 27.79 -50.57
N GLU G 114 10.53 27.12 -50.11
CA GLU G 114 11.54 26.62 -51.02
C GLU G 114 10.95 25.61 -52.02
N TYR G 115 10.10 24.70 -51.55
CA TYR G 115 9.49 23.75 -52.47
C TYR G 115 8.68 24.45 -53.54
N LEU G 116 7.90 25.46 -53.15
CA LEU G 116 7.11 26.21 -54.11
C LEU G 116 8.02 26.93 -55.10
N GLN G 117 9.13 27.50 -54.61
CA GLN G 117 10.05 28.20 -55.51
C GLN G 117 10.61 27.25 -56.55
N ARG G 118 11.01 26.06 -56.12
CA ARG G 118 11.52 25.08 -57.08
C ARG G 118 10.43 24.69 -58.08
N TRP G 119 9.20 24.47 -57.60
CA TRP G 119 8.14 24.06 -58.51
C TRP G 119 7.84 25.14 -59.53
N VAL G 120 7.83 26.40 -59.12
CA VAL G 120 7.55 27.48 -60.06
C VAL G 120 8.71 27.65 -61.04
N GLY G 121 9.95 27.47 -60.56
CA GLY G 121 11.07 27.51 -61.49
C GLY G 121 10.97 26.42 -62.54
N PHE G 122 10.51 25.23 -62.14
CA PHE G 122 10.26 24.17 -63.10
C PHE G 122 9.12 24.53 -64.06
N TRP G 123 8.02 25.07 -63.53
CA TRP G 123 6.82 25.27 -64.31
C TRP G 123 6.88 26.48 -65.23
N PHE G 124 7.78 27.43 -64.96
CA PHE G 124 7.85 28.62 -65.80
C PHE G 124 8.21 28.27 -67.24
N ASP G 125 9.19 27.38 -67.41
CA ASP G 125 9.65 27.00 -68.73
C ASP G 125 8.75 25.92 -69.31
N GLU G 126 8.16 26.21 -70.47
CA GLU G 126 7.32 25.21 -71.13
C GLU G 126 8.13 23.98 -71.50
N GLU G 127 9.36 24.17 -71.96
CA GLU G 127 10.20 23.03 -72.33
C GLU G 127 10.44 22.13 -71.12
N LYS G 128 10.88 22.72 -70.00
CA LYS G 128 11.08 21.92 -68.79
C LYS G 128 9.75 21.35 -68.31
N ARG G 129 8.68 22.15 -68.36
CA ARG G 129 7.37 21.65 -67.97
C ARG G 129 6.99 20.41 -68.76
N LEU G 130 7.44 20.31 -70.00
CA LEU G 130 7.15 19.12 -70.80
C LEU G 130 7.77 17.88 -70.17
N VAL G 131 9.00 17.99 -69.67
CA VAL G 131 9.65 16.84 -69.06
C VAL G 131 8.91 16.44 -67.79
N ALA G 132 9.07 15.17 -67.41
CA ALA G 132 8.59 14.59 -66.17
C ALA G 132 7.09 14.36 -66.15
N ALA G 133 6.34 14.86 -67.14
CA ALA G 133 4.90 14.61 -67.17
C ALA G 133 4.62 13.11 -67.28
N ARG G 134 5.41 12.40 -68.09
CA ARG G 134 5.29 10.95 -68.13
C ARG G 134 5.98 10.31 -66.93
N HIS G 135 6.79 11.06 -66.19
CA HIS G 135 7.41 10.52 -65.00
C HIS G 135 6.37 10.10 -63.98
N PHE G 136 5.34 10.93 -63.79
CA PHE G 136 4.26 10.57 -62.88
C PHE G 136 3.51 9.34 -63.38
N GLN G 137 3.31 9.25 -64.69
CA GLN G 137 2.66 8.07 -65.24
C GLN G 137 3.48 6.82 -64.95
N ARG G 138 4.80 6.92 -65.09
CA ARG G 138 5.67 5.79 -64.79
C ARG G 138 5.60 5.40 -63.33
N ALA G 139 5.61 6.40 -62.43
CA ALA G 139 5.50 6.10 -61.01
C ALA G 139 4.18 5.42 -60.70
N ARG G 140 3.08 5.89 -61.31
CA ARG G 140 1.78 5.27 -61.09
C ARG G 140 1.77 3.83 -61.60
N LEU G 141 2.38 3.60 -62.77
CA LEU G 141 2.45 2.24 -63.30
C LEU G 141 3.23 1.33 -62.35
N GLU G 142 4.36 1.82 -61.83
CA GLU G 142 5.15 1.02 -60.90
C GLU G 142 4.34 0.71 -59.64
N ARG G 143 3.59 1.70 -59.15
CA ARG G 143 2.76 1.47 -57.97
C ARG G 143 1.69 0.43 -58.27
N ILE G 144 1.09 0.49 -59.45
CA ILE G 144 0.08 -0.50 -59.81
C ILE G 144 0.69 -1.89 -59.83
N ARG G 145 1.87 -2.01 -60.42
CA ARG G 145 2.52 -3.32 -60.50
C ARG G 145 2.83 -3.85 -59.10
N HIS G 146 3.35 -3.00 -58.22
CA HIS G 146 3.72 -3.46 -56.88
C HIS G 146 2.48 -3.79 -56.05
N SER G 147 1.40 -3.06 -56.26
CA SER G 147 0.19 -3.26 -55.46
C SER G 147 -0.56 -4.51 -55.91
N TRP G 148 -0.61 -4.76 -57.21
CA TRP G 148 -1.37 -5.90 -57.71
C TRP G 148 -0.80 -7.20 -57.16
N LEU G 149 0.53 -7.33 -57.14
CA LEU G 149 1.17 -8.53 -56.63
C LEU G 149 0.92 -8.68 -55.13
N ARG G 152 -1.76 -9.00 -50.90
CA ARG G 152 -2.54 -10.22 -50.89
C ARG G 152 -4.01 -9.95 -50.59
N VAL G 153 -4.36 -8.68 -50.38
CA VAL G 153 -5.74 -8.32 -50.06
C VAL G 153 -6.65 -8.65 -51.23
N LEU G 154 -6.25 -8.28 -52.45
CA LEU G 154 -7.07 -8.57 -53.62
C LEU G 154 -7.34 -10.05 -53.75
N ARG G 155 -6.47 -10.90 -53.19
CA ARG G 155 -6.76 -12.32 -53.14
C ARG G 155 -8.03 -12.59 -52.34
N ASP G 156 -8.19 -11.91 -51.21
CA ASP G 156 -9.37 -12.10 -50.36
C ASP G 156 -10.49 -11.15 -50.78
N ASP G 162 -4.02 -12.85 -64.49
CA ASP G 162 -2.80 -13.65 -64.57
C ASP G 162 -1.57 -12.77 -64.44
N ALA G 163 -0.54 -13.30 -63.78
CA ALA G 163 0.69 -12.53 -63.62
C ALA G 163 1.33 -12.22 -64.97
N THR G 164 1.33 -13.20 -65.88
CA THR G 164 1.91 -12.98 -67.20
C THR G 164 1.16 -11.89 -67.96
N ALA G 165 -0.18 -11.93 -67.95
CA ALA G 165 -0.95 -10.92 -68.64
C ALA G 165 -0.73 -9.54 -68.05
N LEU G 166 -0.68 -9.45 -66.71
CA LEU G 166 -0.46 -8.16 -66.07
C LEU G 166 0.92 -7.61 -66.41
N ALA G 167 1.94 -8.47 -66.37
CA ALA G 167 3.27 -8.02 -66.74
C ALA G 167 3.32 -7.56 -68.19
N VAL G 168 2.64 -8.28 -69.07
CA VAL G 168 2.62 -7.89 -70.48
C VAL G 168 1.97 -6.52 -70.64
N ALA G 169 0.84 -6.31 -69.97
CA ALA G 169 0.16 -5.01 -70.06
C ALA G 169 1.04 -3.90 -69.52
N VAL G 170 1.72 -4.14 -68.40
CA VAL G 170 2.59 -3.13 -67.81
C VAL G 170 3.73 -2.78 -68.77
N GLU G 171 4.36 -3.80 -69.35
CA GLU G 171 5.46 -3.56 -70.28
C GLU G 171 4.98 -2.82 -71.51
N ASP G 172 3.82 -3.19 -72.06
CA ASP G 172 3.29 -2.49 -73.22
C ASP G 172 3.02 -1.03 -72.88
N SER G 173 2.42 -0.77 -71.72
CA SER G 173 2.16 0.60 -71.32
C SER G 173 3.46 1.39 -71.17
N ALA G 174 4.47 0.78 -70.54
CA ALA G 174 5.74 1.49 -70.38
C ALA G 174 6.37 1.81 -71.71
N ARG G 175 6.33 0.85 -72.66
CA ARG G 175 6.88 1.10 -73.97
C ARG G 175 6.13 2.22 -74.68
N ALA G 176 4.81 2.24 -74.56
CA ALA G 176 4.03 3.31 -75.18
C ALA G 176 4.38 4.66 -74.57
N LEU G 177 4.52 4.72 -73.24
CA LEU G 177 4.73 6.00 -72.57
C LEU G 177 6.11 6.56 -72.89
N GLU G 178 7.15 5.76 -72.74
CA GLU G 178 8.52 6.24 -72.95
C GLU G 178 8.70 6.71 -74.39
N PRO G 181 5.71 10.98 -77.88
CA PRO G 181 6.43 12.18 -78.34
C PRO G 181 5.86 13.46 -77.75
N ASN G 182 4.55 13.63 -77.84
CA ASN G 182 3.87 14.83 -77.37
C ASN G 182 3.00 14.50 -76.17
N HIS G 183 2.49 15.55 -75.53
CA HIS G 183 1.59 15.35 -74.39
C HIS G 183 0.34 14.61 -74.79
N GLU G 184 -0.21 14.89 -75.99
CA GLU G 184 -1.42 14.21 -76.42
C GLU G 184 -1.19 12.69 -76.54
N HIS G 185 -0.04 12.30 -77.08
CA HIS G 185 0.28 10.88 -77.16
C HIS G 185 0.38 10.27 -75.77
N LEU G 186 0.95 11.02 -74.82
CA LEU G 186 1.03 10.53 -73.45
C LEU G 186 -0.37 10.32 -72.88
N LEU G 187 -1.27 11.26 -73.12
CA LEU G 187 -2.64 11.11 -72.61
C LEU G 187 -3.32 9.90 -73.24
N THR G 188 -3.14 9.70 -74.55
CA THR G 188 -3.73 8.55 -75.21
C THR G 188 -3.17 7.24 -74.65
N GLU G 189 -1.86 7.21 -74.40
CA GLU G 189 -1.26 6.01 -73.82
C GLU G 189 -1.82 5.73 -72.42
N GLU G 190 -1.99 6.79 -71.62
CA GLU G 190 -2.56 6.60 -70.30
C GLU G 190 -3.99 6.09 -70.38
N ALA G 191 -4.77 6.62 -71.32
CA ALA G 191 -6.14 6.14 -71.50
C ALA G 191 -6.15 4.67 -71.90
N ARG G 192 -5.24 4.27 -72.79
CA ARG G 192 -5.14 2.87 -73.17
C ARG G 192 -4.78 2.00 -71.97
N LEU G 193 -3.84 2.46 -71.15
CA LEU G 193 -3.46 1.69 -69.97
C LEU G 193 -4.64 1.54 -69.02
N SER G 194 -5.40 2.62 -68.82
CA SER G 194 -6.58 2.55 -67.96
C SER G 194 -7.61 1.59 -68.51
N LYS G 195 -7.82 1.61 -69.83
CA LYS G 195 -8.76 0.69 -70.45
C LYS G 195 -8.32 -0.76 -70.25
N ARG G 196 -7.03 -1.03 -70.44
CA ARG G 196 -6.53 -2.39 -70.24
C ARG G 196 -6.70 -2.83 -68.79
N LEU G 197 -6.38 -1.94 -67.85
CA LEU G 197 -6.53 -2.27 -66.44
C LEU G 197 -7.98 -2.52 -66.08
N PHE G 198 -8.89 -1.72 -66.64
CA PHE G 198 -10.32 -1.93 -66.39
C PHE G 198 -10.77 -3.28 -66.94
N LYS G 199 -10.31 -3.64 -68.13
CA LYS G 199 -10.67 -4.94 -68.69
C LYS G 199 -10.14 -6.08 -67.83
N LEU G 200 -8.89 -5.97 -67.38
CA LEU G 200 -8.32 -7.02 -66.54
C LEU G 200 -9.08 -7.14 -65.22
N ALA G 201 -9.41 -6.01 -64.61
CA ALA G 201 -10.17 -6.03 -63.36
C ALA G 201 -11.53 -6.66 -63.56
N ALA G 202 -12.21 -6.31 -64.65
CA ALA G 202 -13.51 -6.91 -64.92
C ALA G 202 -13.38 -8.41 -65.10
N GLN G 203 -12.32 -8.86 -65.79
CA GLN G 203 -12.10 -10.30 -65.94
C GLN G 203 -11.90 -10.97 -64.60
N ALA G 204 -11.06 -10.39 -63.74
CA ALA G 204 -10.81 -10.99 -62.43
C ALA G 204 -12.10 -11.06 -61.62
N THR G 205 -12.89 -9.99 -61.63
CA THR G 205 -14.14 -9.99 -60.90
C THR G 205 -15.14 -10.99 -61.48
N ARG G 206 -15.21 -11.06 -62.80
CA ARG G 206 -16.16 -11.92 -63.54
C ARG G 206 -17.57 -11.37 -63.51
N TYR G 207 -17.74 -10.06 -63.37
CA TYR G 207 -19.07 -9.46 -63.30
C TYR G 207 -19.91 -9.81 -64.52
N PHE G 210 -16.09 -4.56 -68.96
CA PHE G 210 -16.75 -3.45 -68.28
C PHE G 210 -16.85 -2.23 -69.19
N VAL G 211 -17.82 -1.37 -68.90
CA VAL G 211 -18.04 -0.13 -69.64
C VAL G 211 -17.93 1.04 -68.67
N ARG G 212 -17.07 2.00 -68.99
CA ARG G 212 -16.85 3.14 -68.12
C ARG G 212 -17.74 4.31 -68.51
N GLY G 219 -24.94 3.53 -65.35
CA GLY G 219 -26.06 2.95 -64.65
C GLY G 219 -25.65 1.86 -63.68
N ASP G 220 -24.57 1.15 -64.01
CA ASP G 220 -24.09 0.08 -63.16
C ASP G 220 -23.53 0.65 -61.85
N PRO G 221 -23.54 -0.14 -60.77
CA PRO G 221 -22.90 0.33 -59.53
C PRO G 221 -21.41 0.57 -59.67
N ALA G 222 -20.74 -0.09 -60.62
CA ALA G 222 -19.31 0.11 -60.79
C ALA G 222 -19.00 1.55 -61.17
N ASN G 223 -19.80 2.13 -62.05
CA ASN G 223 -19.55 3.51 -62.47
C ASN G 223 -19.73 4.50 -61.33
N ARG G 224 -20.82 4.35 -60.56
CA ARG G 224 -21.05 5.25 -59.44
C ARG G 224 -19.96 5.09 -58.39
N PHE G 225 -19.56 3.85 -58.11
CA PHE G 225 -18.48 3.62 -57.16
C PHE G 225 -17.19 4.26 -57.65
N LEU G 226 -16.91 4.17 -58.94
CA LEU G 226 -15.73 4.82 -59.50
C LEU G 226 -15.81 6.32 -59.33
N ASP G 227 -16.99 6.90 -59.54
CA ASP G 227 -17.14 8.34 -59.37
C ASP G 227 -16.89 8.75 -57.92
N HIS G 228 -17.45 8.02 -56.96
CA HIS G 228 -17.25 8.35 -55.56
C HIS G 228 -15.78 8.21 -55.18
N GLY G 229 -15.14 7.12 -55.62
CA GLY G 229 -13.73 6.96 -55.34
C GLY G 229 -12.89 8.06 -55.96
N ASN G 230 -13.28 8.51 -57.16
CA ASN G 230 -12.58 9.62 -57.79
C ASN G 230 -12.72 10.89 -56.94
N TYR G 231 -13.92 11.14 -56.40
CA TYR G 231 -14.08 12.29 -55.54
C TYR G 231 -13.18 12.20 -54.32
N LEU G 232 -13.15 11.04 -53.67
CA LEU G 232 -12.32 10.89 -52.48
C LEU G 232 -10.83 11.05 -52.81
N ALA G 233 -10.39 10.46 -53.92
CA ALA G 233 -8.99 10.60 -54.30
C ALA G 233 -8.67 12.04 -54.63
N TYR G 234 -9.60 12.77 -55.25
CA TYR G 234 -9.39 14.18 -55.51
C TYR G 234 -9.20 14.94 -54.21
N GLY G 235 -10.00 14.60 -53.19
CA GLY G 235 -9.80 15.22 -51.89
C GLY G 235 -8.43 14.95 -51.32
N LEU G 236 -7.98 13.69 -51.38
CA LEU G 236 -6.66 13.36 -50.85
C LEU G 236 -5.57 14.12 -51.61
N ALA G 237 -5.73 14.23 -52.93
CA ALA G 237 -4.73 14.93 -53.75
C ALA G 237 -4.67 16.41 -53.40
N ALA G 238 -5.83 17.04 -53.23
CA ALA G 238 -5.82 18.44 -52.82
C ALA G 238 -5.14 18.60 -51.47
N THR G 239 -5.42 17.70 -50.53
CA THR G 239 -4.79 17.78 -49.23
C THR G 239 -3.27 17.68 -49.35
N ALA G 240 -2.79 16.71 -50.13
CA ALA G 240 -1.35 16.54 -50.28
C ALA G 240 -0.70 17.75 -50.93
N THR G 241 -1.31 18.27 -52.01
CA THR G 241 -0.73 19.41 -52.69
C THR G 241 -0.67 20.63 -51.77
N TRP G 242 -1.74 20.89 -51.02
CA TRP G 242 -1.71 21.98 -50.06
C TRP G 242 -0.62 21.75 -49.02
N VAL G 243 -0.48 20.52 -48.54
CA VAL G 243 0.56 20.23 -47.55
C VAL G 243 1.92 20.61 -48.11
N LEU G 244 2.18 20.24 -49.37
CA LEU G 244 3.46 20.63 -49.97
C LEU G 244 3.58 22.13 -50.09
N GLY G 245 2.51 22.81 -50.50
CA GLY G 245 2.54 24.24 -50.67
C GLY G 245 2.58 24.73 -52.10
N ILE G 246 2.63 23.83 -53.08
CA ILE G 246 2.62 24.22 -54.49
C ILE G 246 1.27 24.84 -54.80
N PRO G 247 1.17 25.75 -55.77
CA PRO G 247 -0.15 26.28 -56.15
C PRO G 247 -0.98 25.22 -56.85
N HIS G 248 -2.27 25.19 -56.52
CA HIS G 248 -3.16 24.20 -57.09
C HIS G 248 -3.44 24.49 -58.57
N GLY G 249 -3.51 25.76 -58.95
CA GLY G 249 -3.92 26.10 -60.30
C GLY G 249 -2.99 25.51 -61.34
N LEU G 250 -1.69 25.68 -61.15
CA LEU G 250 -0.72 25.14 -62.11
C LEU G 250 -0.85 23.63 -62.18
N ALA G 251 -0.90 23.09 -63.40
CA ALA G 251 -1.14 21.67 -63.62
C ALA G 251 -0.03 21.08 -64.47
N VAL G 252 -0.12 19.77 -64.69
CA VAL G 252 0.88 19.03 -65.48
C VAL G 252 0.33 18.62 -66.84
N LEU G 253 -0.65 17.73 -66.86
CA LEU G 253 -1.15 17.14 -68.09
C LEU G 253 -2.63 17.43 -68.37
N HIS G 254 -3.41 17.77 -67.34
CA HIS G 254 -4.82 18.08 -67.51
C HIS G 254 -5.10 19.57 -67.40
N GLY G 255 -4.07 20.42 -67.52
CA GLY G 255 -4.27 21.84 -67.32
C GLY G 255 -5.32 22.43 -68.24
N LYS G 256 -5.29 22.02 -69.52
CA LYS G 256 -6.30 22.51 -70.45
C LYS G 256 -7.65 21.88 -70.19
N THR G 257 -7.68 20.71 -69.57
CA THR G 257 -8.95 19.99 -69.40
C THR G 257 -9.91 20.76 -68.49
N ARG G 258 -9.45 21.15 -67.30
CA ARG G 258 -10.34 21.75 -66.32
C ARG G 258 -9.51 22.53 -65.31
N ARG G 259 -10.20 23.38 -64.55
CA ARG G 259 -9.56 24.20 -63.54
C ARG G 259 -8.96 23.34 -62.44
N GLY G 260 -7.86 23.82 -61.86
CA GLY G 260 -7.18 23.05 -60.83
C GLY G 260 -6.72 21.70 -61.30
N GLY G 261 -6.10 21.63 -62.48
CA GLY G 261 -5.69 20.36 -63.04
C GLY G 261 -4.65 19.63 -62.20
N LEU G 262 -3.87 20.35 -61.41
CA LEU G 262 -2.84 19.69 -60.61
C LEU G 262 -3.46 18.71 -59.63
N VAL G 263 -4.61 19.07 -59.04
CA VAL G 263 -5.28 18.17 -58.10
C VAL G 263 -5.67 16.87 -58.80
N PHE G 264 -6.28 16.98 -59.98
CA PHE G 264 -6.67 15.78 -60.72
C PHE G 264 -5.45 14.95 -61.10
N ASP G 265 -4.37 15.61 -61.55
CA ASP G 265 -3.17 14.87 -61.94
C ASP G 265 -2.59 14.11 -60.76
N VAL G 266 -2.48 14.77 -59.60
CA VAL G 266 -1.92 14.10 -58.43
C VAL G 266 -2.82 12.96 -57.99
N ALA G 267 -4.14 13.17 -58.09
CA ALA G 267 -5.07 12.11 -57.70
C ALA G 267 -4.92 10.88 -58.58
N ASP G 268 -4.66 11.09 -59.88
CA ASP G 268 -4.62 9.96 -60.81
C ASP G 268 -3.72 8.85 -60.30
N LEU G 269 -2.59 9.20 -59.69
CA LEU G 269 -1.62 8.20 -59.27
C LEU G 269 -2.27 7.15 -58.37
N ILE G 270 -2.97 7.60 -57.33
CA ILE G 270 -3.59 6.64 -56.40
C ILE G 270 -4.88 6.11 -56.98
N LYS G 271 -5.56 6.90 -57.81
CA LYS G 271 -6.82 6.45 -58.41
C LYS G 271 -6.61 5.17 -59.18
N ASP G 272 -5.65 5.16 -60.11
CA ASP G 272 -5.36 3.94 -60.87
C ASP G 272 -4.88 2.84 -59.94
N SER G 273 -4.06 3.18 -58.95
CA SER G 273 -3.42 2.17 -58.12
C SER G 273 -4.43 1.36 -57.33
N LEU G 274 -5.42 2.03 -56.72
CA LEU G 274 -6.32 1.35 -55.79
C LEU G 274 -7.80 1.55 -56.05
N ILE G 275 -8.23 2.69 -56.62
CA ILE G 275 -9.65 2.96 -56.72
C ILE G 275 -10.35 1.91 -57.58
N LEU G 276 -9.72 1.52 -58.69
CA LEU G 276 -10.35 0.57 -59.60
C LEU G 276 -10.66 -0.77 -58.93
N PRO G 277 -9.67 -1.53 -58.45
CA PRO G 277 -10.00 -2.83 -57.86
C PRO G 277 -10.95 -2.72 -56.68
N GLN G 278 -10.79 -1.70 -55.85
CA GLN G 278 -11.66 -1.55 -54.70
C GLN G 278 -13.10 -1.38 -55.14
N ALA G 279 -13.34 -0.47 -56.09
CA ALA G 279 -14.70 -0.24 -56.56
C ALA G 279 -15.27 -1.49 -57.20
N PHE G 280 -14.47 -2.18 -58.01
CA PHE G 280 -14.95 -3.39 -58.67
C PHE G 280 -15.38 -4.43 -57.65
N LEU G 281 -14.50 -4.74 -56.68
CA LEU G 281 -14.83 -5.75 -55.69
C LEU G 281 -16.04 -5.34 -54.85
N SER G 282 -16.06 -4.08 -54.41
CA SER G 282 -17.15 -3.63 -53.54
C SER G 282 -18.48 -3.68 -54.27
N ALA G 283 -18.52 -3.22 -55.52
CA ALA G 283 -19.75 -3.33 -56.30
C ALA G 283 -20.14 -4.79 -56.49
N MET G 284 -19.16 -5.65 -56.76
CA MET G 284 -19.47 -7.07 -56.92
C MET G 284 -20.06 -7.65 -55.64
N ARG G 285 -19.58 -7.21 -54.48
CA ARG G 285 -20.11 -7.71 -53.21
C ARG G 285 -21.56 -7.33 -52.99
N GLY G 286 -22.08 -6.35 -53.73
CA GLY G 286 -23.43 -5.88 -53.50
C GLY G 286 -23.52 -5.09 -52.22
N ASP G 287 -22.73 -4.03 -52.10
CA ASP G 287 -22.62 -3.24 -50.89
C ASP G 287 -23.02 -1.80 -51.17
N GLU G 288 -23.60 -1.16 -50.15
CA GLU G 288 -24.06 0.21 -50.29
C GLU G 288 -22.89 1.18 -50.44
N GLU G 289 -23.22 2.42 -50.79
CA GLU G 289 -22.18 3.42 -51.01
C GLU G 289 -21.36 3.64 -49.75
N GLN G 290 -22.02 3.71 -48.59
CA GLN G 290 -21.29 3.95 -47.35
C GLN G 290 -20.30 2.84 -47.06
N ASP G 291 -20.71 1.58 -47.27
CA ASP G 291 -19.80 0.46 -47.03
C ASP G 291 -18.60 0.54 -47.97
N PHE G 292 -18.84 0.83 -49.24
CA PHE G 292 -17.73 0.95 -50.19
C PHE G 292 -16.79 2.06 -49.74
N ARG G 293 -17.34 3.20 -49.31
CA ARG G 293 -16.51 4.33 -48.95
C ARG G 293 -15.66 4.01 -47.72
N GLN G 294 -16.25 3.37 -46.72
CA GLN G 294 -15.47 2.96 -45.55
C GLN G 294 -14.37 1.99 -45.95
N ALA G 295 -14.68 1.05 -46.84
CA ALA G 295 -13.67 0.11 -47.29
C ALA G 295 -12.53 0.83 -48.00
N CYS G 296 -12.87 1.78 -48.87
CA CYS G 296 -11.84 2.50 -49.62
C CYS G 296 -10.96 3.32 -48.68
N LEU G 297 -11.57 3.97 -47.70
CA LEU G 297 -10.79 4.72 -46.72
C LEU G 297 -9.86 3.78 -45.95
N ASP G 298 -10.35 2.61 -45.57
CA ASP G 298 -9.50 1.65 -44.89
C ASP G 298 -8.31 1.24 -45.76
N ASN G 299 -8.59 0.92 -47.03
CA ASN G 299 -7.52 0.47 -47.92
C ASN G 299 -6.49 1.56 -48.14
N LEU G 300 -6.93 2.81 -48.36
CA LEU G 300 -5.99 3.90 -48.51
C LEU G 300 -5.18 4.11 -47.24
N SER G 301 -5.82 3.99 -46.08
CA SER G 301 -5.09 4.14 -44.82
C SER G 301 -4.06 3.04 -44.65
N ARG G 302 -4.44 1.79 -44.96
CA ARG G 302 -3.52 0.68 -44.81
C ARG G 302 -2.31 0.81 -45.73
N ALA G 303 -2.47 1.51 -46.85
CA ALA G 303 -1.41 1.63 -47.84
C ALA G 303 -0.49 2.82 -47.62
N GLN G 304 -0.80 3.69 -46.66
CA GLN G 304 -0.04 4.92 -46.46
C GLN G 304 0.08 5.69 -47.78
N ALA G 305 -1.08 5.94 -48.40
CA ALA G 305 -1.09 6.58 -49.71
C ALA G 305 -0.59 8.03 -49.64
N LEU G 306 -0.93 8.76 -48.58
CA LEU G 306 -0.54 10.16 -48.50
C LEU G 306 0.97 10.30 -48.52
N ASP G 307 1.67 9.45 -47.76
CA ASP G 307 3.13 9.47 -47.80
C ASP G 307 3.62 9.16 -49.20
N PHE G 308 3.02 8.17 -49.86
CA PHE G 308 3.40 7.86 -51.24
C PHE G 308 3.32 9.10 -52.12
N MET G 309 2.16 9.78 -52.09
CA MET G 309 1.92 10.89 -52.99
C MET G 309 2.84 12.06 -52.69
N ILE G 310 3.04 12.37 -51.41
CA ILE G 310 3.90 13.50 -51.07
C ILE G 310 5.34 13.20 -51.46
N ASP G 311 5.83 12.00 -51.16
CA ASP G 311 7.20 11.66 -51.53
C ASP G 311 7.38 11.71 -53.04
N THR G 312 6.41 11.19 -53.79
CA THR G 312 6.53 11.20 -55.24
C THR G 312 6.53 12.62 -55.78
N LEU G 313 5.70 13.49 -55.22
CA LEU G 313 5.67 14.88 -55.67
C LEU G 313 7.00 15.56 -55.41
N LYS G 314 7.55 15.37 -54.21
CA LYS G 314 8.85 15.97 -53.90
C LYS G 314 9.92 15.42 -54.82
N ASP G 315 9.90 14.11 -55.08
CA ASP G 315 10.92 13.50 -55.93
C ASP G 315 10.84 14.05 -57.35
N VAL G 316 9.61 14.22 -57.87
CA VAL G 316 9.45 14.77 -59.21
C VAL G 316 10.00 16.19 -59.26
N ALA G 317 9.70 16.99 -58.24
CA ALA G 317 10.22 18.35 -58.22
C ALA G 317 11.74 18.35 -58.18
N GLN G 318 12.34 17.50 -57.34
CA GLN G 318 13.79 17.45 -57.24
C GLN G 318 14.42 17.03 -58.57
N ARG G 319 13.86 16.01 -59.22
CA ARG G 319 14.40 15.58 -60.50
C ARG G 319 14.27 16.67 -61.56
N SER G 320 13.12 17.36 -61.59
CA SER G 320 12.96 18.44 -62.56
C SER G 320 13.99 19.53 -62.33
N THR G 321 14.24 19.88 -61.07
CA THR G 321 15.28 20.85 -60.78
C THR G 321 16.64 20.35 -61.23
N VAL G 322 16.88 19.05 -61.06
CA VAL G 322 18.17 18.47 -61.47
C VAL G 322 18.35 18.62 -62.98
N SER G 323 17.30 18.36 -63.74
CA SER G 323 17.39 18.51 -65.19
C SER G 323 17.74 19.94 -65.60
N ALA G 324 17.41 20.93 -64.76
CA ALA G 324 17.72 22.32 -65.05
C ALA G 324 19.17 22.64 -64.68
N ALA H 18 -10.97 45.70 -57.91
CA ALA H 18 -11.13 44.22 -58.03
C ALA H 18 -12.60 43.81 -57.85
N ASN H 19 -13.43 44.77 -57.43
CA ASN H 19 -14.85 44.53 -57.22
C ASN H 19 -15.07 43.52 -56.10
N LEU H 20 -14.60 43.89 -54.91
CA LEU H 20 -14.76 43.08 -53.70
C LEU H 20 -15.81 43.73 -52.81
N TYR H 21 -16.92 43.03 -52.60
CA TYR H 21 -17.96 43.46 -51.67
C TYR H 21 -17.82 42.66 -50.38
N TYR H 22 -18.61 43.03 -49.37
CA TYR H 22 -18.50 42.39 -48.07
C TYR H 22 -19.85 42.40 -47.38
N LEU H 23 -20.32 41.22 -46.99
CA LEU H 23 -21.60 41.03 -46.33
C LEU H 23 -21.38 40.79 -44.84
N GLN H 24 -22.46 40.88 -44.07
CA GLN H 24 -22.36 40.69 -42.64
C GLN H 24 -23.75 40.55 -42.06
N HIS H 25 -23.85 39.69 -41.04
CA HIS H 25 -25.14 39.39 -40.41
C HIS H 25 -26.17 39.02 -41.47
N CYS H 26 -25.86 38.00 -42.26
CA CYS H 26 -26.69 37.66 -43.41
C CYS H 26 -26.66 36.17 -43.66
N ARG H 27 -27.72 35.69 -44.31
CA ARG H 27 -27.79 34.33 -44.82
C ARG H 27 -27.75 34.39 -46.34
N VAL H 28 -27.00 33.47 -46.94
CA VAL H 28 -26.88 33.37 -48.38
C VAL H 28 -27.53 32.05 -48.79
N LEU H 29 -28.73 32.13 -49.35
CA LEU H 29 -29.48 30.96 -49.78
C LEU H 29 -30.02 31.21 -51.18
N VAL H 30 -30.20 30.12 -51.93
CA VAL H 30 -30.73 30.19 -53.28
C VAL H 30 -32.22 29.92 -53.24
N ASN H 31 -32.99 30.81 -53.85
CA ASN H 31 -34.44 30.65 -53.97
C ASN H 31 -34.83 30.95 -55.41
N GLY H 32 -35.63 30.07 -56.00
CA GLY H 32 -35.99 30.22 -57.39
C GLY H 32 -34.83 30.09 -58.34
N GLY H 33 -33.72 29.50 -57.88
CA GLY H 33 -32.54 29.33 -58.70
C GLY H 33 -31.57 30.49 -58.65
N ARG H 34 -31.92 31.60 -58.02
CA ARG H 34 -31.07 32.78 -57.94
C ARG H 34 -30.77 33.07 -56.48
N VAL H 35 -29.52 33.43 -56.19
CA VAL H 35 -29.12 33.72 -54.82
C VAL H 35 -29.84 34.98 -54.37
N GLU H 36 -30.44 34.92 -53.18
CA GLU H 36 -31.16 36.05 -52.59
C GLU H 36 -30.74 36.17 -51.13
N TYR H 37 -29.78 37.05 -50.87
CA TYR H 37 -29.22 37.15 -49.52
C TYR H 37 -30.26 37.69 -48.54
N VAL H 38 -30.27 37.11 -47.34
CA VAL H 38 -31.25 37.42 -46.31
C VAL H 38 -30.53 37.98 -45.09
N THR H 39 -31.01 39.12 -44.60
CA THR H 39 -30.40 39.75 -43.43
C THR H 39 -31.44 40.64 -42.77
N ASP H 40 -31.03 41.27 -41.67
CA ASP H 40 -31.89 42.20 -40.94
C ASP H 40 -32.33 43.36 -41.82
N ASN H 49 -26.09 45.96 -53.36
CA ASN H 49 -26.19 44.74 -54.14
C ASN H 49 -25.10 44.67 -55.19
N ILE H 50 -23.99 44.04 -54.86
CA ILE H 50 -22.90 43.89 -55.83
C ILE H 50 -23.33 42.89 -56.90
N PRO H 51 -23.31 43.26 -58.18
CA PRO H 51 -23.77 42.33 -59.22
C PRO H 51 -22.86 41.11 -59.32
N ILE H 52 -23.48 39.97 -59.62
CA ILE H 52 -22.77 38.69 -59.71
C ILE H 52 -22.23 38.56 -61.13
N ALA H 53 -20.92 38.76 -61.28
CA ALA H 53 -20.28 38.71 -62.58
C ALA H 53 -18.82 38.37 -62.39
N ASN H 54 -18.08 38.31 -63.51
CA ASN H 54 -16.67 37.93 -63.45
C ASN H 54 -15.87 38.92 -62.63
N THR H 55 -16.15 40.22 -62.79
CA THR H 55 -15.38 41.23 -62.07
C THR H 55 -15.59 41.14 -60.56
N THR H 56 -16.81 40.84 -60.13
CA THR H 56 -17.15 40.92 -58.71
C THR H 56 -16.51 39.80 -57.92
N SER H 57 -16.41 40.02 -56.61
CA SER H 57 -15.95 39.01 -55.67
C SER H 57 -16.61 39.26 -54.33
N LEU H 58 -16.71 38.21 -53.51
CA LEU H 58 -17.44 38.27 -52.26
C LEU H 58 -16.50 38.07 -51.08
N LEU H 59 -17.00 38.41 -49.89
CA LEU H 59 -16.23 38.30 -48.65
C LEU H 59 -17.23 38.26 -47.52
N LEU H 60 -17.34 37.12 -46.84
CA LEU H 60 -18.33 36.94 -45.79
C LEU H 60 -17.75 37.34 -44.44
N GLY H 61 -18.49 38.16 -43.71
CA GLY H 61 -18.04 38.74 -42.46
C GLY H 61 -18.49 37.92 -41.27
N THR H 62 -18.91 38.61 -40.22
CA THR H 62 -19.29 37.96 -38.97
C THR H 62 -20.78 37.63 -38.99
N GLY H 63 -21.13 36.49 -38.39
CA GLY H 63 -22.50 36.06 -38.34
C GLY H 63 -23.08 35.83 -39.72
N THR H 64 -22.54 34.86 -40.45
CA THR H 64 -22.96 34.59 -41.82
C THR H 64 -23.01 33.09 -42.04
N SER H 65 -23.83 32.66 -43.00
CA SER H 65 -23.91 31.27 -43.38
C SER H 65 -24.28 31.17 -44.85
N ILE H 66 -23.70 30.18 -45.52
CA ILE H 66 -23.89 29.97 -46.95
C ILE H 66 -24.05 28.48 -47.19
N THR H 67 -25.02 28.10 -48.00
CA THR H 67 -25.28 26.70 -48.25
C THR H 67 -24.51 26.22 -49.48
N GLN H 68 -24.56 24.91 -49.70
CA GLN H 68 -23.83 24.32 -50.82
C GLN H 68 -24.42 24.75 -52.15
N ALA H 69 -25.75 24.86 -52.23
CA ALA H 69 -26.38 25.22 -53.49
C ALA H 69 -25.95 26.60 -53.95
N ALA H 70 -25.95 27.57 -53.05
CA ALA H 70 -25.56 28.92 -53.41
C ALA H 70 -24.11 28.97 -53.85
N MET H 71 -23.24 28.26 -53.13
CA MET H 71 -21.83 28.24 -53.49
C MET H 71 -21.65 27.67 -54.89
N ARG H 72 -22.34 26.57 -55.19
CA ARG H 72 -22.23 25.99 -56.52
C ARG H 72 -22.74 26.96 -57.58
N GLU H 73 -23.85 27.64 -57.32
CA GLU H 73 -24.39 28.56 -58.31
C GLU H 73 -23.40 29.69 -58.58
N LEU H 74 -22.81 30.26 -57.52
CA LEU H 74 -21.84 31.32 -57.73
C LEU H 74 -20.65 30.81 -58.51
N ALA H 75 -20.18 29.61 -58.19
CA ALA H 75 -19.07 29.05 -58.97
C ALA H 75 -19.44 28.94 -60.45
N ARG H 76 -20.66 28.50 -60.73
CA ARG H 76 -21.12 28.44 -62.12
C ARG H 76 -21.06 29.82 -62.76
N ALA H 77 -21.58 30.83 -62.07
CA ALA H 77 -21.45 32.20 -62.56
C ALA H 77 -20.00 32.67 -62.49
N GLY H 78 -19.25 32.22 -61.49
CA GLY H 78 -17.85 32.54 -61.37
C GLY H 78 -17.60 33.65 -60.37
N VAL H 79 -17.21 33.29 -59.16
CA VAL H 79 -16.95 34.27 -58.11
C VAL H 79 -15.90 33.69 -57.17
N LEU H 80 -15.05 34.56 -56.63
CA LEU H 80 -14.10 34.20 -55.60
C LEU H 80 -14.70 34.53 -54.24
N VAL H 81 -14.63 33.57 -53.31
CA VAL H 81 -15.26 33.70 -52.01
C VAL H 81 -14.23 33.42 -50.92
N GLY H 82 -14.51 33.94 -49.74
CA GLY H 82 -13.62 33.74 -48.61
C GLY H 82 -14.24 34.21 -47.32
N PHE H 83 -14.05 33.45 -46.25
CA PHE H 83 -14.60 33.79 -44.95
C PHE H 83 -13.59 34.65 -44.20
N CYS H 84 -13.93 35.91 -43.98
CA CYS H 84 -13.02 36.90 -43.44
C CYS H 84 -13.37 37.21 -41.99
N GLY H 85 -12.44 37.89 -41.31
CA GLY H 85 -12.64 38.28 -39.94
C GLY H 85 -13.43 39.55 -39.81
N GLY H 86 -13.73 39.90 -38.55
CA GLY H 86 -14.59 41.02 -38.23
C GLY H 86 -14.26 42.30 -38.98
N GLY H 87 -15.13 42.68 -39.90
CA GLY H 87 -14.94 43.88 -40.69
C GLY H 87 -14.16 43.68 -41.98
N GLY H 88 -13.54 42.52 -42.17
CA GLY H 88 -12.76 42.25 -43.37
C GLY H 88 -11.35 41.78 -43.10
N THR H 89 -10.88 41.82 -41.86
CA THR H 89 -9.57 41.29 -41.51
C THR H 89 -9.69 40.54 -40.20
N PRO H 90 -8.92 39.46 -40.01
CA PRO H 90 -7.98 38.80 -40.94
C PRO H 90 -8.70 37.90 -41.92
N LEU H 91 -8.00 37.22 -42.82
CA LEU H 91 -8.61 36.28 -43.74
C LEU H 91 -8.37 34.86 -43.24
N PHE H 92 -9.40 34.02 -43.32
CA PHE H 92 -9.33 32.65 -42.82
C PHE H 92 -9.17 31.64 -43.96
N SER H 93 -10.15 31.59 -44.86
CA SER H 93 -10.14 30.62 -45.96
C SER H 93 -10.54 31.33 -47.24
N ALA H 94 -10.11 30.78 -48.37
CA ALA H 94 -10.35 31.42 -49.64
C ALA H 94 -10.24 30.38 -50.76
N ASN H 95 -10.75 30.75 -51.92
CA ASN H 95 -10.63 29.91 -53.10
C ASN H 95 -9.28 30.16 -53.77
N GLU H 96 -9.05 29.48 -54.89
CA GLU H 96 -7.79 29.53 -55.61
C GLU H 96 -8.02 30.06 -57.02
N VAL H 97 -7.19 31.00 -57.44
CA VAL H 97 -7.32 31.61 -58.76
C VAL H 97 -6.55 30.81 -59.80
N THR H 113 -5.82 36.86 -64.15
CA THR H 113 -4.69 37.66 -63.67
C THR H 113 -3.38 37.03 -64.08
N GLU H 114 -2.74 37.62 -65.09
CA GLU H 114 -1.46 37.13 -65.59
C GLU H 114 -0.29 37.68 -64.79
N TYR H 115 -0.55 38.48 -63.75
CA TYR H 115 0.55 39.09 -62.99
C TYR H 115 1.44 38.06 -62.35
N LEU H 116 0.95 36.82 -62.19
CA LEU H 116 1.78 35.77 -61.61
C LEU H 116 2.99 35.49 -62.49
N GLN H 117 2.79 35.39 -63.80
CA GLN H 117 3.91 35.11 -64.70
C GLN H 117 4.92 36.25 -64.69
N ARG H 118 4.43 37.49 -64.73
CA ARG H 118 5.34 38.64 -64.76
C ARG H 118 6.17 38.71 -63.49
N TRP H 119 5.54 38.46 -62.34
CA TRP H 119 6.29 38.47 -61.09
C TRP H 119 7.37 37.40 -61.10
N VAL H 120 7.04 36.20 -61.60
CA VAL H 120 8.04 35.13 -61.68
C VAL H 120 9.19 35.56 -62.57
N GLY H 121 8.89 36.15 -63.72
CA GLY H 121 9.93 36.63 -64.60
C GLY H 121 10.76 37.74 -63.97
N PHE H 122 10.19 38.48 -63.02
CA PHE H 122 10.91 39.56 -62.37
C PHE H 122 12.16 39.04 -61.68
N TRP H 123 12.15 37.80 -61.21
CA TRP H 123 13.30 37.22 -60.55
C TRP H 123 13.74 35.95 -61.27
N GLU H 126 17.87 40.44 -61.48
CA GLU H 126 17.82 39.80 -60.17
C GLU H 126 18.33 40.74 -59.09
N GLU H 127 18.24 42.04 -59.34
CA GLU H 127 18.66 43.08 -58.39
C GLU H 127 17.62 44.19 -58.41
N LYS H 128 16.64 44.10 -57.51
CA LYS H 128 15.60 45.12 -57.38
C LYS H 128 15.29 45.40 -55.92
N ARG H 129 16.30 45.34 -55.05
CA ARG H 129 16.08 45.42 -53.61
C ARG H 129 15.17 46.58 -53.26
N LEU H 130 15.66 47.80 -53.39
CA LEU H 130 14.83 49.00 -53.20
C LEU H 130 14.21 49.43 -54.51
N VAL H 131 13.53 48.50 -55.18
CA VAL H 131 12.78 48.83 -56.37
C VAL H 131 11.59 49.71 -56.01
N ALA H 132 10.92 49.40 -54.90
CA ALA H 132 9.83 50.23 -54.42
C ALA H 132 9.86 50.43 -52.90
N ALA H 133 10.78 49.78 -52.18
CA ALA H 133 10.83 49.95 -50.74
C ALA H 133 11.09 51.40 -50.36
N ARG H 134 12.02 52.04 -51.05
CA ARG H 134 12.24 53.46 -50.84
C ARG H 134 10.99 54.25 -51.20
N HIS H 135 10.35 53.88 -52.31
CA HIS H 135 9.09 54.53 -52.67
C HIS H 135 8.03 54.30 -51.61
N PHE H 136 8.02 53.11 -51.00
CA PHE H 136 7.07 52.85 -49.93
C PHE H 136 7.32 53.75 -48.73
N GLN H 137 8.59 53.93 -48.35
CA GLN H 137 8.90 54.83 -47.24
C GLN H 137 8.51 56.26 -47.57
N ARG H 138 8.76 56.68 -48.81
CA ARG H 138 8.37 58.02 -49.22
C ARG H 138 6.86 58.20 -49.14
N ALA H 139 6.11 57.19 -49.59
CA ALA H 139 4.66 57.26 -49.50
C ALA H 139 4.20 57.34 -48.05
N ARG H 140 4.84 56.58 -47.17
CA ARG H 140 4.47 56.63 -45.76
C ARG H 140 4.71 58.02 -45.19
N LEU H 141 5.87 58.62 -45.52
CA LEU H 141 6.15 59.97 -45.03
C LEU H 141 5.13 60.97 -45.59
N GLU H 142 4.78 60.83 -46.87
CA GLU H 142 3.82 61.74 -47.48
C GLU H 142 2.46 61.61 -46.80
N ARG H 143 2.02 60.39 -46.53
CA ARG H 143 0.76 60.19 -45.84
C ARG H 143 0.79 60.79 -44.45
N ILE H 144 1.90 60.60 -43.72
CA ILE H 144 2.01 61.17 -42.38
C ILE H 144 1.91 62.69 -42.46
N ARG H 145 2.57 63.29 -43.44
CA ARG H 145 2.48 64.74 -43.62
C ARG H 145 1.05 65.16 -43.92
N HIS H 146 0.36 64.40 -44.77
CA HIS H 146 -1.05 64.68 -45.06
C HIS H 146 -1.94 64.43 -43.86
N SER H 147 -1.47 63.66 -42.88
CA SER H 147 -2.24 63.42 -41.67
C SER H 147 -1.35 63.54 -40.44
N ALA H 165 10.66 70.41 -35.84
CA ALA H 165 11.50 69.31 -35.42
C ALA H 165 11.15 68.04 -36.18
N LEU H 166 9.84 67.81 -36.38
CA LEU H 166 9.40 66.61 -37.08
C LEU H 166 9.94 66.57 -38.51
N ALA H 167 9.88 67.72 -39.21
CA ALA H 167 10.45 67.77 -40.55
C ALA H 167 11.94 67.49 -40.53
N VAL H 168 12.64 67.97 -39.49
CA VAL H 168 14.06 67.71 -39.36
C VAL H 168 14.32 66.22 -39.21
N ALA H 169 13.53 65.55 -38.36
CA ALA H 169 13.69 64.11 -38.19
C ALA H 169 13.42 63.37 -39.50
N VAL H 170 12.38 63.78 -40.23
CA VAL H 170 12.10 63.16 -41.52
C VAL H 170 13.29 63.34 -42.45
N GLU H 171 13.87 64.54 -42.46
CA GLU H 171 15.05 64.78 -43.29
C GLU H 171 16.20 63.87 -42.91
N ASP H 172 16.44 63.72 -41.59
CA ASP H 172 17.48 62.81 -41.14
C ASP H 172 17.18 61.37 -41.55
N SER H 173 15.91 60.96 -41.41
CA SER H 173 15.52 59.64 -41.86
C SER H 173 15.46 59.55 -43.38
N ALA H 174 15.04 60.63 -44.04
CA ALA H 174 14.99 60.64 -45.49
C ALA H 174 16.37 60.49 -46.11
N ARG H 175 17.43 60.73 -45.34
CA ARG H 175 18.78 60.59 -45.88
C ARG H 175 19.02 59.17 -46.37
N ALA H 176 18.59 58.17 -45.60
CA ALA H 176 18.69 56.80 -46.07
C ALA H 176 17.87 56.59 -47.32
N LEU H 177 16.78 57.35 -47.48
CA LEU H 177 15.96 57.23 -48.69
C LEU H 177 16.77 57.55 -49.93
N GLU H 178 17.62 58.57 -49.85
CA GLU H 178 18.48 58.90 -50.99
C GLU H 178 19.42 57.75 -51.32
N GLN H 179 20.00 57.12 -50.32
CA GLN H 179 20.96 56.06 -50.53
C GLN H 179 20.25 54.72 -50.71
N ALA H 180 20.64 53.98 -51.74
CA ALA H 180 20.12 52.64 -51.97
C ALA H 180 21.22 51.66 -52.36
N PRO H 181 22.37 51.66 -51.66
CA PRO H 181 23.44 50.72 -52.02
C PRO H 181 23.12 49.28 -51.64
N ASN H 182 22.58 49.10 -50.43
CA ASN H 182 22.19 47.78 -49.96
C ASN H 182 21.08 47.93 -48.93
N HIS H 183 20.17 46.97 -48.89
CA HIS H 183 19.02 47.05 -47.98
C HIS H 183 19.41 46.78 -46.54
N GLU H 184 20.47 46.03 -46.30
CA GLU H 184 20.86 45.71 -44.93
C GLU H 184 21.18 46.99 -44.15
N HIS H 185 21.94 47.90 -44.76
CA HIS H 185 22.27 49.15 -44.07
C HIS H 185 21.02 49.97 -43.79
N LEU H 186 20.10 50.05 -44.76
CA LEU H 186 18.89 50.82 -44.56
C LEU H 186 18.07 50.25 -43.41
N LEU H 187 17.93 48.93 -43.36
CA LEU H 187 17.24 48.31 -42.24
C LEU H 187 17.95 48.59 -40.93
N THR H 188 19.29 48.56 -40.93
CA THR H 188 20.05 48.84 -39.72
C THR H 188 19.77 50.25 -39.22
N GLU H 189 19.74 51.23 -40.13
CA GLU H 189 19.38 52.59 -39.75
C GLU H 189 17.88 52.70 -39.45
N GLU H 190 17.05 51.97 -40.20
CA GLU H 190 15.61 52.05 -39.99
C GLU H 190 15.22 51.57 -38.59
N ALA H 191 16.08 50.79 -37.95
CA ALA H 191 15.77 50.28 -36.61
C ALA H 191 15.56 51.42 -35.62
N ARG H 192 16.42 52.44 -35.69
CA ARG H 192 16.29 53.59 -34.80
C ARG H 192 15.14 54.51 -35.18
N LEU H 193 14.46 54.25 -36.30
CA LEU H 193 13.42 55.16 -36.77
C LEU H 193 12.09 54.77 -36.15
N SER H 194 12.14 54.53 -34.83
CA SER H 194 10.94 54.26 -34.05
C SER H 194 10.98 55.01 -32.73
N LYS H 195 12.17 55.34 -32.26
CA LYS H 195 12.32 55.99 -30.97
C LYS H 195 11.90 57.46 -31.04
N ARG H 196 12.31 58.16 -32.10
CA ARG H 196 12.01 59.58 -32.20
C ARG H 196 10.51 59.83 -32.30
N LEU H 197 9.80 59.00 -33.08
CA LEU H 197 8.36 59.15 -33.19
C LEU H 197 7.67 58.90 -31.85
N PHE H 198 8.14 57.89 -31.10
CA PHE H 198 7.59 57.63 -29.79
C PHE H 198 7.83 58.81 -28.85
N LYS H 199 9.03 59.38 -28.89
CA LYS H 199 9.33 60.53 -28.03
C LYS H 199 8.43 61.71 -28.39
N LEU H 200 8.23 61.94 -29.69
CA LEU H 200 7.35 63.02 -30.11
C LEU H 200 5.93 62.79 -29.63
N ALA H 201 5.43 61.56 -29.77
CA ALA H 201 4.05 61.27 -29.37
C ALA H 201 3.89 61.39 -27.86
N ALA H 202 4.92 61.02 -27.09
CA ALA H 202 4.84 61.15 -25.64
C ALA H 202 4.62 62.60 -25.25
N GLN H 203 5.36 63.52 -25.87
CA GLN H 203 5.15 64.94 -25.63
C GLN H 203 3.78 65.39 -26.11
N ALA H 222 -0.53 50.41 -23.51
CA ALA H 222 -0.28 50.00 -24.88
C ALA H 222 1.19 49.63 -25.09
N ASN H 223 1.73 48.87 -24.14
CA ASN H 223 3.13 48.47 -24.24
C ASN H 223 3.35 47.53 -25.41
N ARG H 224 2.55 46.47 -25.50
CA ARG H 224 2.59 45.54 -26.60
C ARG H 224 1.33 45.58 -27.45
N PHE H 225 0.51 46.63 -27.31
CA PHE H 225 -0.68 46.75 -28.14
C PHE H 225 -0.31 46.79 -29.61
N LEU H 226 0.90 47.27 -29.93
CA LEU H 226 1.28 47.39 -31.33
C LEU H 226 1.21 46.05 -32.05
N ASP H 227 1.37 44.95 -31.32
CA ASP H 227 1.30 43.63 -31.95
C ASP H 227 -0.10 43.38 -32.53
N HIS H 228 -1.15 43.77 -31.81
CA HIS H 228 -2.50 43.45 -32.24
C HIS H 228 -2.82 44.09 -33.58
N GLY H 229 -2.43 45.35 -33.76
CA GLY H 229 -2.70 46.02 -35.03
C GLY H 229 -1.90 45.42 -36.18
N ASN H 230 -0.69 44.96 -35.89
CA ASN H 230 0.13 44.37 -36.94
C ASN H 230 -0.55 43.16 -37.55
N TYR H 231 -1.26 42.38 -36.74
CA TYR H 231 -1.97 41.22 -37.26
C TYR H 231 -3.04 41.67 -38.25
N LEU H 232 -3.80 42.71 -37.93
CA LEU H 232 -4.82 43.20 -38.85
C LEU H 232 -4.17 43.70 -40.14
N ALA H 233 -3.05 44.40 -40.02
CA ALA H 233 -2.36 44.87 -41.22
C ALA H 233 -1.90 43.71 -42.08
N TYR H 234 -1.33 42.68 -41.46
CA TYR H 234 -0.89 41.51 -42.21
C TYR H 234 -2.06 40.81 -42.87
N GLY H 235 -3.22 40.78 -42.21
CA GLY H 235 -4.39 40.20 -42.82
C GLY H 235 -4.87 40.98 -44.02
N LEU H 236 -4.85 42.30 -43.92
CA LEU H 236 -5.20 43.13 -45.09
C LEU H 236 -4.25 42.86 -46.24
N ALA H 237 -2.95 42.77 -45.92
CA ALA H 237 -1.97 42.46 -46.96
C ALA H 237 -2.22 41.08 -47.55
N ALA H 238 -2.63 40.12 -46.72
CA ALA H 238 -2.90 38.77 -47.21
C ALA H 238 -4.07 38.77 -48.17
N THR H 239 -5.12 39.53 -47.85
CA THR H 239 -6.23 39.66 -48.80
C THR H 239 -5.76 40.30 -50.09
N ALA H 240 -4.89 41.31 -49.98
CA ALA H 240 -4.34 41.94 -51.18
C ALA H 240 -3.59 40.93 -52.03
N THR H 241 -2.74 40.12 -51.41
CA THR H 241 -2.00 39.11 -52.14
C THR H 241 -2.93 38.09 -52.78
N TRP H 242 -3.95 37.65 -52.04
CA TRP H 242 -4.90 36.70 -52.60
C TRP H 242 -5.55 37.25 -53.86
N VAL H 243 -6.03 38.49 -53.79
CA VAL H 243 -6.68 39.07 -54.96
C VAL H 243 -5.67 39.23 -56.10
N LEU H 244 -4.42 39.54 -55.77
CA LEU H 244 -3.39 39.64 -56.80
C LEU H 244 -3.00 38.27 -57.35
N GLY H 245 -3.04 37.22 -56.54
CA GLY H 245 -2.68 35.90 -56.99
C GLY H 245 -1.22 35.56 -56.85
N ILE H 246 -0.46 36.29 -56.04
CA ILE H 246 0.96 36.00 -55.84
C ILE H 246 1.11 35.13 -54.59
N PRO H 247 1.71 33.94 -54.69
CA PRO H 247 1.89 33.12 -53.49
C PRO H 247 2.74 33.83 -52.46
N HIS H 248 2.47 33.53 -51.19
CA HIS H 248 3.15 34.19 -50.09
C HIS H 248 4.65 33.93 -50.14
N ARG H 259 9.12 32.22 -43.08
CA ARG H 259 8.20 31.81 -44.12
C ARG H 259 7.10 32.84 -44.30
N GLY H 260 6.65 33.02 -45.54
CA GLY H 260 5.63 34.02 -45.81
C GLY H 260 6.08 35.44 -45.58
N GLY H 261 7.31 35.77 -45.98
CA GLY H 261 7.80 37.13 -45.81
C GLY H 261 7.20 38.11 -46.79
N LEU H 262 6.65 37.64 -47.91
CA LEU H 262 6.07 38.55 -48.88
C LEU H 262 4.96 39.37 -48.25
N VAL H 263 4.13 38.73 -47.41
CA VAL H 263 3.09 39.47 -46.71
C VAL H 263 3.71 40.51 -45.79
N PHE H 264 4.76 40.13 -45.06
CA PHE H 264 5.41 41.09 -44.16
C PHE H 264 5.85 42.33 -44.92
N ASP H 265 6.58 42.14 -46.01
CA ASP H 265 7.10 43.27 -46.77
C ASP H 265 5.97 44.10 -47.38
N VAL H 266 4.96 43.42 -47.94
CA VAL H 266 3.84 44.15 -48.55
C VAL H 266 3.07 44.93 -47.49
N ALA H 267 2.90 44.34 -46.31
CA ALA H 267 2.22 45.03 -45.22
C ALA H 267 3.07 46.11 -44.58
N ASP H 268 4.40 46.04 -44.75
CA ASP H 268 5.27 47.03 -44.10
C ASP H 268 4.91 48.44 -44.52
N LEU H 269 4.37 48.62 -45.73
CA LEU H 269 4.02 49.95 -46.19
C LEU H 269 2.98 50.60 -45.27
N ILE H 270 2.00 49.82 -44.83
CA ILE H 270 0.96 50.32 -43.94
C ILE H 270 1.27 50.04 -42.47
N LYS H 271 2.36 49.34 -42.18
CA LYS H 271 2.63 48.94 -40.80
C LYS H 271 2.76 50.15 -39.89
N ASP H 272 3.47 51.18 -40.35
CA ASP H 272 3.65 52.41 -39.58
C ASP H 272 2.90 53.59 -40.18
N SER H 273 2.26 53.42 -41.33
CA SER H 273 1.54 54.53 -41.95
C SER H 273 0.44 55.04 -41.02
N LEU H 274 -0.33 54.13 -40.42
CA LEU H 274 -1.38 54.51 -39.48
C LEU H 274 -1.38 53.69 -38.20
N ILE H 275 -0.74 52.52 -38.17
CA ILE H 275 -0.82 51.66 -36.99
C ILE H 275 -0.14 52.32 -35.79
N LEU H 276 1.10 52.79 -35.98
CA LEU H 276 1.84 53.35 -34.86
C LEU H 276 1.15 54.57 -34.25
N PRO H 277 0.73 55.56 -35.03
CA PRO H 277 0.04 56.71 -34.42
C PRO H 277 -1.21 56.30 -33.66
N GLN H 278 -2.06 55.48 -34.26
CA GLN H 278 -3.30 55.11 -33.61
C GLN H 278 -3.05 54.34 -32.32
N ALA H 279 -2.08 53.42 -32.34
CA ALA H 279 -1.78 52.63 -31.15
C ALA H 279 -1.22 53.51 -30.05
N PHE H 280 -0.23 54.34 -30.37
CA PHE H 280 0.37 55.18 -29.34
C PHE H 280 -0.64 56.17 -28.78
N LEU H 281 -1.48 56.75 -29.65
CA LEU H 281 -2.43 57.76 -29.20
C LEU H 281 -3.41 57.18 -28.19
N SER H 282 -3.89 55.95 -28.43
CA SER H 282 -4.91 55.37 -27.57
C SER H 282 -4.44 55.20 -26.13
N ALA H 283 -3.13 55.25 -25.88
CA ALA H 283 -2.63 55.02 -24.53
C ALA H 283 -3.17 56.05 -23.56
N MET H 284 -3.20 57.32 -23.96
CA MET H 284 -3.70 58.38 -23.10
C MET H 284 -5.22 58.40 -23.10
N GLU H 288 -10.50 50.60 -24.75
CA GLU H 288 -10.71 49.16 -24.83
C GLU H 288 -10.13 48.63 -26.13
N GLU H 289 -9.86 47.32 -26.16
CA GLU H 289 -9.28 46.71 -27.35
C GLU H 289 -10.21 46.84 -28.55
N GLN H 290 -11.51 46.63 -28.33
CA GLN H 290 -12.48 46.73 -29.42
C GLN H 290 -12.51 48.15 -29.98
N ASP H 291 -12.46 49.15 -29.10
CA ASP H 291 -12.42 50.53 -29.56
C ASP H 291 -11.17 50.78 -30.40
N PHE H 292 -10.02 50.27 -29.94
CA PHE H 292 -8.79 50.46 -30.69
C PHE H 292 -8.88 49.81 -32.06
N ARG H 293 -9.43 48.59 -32.13
CA ARG H 293 -9.55 47.90 -33.40
C ARG H 293 -10.48 48.64 -34.33
N GLN H 294 -11.61 49.13 -33.82
CA GLN H 294 -12.55 49.87 -34.65
C GLN H 294 -11.90 51.13 -35.19
N ALA H 295 -11.17 51.85 -34.34
CA ALA H 295 -10.51 53.07 -34.78
C ALA H 295 -9.46 52.76 -35.83
N CYS H 296 -8.66 51.72 -35.63
CA CYS H 296 -7.64 51.36 -36.61
C CYS H 296 -8.26 50.97 -37.94
N LEU H 297 -9.35 50.19 -37.91
CA LEU H 297 -10.01 49.80 -39.15
C LEU H 297 -10.57 51.01 -39.87
N ASP H 298 -11.19 51.93 -39.13
CA ASP H 298 -11.71 53.14 -39.76
C ASP H 298 -10.58 53.97 -40.36
N ASN H 299 -9.45 54.06 -39.66
CA ASN H 299 -8.31 54.80 -40.18
C ASN H 299 -7.81 54.19 -41.48
N LEU H 300 -7.71 52.87 -41.52
CA LEU H 300 -7.29 52.20 -42.76
C LEU H 300 -8.28 52.46 -43.88
N SER H 301 -9.58 52.38 -43.58
CA SER H 301 -10.59 52.58 -44.61
C SER H 301 -10.54 53.99 -45.16
N ARG H 302 -10.41 54.99 -44.30
CA ARG H 302 -10.40 56.38 -44.76
C ARG H 302 -9.24 56.62 -45.73
N ALA H 303 -8.07 56.11 -45.39
CA ALA H 303 -6.89 56.28 -46.24
C ALA H 303 -6.89 55.34 -47.44
N GLN H 304 -7.84 54.40 -47.52
CA GLN H 304 -7.84 53.40 -48.57
C GLN H 304 -6.58 52.54 -48.50
N ALA H 305 -6.33 51.97 -47.32
CA ALA H 305 -5.10 51.23 -47.08
C ALA H 305 -4.99 50.03 -48.01
N LEU H 306 -6.02 49.20 -48.06
CA LEU H 306 -5.96 48.00 -48.89
C LEU H 306 -5.90 48.36 -50.37
N ASP H 307 -6.74 49.31 -50.80
CA ASP H 307 -6.73 49.74 -52.19
C ASP H 307 -5.38 50.38 -52.53
N PHE H 308 -4.85 51.19 -51.63
CA PHE H 308 -3.55 51.81 -51.87
C PHE H 308 -2.46 50.75 -52.02
N MET H 309 -2.46 49.75 -51.15
CA MET H 309 -1.46 48.70 -51.23
C MET H 309 -1.60 47.91 -52.53
N ILE H 310 -2.83 47.58 -52.93
CA ILE H 310 -3.03 46.84 -54.16
C ILE H 310 -2.56 47.67 -55.36
N ASP H 311 -2.89 48.96 -55.37
CA ASP H 311 -2.46 49.82 -56.47
C ASP H 311 -0.94 49.92 -56.52
N THR H 312 -0.30 50.05 -55.36
CA THR H 312 1.16 50.13 -55.32
C THR H 312 1.78 48.84 -55.83
N LEU H 313 1.23 47.70 -55.43
CA LEU H 313 1.76 46.42 -55.91
C LEU H 313 1.61 46.30 -57.42
N LYS H 314 0.45 46.66 -57.95
CA LYS H 314 0.26 46.60 -59.39
C LYS H 314 1.21 47.54 -60.12
N ASP H 315 1.38 48.75 -59.59
CA ASP H 315 2.27 49.71 -60.22
C ASP H 315 3.71 49.23 -60.21
N VAL H 316 4.15 48.66 -59.09
CA VAL H 316 5.51 48.11 -59.01
C VAL H 316 5.68 46.99 -60.02
N ALA H 317 4.69 46.08 -60.07
CA ALA H 317 4.78 44.97 -61.00
C ALA H 317 4.88 45.45 -62.44
N GLN H 318 4.09 46.45 -62.81
CA GLN H 318 4.13 46.96 -64.17
C GLN H 318 5.45 47.67 -64.45
N ARG H 319 5.85 48.58 -63.55
CA ARG H 319 7.00 49.44 -63.82
C ARG H 319 8.30 48.64 -63.83
N SER H 320 8.53 47.82 -62.79
CA SER H 320 9.76 47.04 -62.75
C SER H 320 9.82 46.05 -63.90
N THR H 321 8.68 45.41 -64.21
CA THR H 321 8.65 44.45 -65.30
C THR H 321 8.98 45.12 -66.63
N VAL H 322 8.39 46.28 -66.90
CA VAL H 322 8.67 46.99 -68.14
C VAL H 322 10.12 47.44 -68.18
N SER H 323 10.61 48.00 -67.07
CA SER H 323 11.99 48.44 -66.97
C SER H 323 12.97 47.28 -66.97
N ALA H 324 12.50 46.06 -66.72
CA ALA H 324 13.37 44.88 -66.76
C ALA H 324 13.56 44.42 -68.20
#